data_2K3P
#
_entry.id   2K3P
#
_entity_poly.entity_id   1
_entity_poly.type   'polypeptide(L)'
_entity_poly.pdbx_seq_one_letter_code
;SGNYLGVSQNFGRIAPVTGGTAGISVGVPGYLRTPSSTILAPSNAQIISLGLQTTLAPVLSSSGLSSASASARVSSLAQS
LASALSTSRGTLSLSTFLNLLSSISSEIRASTSLDGTQATVEVLLEALAALLQVINGAQITDVNVSSVPSVNAALVSALV
A
;
_entity_poly.pdbx_strand_id   A
#
# COMPACT_ATOMS: atom_id res chain seq x y z
N SER A 1 31.54 -4.94 26.69
CA SER A 1 31.79 -4.44 28.07
C SER A 1 30.62 -3.56 28.55
N GLY A 2 30.79 -2.80 29.64
CA GLY A 2 29.73 -2.01 30.28
C GLY A 2 30.17 -0.59 30.63
N ASN A 3 29.56 0.40 29.96
CA ASN A 3 29.76 1.83 30.22
C ASN A 3 28.76 2.42 31.24
N TYR A 4 27.89 1.61 31.84
CA TYR A 4 27.01 2.01 32.96
C TYR A 4 27.84 2.61 34.12
N LEU A 5 27.66 3.91 34.39
CA LEU A 5 28.49 4.72 35.30
C LEU A 5 30.02 4.52 35.10
N GLY A 6 30.46 4.08 33.91
CA GLY A 6 31.81 3.57 33.59
C GLY A 6 32.47 2.66 34.63
N VAL A 7 31.70 1.99 35.51
CA VAL A 7 32.15 1.27 36.72
C VAL A 7 32.94 2.15 37.73
N SER A 8 33.03 3.47 37.50
CA SER A 8 33.75 4.44 38.35
C SER A 8 33.30 5.88 38.04
N GLN A 9 33.21 6.74 39.05
CA GLN A 9 32.71 8.14 38.94
C GLN A 9 33.48 9.01 37.91
N ASN A 10 34.69 8.61 37.51
CA ASN A 10 35.48 9.26 36.45
C ASN A 10 34.83 9.18 35.03
N PHE A 11 33.75 8.41 34.85
CA PHE A 11 33.09 8.14 33.55
C PHE A 11 32.59 9.37 32.76
N GLY A 12 32.52 10.57 33.35
CA GLY A 12 32.07 11.81 32.71
C GLY A 12 32.83 12.21 31.43
N ARG A 13 34.02 11.64 31.21
CA ARG A 13 34.88 11.81 30.01
C ARG A 13 35.11 10.51 29.22
N ILE A 14 34.27 9.50 29.47
CA ILE A 14 34.33 8.15 28.88
C ILE A 14 32.99 7.90 28.17
N ALA A 15 32.95 8.25 26.88
CA ALA A 15 31.84 7.99 25.95
C ALA A 15 31.45 6.49 25.88
N PRO A 16 30.31 6.11 25.28
CA PRO A 16 29.90 4.72 25.09
C PRO A 16 30.74 4.00 24.01
N VAL A 17 32.03 3.73 24.31
CA VAL A 17 32.99 2.92 23.53
C VAL A 17 32.65 1.42 23.64
N THR A 18 31.39 1.06 23.40
CA THR A 18 30.84 -0.31 23.49
C THR A 18 29.82 -0.56 22.37
N GLY A 19 29.90 -1.76 21.76
CA GLY A 19 29.15 -2.16 20.58
C GLY A 19 30.05 -2.24 19.33
N GLY A 20 29.78 -3.19 18.44
CA GLY A 20 30.49 -3.37 17.16
C GLY A 20 30.38 -4.79 16.60
N THR A 21 30.53 -5.81 17.46
CA THR A 21 30.28 -7.23 17.11
C THR A 21 28.80 -7.46 16.86
N ALA A 22 28.43 -7.73 15.61
CA ALA A 22 27.05 -7.89 15.12
C ALA A 22 26.70 -9.38 14.88
N GLY A 23 27.14 -10.26 15.80
CA GLY A 23 27.07 -11.72 15.65
C GLY A 23 27.86 -12.23 14.44
N ILE A 24 27.37 -13.30 13.82
CA ILE A 24 27.91 -13.90 12.59
C ILE A 24 27.76 -13.03 11.31
N SER A 25 27.35 -11.77 11.42
CA SER A 25 27.02 -10.86 10.31
C SER A 25 27.64 -9.46 10.48
N VAL A 26 28.96 -9.39 10.70
CA VAL A 26 29.78 -8.16 10.83
C VAL A 26 29.55 -7.19 9.66
N GLY A 27 28.65 -6.22 9.83
CA GLY A 27 28.28 -5.22 8.82
C GLY A 27 27.76 -5.79 7.49
N VAL A 28 27.12 -6.97 7.49
CA VAL A 28 26.71 -7.71 6.27
C VAL A 28 25.28 -8.27 6.39
N PRO A 29 24.24 -7.41 6.44
CA PRO A 29 22.84 -7.85 6.58
C PRO A 29 22.29 -8.50 5.30
N GLY A 30 22.34 -7.81 4.15
CA GLY A 30 21.86 -8.22 2.82
C GLY A 30 20.35 -8.55 2.72
N TYR A 31 19.93 -9.66 3.35
CA TYR A 31 18.54 -10.16 3.42
C TYR A 31 17.58 -9.19 4.15
N LEU A 32 18.12 -8.37 5.06
CA LEU A 32 17.37 -7.47 5.94
C LEU A 32 18.21 -6.23 6.31
N ARG A 33 18.71 -5.50 5.30
CA ARG A 33 19.45 -4.24 5.42
C ARG A 33 18.58 -3.06 5.90
N THR A 34 17.82 -3.25 6.98
CA THR A 34 16.95 -2.26 7.62
C THR A 34 17.69 -0.91 7.77
N PRO A 35 17.09 0.25 7.39
CA PRO A 35 17.77 1.54 7.33
C PRO A 35 18.15 2.17 8.70
N SER A 36 18.02 1.41 9.80
CA SER A 36 18.53 1.71 11.14
C SER A 36 18.84 0.40 11.88
N SER A 37 19.85 0.43 12.75
CA SER A 37 20.43 -0.74 13.47
C SER A 37 19.55 -1.25 14.64
N THR A 38 18.23 -1.37 14.44
CA THR A 38 17.22 -1.50 15.51
C THR A 38 16.16 -2.57 15.19
N ILE A 39 16.60 -3.73 14.70
CA ILE A 39 15.81 -4.92 14.28
C ILE A 39 14.75 -4.60 13.20
N LEU A 40 13.61 -4.03 13.61
CA LEU A 40 12.50 -3.54 12.78
C LEU A 40 12.32 -2.04 13.06
N ALA A 41 13.34 -1.24 12.72
CA ALA A 41 13.27 0.21 12.77
C ALA A 41 12.04 0.83 12.06
N PRO A 42 11.53 0.32 10.91
CA PRO A 42 10.26 0.74 10.31
C PRO A 42 9.02 0.17 11.06
N SER A 43 9.04 0.22 12.40
CA SER A 43 8.11 -0.43 13.36
C SER A 43 6.64 -0.11 13.10
N ASN A 44 6.02 -0.87 12.20
CA ASN A 44 4.73 -0.59 11.54
C ASN A 44 4.55 0.90 11.18
N ALA A 45 5.59 1.51 10.57
CA ALA A 45 5.62 2.91 10.14
C ALA A 45 6.01 3.01 8.66
N GLN A 46 7.29 3.13 8.31
CA GLN A 46 7.76 3.19 6.91
C GLN A 46 7.27 2.01 6.04
N ILE A 47 7.24 0.79 6.59
CA ILE A 47 6.75 -0.39 5.84
C ILE A 47 5.23 -0.34 5.61
N ILE A 48 4.50 0.46 6.40
CA ILE A 48 3.07 0.74 6.25
C ILE A 48 2.84 2.02 5.42
N SER A 49 3.85 2.84 5.15
CA SER A 49 3.79 3.93 4.15
C SER A 49 3.52 3.43 2.72
N LEU A 50 3.78 2.14 2.43
CA LEU A 50 3.33 1.45 1.22
C LEU A 50 1.80 1.27 1.14
N GLY A 51 1.09 1.45 2.26
CA GLY A 51 -0.35 1.64 2.36
C GLY A 51 -0.71 3.12 2.58
N LEU A 52 -0.22 3.76 3.65
CA LEU A 52 -0.60 5.14 4.05
C LEU A 52 -0.48 6.17 2.92
N GLN A 53 0.57 6.09 2.08
CA GLN A 53 0.71 6.96 0.90
C GLN A 53 -0.50 6.88 -0.03
N THR A 54 -1.03 5.68 -0.32
CA THR A 54 -2.18 5.48 -1.22
C THR A 54 -3.53 5.55 -0.49
N THR A 55 -3.58 5.23 0.80
CA THR A 55 -4.75 5.48 1.67
C THR A 55 -5.05 6.98 1.78
N LEU A 56 -4.01 7.81 1.99
CA LEU A 56 -4.15 9.27 2.13
C LEU A 56 -3.99 10.02 0.79
N ALA A 57 -3.52 9.39 -0.29
CA ALA A 57 -3.43 10.05 -1.61
C ALA A 57 -4.74 10.73 -2.07
N PRO A 58 -5.93 10.09 -2.07
CA PRO A 58 -7.17 10.79 -2.40
C PRO A 58 -7.55 11.83 -1.34
N VAL A 59 -7.23 11.58 -0.06
CA VAL A 59 -7.52 12.50 1.06
C VAL A 59 -6.71 13.81 0.96
N LEU A 60 -5.45 13.74 0.51
CA LEU A 60 -4.54 14.89 0.38
C LEU A 60 -4.63 15.57 -1.01
N SER A 61 -4.95 14.82 -2.07
CA SER A 61 -5.12 15.31 -3.46
C SER A 61 -6.57 15.73 -3.77
N SER A 62 -7.28 16.28 -2.78
CA SER A 62 -8.64 16.85 -2.90
C SER A 62 -9.73 15.87 -3.36
N SER A 63 -9.93 14.81 -2.57
CA SER A 63 -10.92 13.74 -2.72
C SER A 63 -10.62 12.73 -3.85
N GLY A 64 -11.31 11.59 -3.87
CA GLY A 64 -11.15 10.47 -4.80
C GLY A 64 -11.77 10.70 -6.19
N LEU A 65 -11.52 11.87 -6.78
CA LEU A 65 -11.93 12.23 -8.15
C LEU A 65 -11.14 11.45 -9.21
N SER A 66 -11.59 11.54 -10.47
CA SER A 66 -11.06 10.89 -11.70
C SER A 66 -9.65 11.35 -12.16
N SER A 67 -8.79 11.66 -11.20
CA SER A 67 -7.36 11.97 -11.34
C SER A 67 -6.60 11.52 -10.10
N ALA A 68 -7.13 11.84 -8.90
CA ALA A 68 -6.58 11.41 -7.62
C ALA A 68 -6.59 9.89 -7.41
N SER A 69 -7.64 9.17 -7.83
CA SER A 69 -7.70 7.71 -7.72
C SER A 69 -6.67 6.99 -8.59
N ALA A 70 -6.34 7.54 -9.77
CA ALA A 70 -5.20 7.09 -10.58
C ALA A 70 -3.86 7.48 -9.91
N SER A 71 -3.74 8.75 -9.46
CA SER A 71 -2.55 9.28 -8.77
C SER A 71 -2.16 8.43 -7.56
N ALA A 72 -3.12 7.96 -6.76
CA ALA A 72 -2.88 7.07 -5.62
C ALA A 72 -2.15 5.77 -6.01
N ARG A 73 -2.65 5.06 -7.04
CA ARG A 73 -2.06 3.79 -7.51
C ARG A 73 -0.74 4.01 -8.26
N VAL A 74 -0.67 5.04 -9.10
CA VAL A 74 0.56 5.49 -9.78
C VAL A 74 1.65 5.88 -8.76
N SER A 75 1.28 6.55 -7.66
CA SER A 75 2.20 6.90 -6.58
C SER A 75 2.78 5.65 -5.90
N SER A 76 1.95 4.64 -5.60
CA SER A 76 2.45 3.34 -5.10
C SER A 76 3.38 2.63 -6.07
N LEU A 77 3.10 2.67 -7.37
CA LEU A 77 3.98 2.14 -8.41
C LEU A 77 5.30 2.94 -8.54
N ALA A 78 5.27 4.26 -8.39
CA ALA A 78 6.48 5.09 -8.32
C ALA A 78 7.31 4.80 -7.05
N GLN A 79 6.66 4.68 -5.87
CA GLN A 79 7.33 4.25 -4.64
C GLN A 79 7.83 2.81 -4.71
N SER A 80 7.21 1.93 -5.51
CA SER A 80 7.70 0.56 -5.72
C SER A 80 9.14 0.57 -6.28
N LEU A 81 9.41 1.40 -7.30
CA LEU A 81 10.79 1.62 -7.76
C LEU A 81 11.64 2.36 -6.70
N ALA A 82 11.16 3.46 -6.11
CA ALA A 82 11.96 4.21 -5.13
C ALA A 82 12.41 3.35 -3.93
N SER A 83 11.54 2.46 -3.45
CA SER A 83 11.81 1.44 -2.43
C SER A 83 12.87 0.43 -2.88
N ALA A 84 12.89 0.06 -4.16
CA ALA A 84 13.94 -0.77 -4.75
C ALA A 84 15.33 -0.08 -4.78
N LEU A 85 15.36 1.24 -4.99
CA LEU A 85 16.61 2.03 -4.90
C LEU A 85 17.14 2.13 -3.46
N SER A 86 16.27 1.86 -2.46
CA SER A 86 16.58 1.75 -1.03
C SER A 86 16.86 0.26 -0.63
N THR A 87 16.58 -0.13 0.62
CA THR A 87 16.80 -1.47 1.19
C THR A 87 16.11 -2.63 0.43
N SER A 88 14.90 -2.40 -0.10
CA SER A 88 14.09 -3.44 -0.79
C SER A 88 14.54 -3.65 -2.27
N ARG A 89 13.76 -4.41 -3.05
CA ARG A 89 13.84 -4.51 -4.52
C ARG A 89 12.44 -4.41 -5.18
N GLY A 90 11.61 -3.50 -4.65
CA GLY A 90 10.25 -3.26 -5.16
C GLY A 90 9.29 -4.43 -4.91
N THR A 91 9.51 -5.14 -3.80
CA THR A 91 8.76 -6.33 -3.35
C THR A 91 8.56 -6.30 -1.84
N LEU A 92 7.73 -7.21 -1.31
CA LEU A 92 7.35 -7.28 0.11
C LEU A 92 7.13 -8.73 0.54
N SER A 93 6.14 -9.38 -0.10
CA SER A 93 5.65 -10.73 0.16
C SER A 93 4.93 -11.27 -1.10
N LEU A 94 4.53 -12.55 -1.10
CA LEU A 94 3.82 -13.18 -2.23
C LEU A 94 2.33 -13.44 -1.92
N SER A 95 1.96 -13.79 -0.68
CA SER A 95 0.56 -13.99 -0.26
C SER A 95 0.03 -12.86 0.64
N THR A 96 0.85 -12.35 1.56
CA THR A 96 0.52 -11.17 2.39
C THR A 96 0.36 -9.90 1.57
N PHE A 97 1.10 -9.73 0.47
CA PHE A 97 0.96 -8.57 -0.41
C PHE A 97 -0.40 -8.54 -1.13
N LEU A 98 -1.01 -9.71 -1.38
CA LEU A 98 -2.35 -9.83 -1.98
C LEU A 98 -3.44 -9.26 -1.07
N ASN A 99 -3.28 -9.43 0.26
CA ASN A 99 -4.15 -8.82 1.26
C ASN A 99 -4.03 -7.29 1.23
N LEU A 100 -2.83 -6.75 0.95
CA LEU A 100 -2.61 -5.33 0.69
C LEU A 100 -3.33 -4.90 -0.60
N LEU A 101 -3.09 -5.55 -1.75
CA LEU A 101 -3.68 -5.17 -3.04
C LEU A 101 -5.22 -5.25 -3.06
N SER A 102 -5.80 -6.21 -2.35
CA SER A 102 -7.26 -6.31 -2.12
C SER A 102 -7.84 -5.10 -1.36
N SER A 103 -7.06 -4.50 -0.43
CA SER A 103 -7.42 -3.24 0.24
C SER A 103 -7.11 -2.01 -0.62
N ILE A 104 -5.97 -1.98 -1.34
CA ILE A 104 -5.55 -0.89 -2.21
C ILE A 104 -6.56 -0.61 -3.33
N SER A 105 -7.25 -1.63 -3.86
CA SER A 105 -8.39 -1.42 -4.77
C SER A 105 -9.62 -0.86 -4.03
N SER A 106 -9.98 -1.43 -2.89
CA SER A 106 -11.16 -1.04 -2.10
C SER A 106 -11.15 0.42 -1.62
N GLU A 107 -10.00 0.93 -1.16
CA GLU A 107 -9.88 2.28 -0.57
C GLU A 107 -9.95 3.43 -1.59
N ILE A 108 -9.44 3.24 -2.81
CA ILE A 108 -9.63 4.17 -3.96
C ILE A 108 -10.88 3.84 -4.78
N ARG A 109 -11.60 2.78 -4.38
CA ARG A 109 -12.84 2.19 -4.89
C ARG A 109 -12.83 1.65 -6.33
N ALA A 110 -12.19 2.32 -7.29
CA ALA A 110 -11.88 1.76 -8.61
C ALA A 110 -11.10 0.43 -8.49
N SER A 111 -11.10 -0.37 -9.57
CA SER A 111 -10.65 -1.78 -9.56
C SER A 111 -11.23 -2.64 -8.42
N THR A 112 -12.41 -2.28 -7.89
CA THR A 112 -13.33 -3.16 -7.16
C THR A 112 -14.77 -2.65 -7.29
N SER A 113 -15.77 -3.41 -6.84
CA SER A 113 -17.24 -3.20 -6.84
C SER A 113 -17.90 -2.27 -7.89
N LEU A 114 -17.63 -0.95 -7.93
CA LEU A 114 -18.15 -0.05 -8.97
C LEU A 114 -17.48 -0.28 -10.35
N ASP A 115 -16.35 -0.99 -10.38
CA ASP A 115 -15.58 -1.33 -11.57
C ASP A 115 -16.42 -2.02 -12.67
N GLY A 116 -16.61 -1.33 -13.81
CA GLY A 116 -17.46 -1.82 -14.91
C GLY A 116 -17.30 -1.11 -16.27
N THR A 117 -17.00 0.19 -16.29
CA THR A 117 -16.81 0.98 -17.54
C THR A 117 -15.52 1.80 -17.50
N GLN A 118 -15.31 2.63 -16.48
CA GLN A 118 -14.02 3.31 -16.25
C GLN A 118 -12.86 2.31 -16.08
N ALA A 119 -13.17 1.13 -15.53
CA ALA A 119 -12.23 0.04 -15.32
C ALA A 119 -11.68 -0.58 -16.62
N THR A 120 -12.47 -0.58 -17.70
CA THR A 120 -11.99 -0.97 -19.04
C THR A 120 -10.85 -0.06 -19.49
N VAL A 121 -10.97 1.25 -19.29
CA VAL A 121 -9.91 2.23 -19.61
C VAL A 121 -8.72 2.07 -18.65
N GLU A 122 -8.99 1.92 -17.35
CA GLU A 122 -7.97 1.71 -16.32
C GLU A 122 -7.06 0.50 -16.57
N VAL A 123 -7.52 -0.57 -17.25
CA VAL A 123 -6.64 -1.69 -17.61
C VAL A 123 -5.48 -1.23 -18.52
N LEU A 124 -5.71 -0.26 -19.41
CA LEU A 124 -4.67 0.32 -20.25
C LEU A 124 -3.84 1.36 -19.49
N LEU A 125 -4.49 2.18 -18.63
CA LEU A 125 -3.78 3.16 -17.81
C LEU A 125 -2.80 2.50 -16.82
N GLU A 126 -3.16 1.35 -16.24
CA GLU A 126 -2.28 0.58 -15.35
C GLU A 126 -1.36 -0.43 -16.06
N ALA A 127 -1.72 -0.91 -17.26
CA ALA A 127 -0.73 -1.56 -18.13
C ALA A 127 0.39 -0.57 -18.50
N LEU A 128 0.05 0.68 -18.83
CA LEU A 128 1.02 1.77 -18.97
C LEU A 128 1.72 2.07 -17.64
N ALA A 129 1.03 2.12 -16.48
CA ALA A 129 1.69 2.38 -15.20
C ALA A 129 2.72 1.29 -14.81
N ALA A 130 2.46 0.02 -15.13
CA ALA A 130 3.40 -1.09 -14.96
C ALA A 130 4.66 -0.98 -15.87
N LEU A 131 4.54 -0.30 -17.02
CA LEU A 131 5.66 0.02 -17.93
C LEU A 131 6.36 1.34 -17.52
N LEU A 132 5.61 2.34 -17.07
CA LEU A 132 6.12 3.61 -16.54
C LEU A 132 6.97 3.39 -15.29
N GLN A 133 6.53 2.53 -14.35
CA GLN A 133 7.27 2.23 -13.13
C GLN A 133 8.61 1.55 -13.38
N VAL A 134 8.82 0.89 -14.53
CA VAL A 134 10.14 0.39 -14.94
C VAL A 134 10.90 1.45 -15.75
N ILE A 135 10.25 2.20 -16.64
CA ILE A 135 10.87 3.37 -17.32
C ILE A 135 11.46 4.39 -16.32
N ASN A 136 10.90 4.48 -15.11
CA ASN A 136 11.40 5.30 -14.00
C ASN A 136 12.82 4.91 -13.49
N GLY A 137 13.32 3.68 -13.75
CA GLY A 137 14.69 3.28 -13.36
C GLY A 137 15.13 1.81 -13.59
N ALA A 138 14.20 0.91 -13.95
CA ALA A 138 14.39 -0.49 -14.39
C ALA A 138 15.56 -1.27 -13.76
N GLN A 139 15.41 -1.72 -12.51
CA GLN A 139 16.37 -2.63 -11.83
C GLN A 139 16.27 -4.10 -12.31
N ILE A 140 16.09 -4.32 -13.62
CA ILE A 140 16.06 -5.58 -14.39
C ILE A 140 14.90 -6.55 -14.05
N THR A 141 14.50 -6.70 -12.79
CA THR A 141 13.51 -7.68 -12.29
C THR A 141 12.55 -7.03 -11.27
N ASP A 142 12.01 -5.86 -11.62
CA ASP A 142 11.48 -4.88 -10.67
C ASP A 142 10.00 -4.51 -10.95
N VAL A 143 9.20 -5.48 -11.41
CA VAL A 143 7.82 -5.29 -11.90
C VAL A 143 6.89 -6.40 -11.40
N ASN A 144 6.72 -6.47 -10.07
CA ASN A 144 5.87 -7.49 -9.45
C ASN A 144 4.39 -7.35 -9.86
N VAL A 145 3.75 -8.47 -10.27
CA VAL A 145 2.34 -8.56 -10.71
C VAL A 145 1.59 -9.66 -9.95
N SER A 146 2.17 -10.17 -8.85
CA SER A 146 1.70 -11.32 -8.07
C SER A 146 1.26 -12.52 -8.97
N SER A 147 0.12 -13.17 -8.68
CA SER A 147 -0.41 -14.33 -9.42
C SER A 147 -1.80 -14.09 -10.05
N VAL A 148 -2.47 -12.98 -9.71
CA VAL A 148 -3.80 -12.48 -10.16
C VAL A 148 -4.29 -11.31 -9.29
N PRO A 149 -4.39 -11.42 -7.93
CA PRO A 149 -4.98 -10.38 -7.08
C PRO A 149 -3.96 -9.28 -6.74
N SER A 150 -3.55 -8.53 -7.77
CA SER A 150 -2.49 -7.51 -7.76
C SER A 150 -3.01 -6.13 -8.19
N VAL A 151 -4.24 -5.81 -7.78
CA VAL A 151 -5.03 -4.65 -8.25
C VAL A 151 -5.07 -4.53 -9.79
N ASN A 152 -4.96 -5.66 -10.49
CA ASN A 152 -4.84 -5.74 -11.96
C ASN A 152 -5.80 -6.76 -12.59
N ALA A 153 -5.92 -7.98 -12.06
CA ALA A 153 -6.98 -8.89 -12.52
C ALA A 153 -8.40 -8.35 -12.28
N ALA A 154 -8.57 -7.46 -11.30
CA ALA A 154 -9.85 -6.79 -11.07
C ALA A 154 -10.26 -5.88 -12.26
N LEU A 155 -9.32 -5.22 -12.96
CA LEU A 155 -9.67 -4.40 -14.13
C LEU A 155 -10.18 -5.24 -15.32
N VAL A 156 -9.72 -6.49 -15.47
CA VAL A 156 -10.35 -7.42 -16.44
C VAL A 156 -11.67 -7.97 -15.89
N SER A 157 -11.73 -8.45 -14.65
CA SER A 157 -12.98 -8.92 -14.02
C SER A 157 -14.08 -7.85 -13.89
N ALA A 158 -13.75 -6.57 -14.03
CA ALA A 158 -14.71 -5.47 -14.17
C ALA A 158 -15.51 -5.55 -15.50
N LEU A 159 -14.81 -5.75 -16.62
CA LEU A 159 -15.40 -5.76 -17.97
C LEU A 159 -15.85 -7.17 -18.41
N VAL A 160 -15.24 -8.22 -17.85
CA VAL A 160 -15.51 -9.64 -18.13
C VAL A 160 -15.81 -10.41 -16.82
N ALA A 161 -16.74 -9.83 -16.04
CA ALA A 161 -17.29 -10.39 -14.80
C ALA A 161 -17.86 -11.82 -14.95
N SER A 1 -10.07 -16.33 -7.69
CA SER A 1 -10.81 -15.20 -8.29
C SER A 1 -11.28 -15.53 -9.71
N GLY A 2 -12.29 -16.40 -9.83
CA GLY A 2 -12.93 -16.78 -11.11
C GLY A 2 -11.96 -17.19 -12.22
N ASN A 3 -11.09 -18.18 -11.95
CA ASN A 3 -10.00 -18.63 -12.84
C ASN A 3 -10.38 -18.86 -14.32
N TYR A 4 -11.63 -19.20 -14.62
CA TYR A 4 -12.18 -19.30 -15.99
C TYR A 4 -12.34 -17.93 -16.71
N LEU A 5 -11.71 -16.84 -16.24
CA LEU A 5 -11.68 -15.53 -16.94
C LEU A 5 -10.84 -15.53 -18.24
N GLY A 6 -10.04 -16.57 -18.49
CA GLY A 6 -9.21 -16.77 -19.69
C GLY A 6 -9.97 -17.18 -20.96
N VAL A 7 -11.20 -16.69 -21.14
CA VAL A 7 -12.09 -16.95 -22.29
C VAL A 7 -11.77 -16.05 -23.51
N SER A 8 -10.47 -15.90 -23.81
CA SER A 8 -9.91 -14.99 -24.82
C SER A 8 -8.74 -15.64 -25.56
N GLN A 9 -8.57 -15.33 -26.85
CA GLN A 9 -7.52 -15.92 -27.71
C GLN A 9 -6.09 -15.65 -27.20
N ASN A 10 -5.85 -14.49 -26.57
CA ASN A 10 -4.51 -14.08 -26.14
C ASN A 10 -3.93 -14.94 -24.99
N PHE A 11 -4.79 -15.62 -24.22
CA PHE A 11 -4.42 -16.57 -23.16
C PHE A 11 -5.56 -17.57 -22.91
N GLY A 12 -5.81 -18.46 -23.88
CA GLY A 12 -6.96 -19.39 -23.91
C GLY A 12 -6.94 -20.56 -22.92
N ARG A 13 -6.39 -20.36 -21.70
CA ARG A 13 -6.36 -21.33 -20.59
C ARG A 13 -6.56 -20.69 -19.22
N ILE A 14 -5.67 -19.76 -18.83
CA ILE A 14 -5.48 -19.20 -17.46
C ILE A 14 -5.83 -20.21 -16.35
N ALA A 15 -4.85 -21.07 -16.04
CA ALA A 15 -4.97 -22.15 -15.05
C ALA A 15 -3.88 -22.09 -13.93
N PRO A 16 -3.62 -20.93 -13.28
CA PRO A 16 -2.59 -20.79 -12.26
C PRO A 16 -2.92 -21.52 -10.94
N VAL A 17 -4.21 -21.79 -10.69
CA VAL A 17 -4.74 -22.51 -9.50
C VAL A 17 -5.74 -23.58 -9.92
N THR A 18 -6.65 -23.27 -10.86
CA THR A 18 -7.66 -24.18 -11.46
C THR A 18 -8.33 -25.14 -10.46
N GLY A 19 -8.75 -24.58 -9.32
CA GLY A 19 -9.18 -25.30 -8.12
C GLY A 19 -10.20 -24.53 -7.29
N GLY A 20 -9.99 -24.45 -5.97
CA GLY A 20 -10.95 -23.87 -5.02
C GLY A 20 -10.33 -23.55 -3.67
N THR A 21 -9.64 -22.41 -3.57
CA THR A 21 -9.03 -21.84 -2.34
C THR A 21 -10.09 -21.32 -1.34
N ALA A 22 -11.12 -22.12 -1.05
CA ALA A 22 -12.08 -21.86 0.03
C ALA A 22 -11.37 -21.89 1.40
N GLY A 23 -11.49 -20.82 2.19
CA GLY A 23 -10.84 -20.69 3.49
C GLY A 23 -11.36 -21.70 4.52
N ILE A 24 -10.51 -22.69 4.88
CA ILE A 24 -10.81 -23.72 5.89
C ILE A 24 -11.15 -23.11 7.26
N SER A 25 -10.44 -22.04 7.66
CA SER A 25 -10.70 -21.25 8.87
C SER A 25 -10.06 -19.85 8.75
N VAL A 26 -10.40 -18.97 9.70
CA VAL A 26 -9.95 -17.56 9.79
C VAL A 26 -9.60 -17.21 11.25
N GLY A 27 -8.74 -18.04 11.87
CA GLY A 27 -8.30 -17.94 13.26
C GLY A 27 -7.89 -16.53 13.72
N VAL A 28 -8.38 -16.12 14.88
CA VAL A 28 -8.23 -14.76 15.44
C VAL A 28 -6.84 -14.59 16.11
N PRO A 29 -6.07 -13.54 15.79
CA PRO A 29 -4.78 -13.25 16.43
C PRO A 29 -4.95 -12.68 17.86
N GLY A 30 -3.85 -12.47 18.57
CA GLY A 30 -3.80 -11.90 19.93
C GLY A 30 -4.09 -10.39 20.01
N TYR A 31 -4.98 -9.86 19.15
CA TYR A 31 -5.36 -8.45 19.00
C TYR A 31 -4.15 -7.48 18.89
N LEU A 32 -3.11 -7.94 18.18
CA LEU A 32 -1.70 -7.49 18.18
C LEU A 32 -1.03 -7.58 19.57
N ARG A 33 0.14 -8.21 19.60
CA ARG A 33 0.98 -8.38 20.82
C ARG A 33 1.58 -7.09 21.41
N THR A 34 1.40 -5.95 20.72
CA THR A 34 1.82 -4.61 21.15
C THR A 34 1.35 -4.25 22.57
N PRO A 35 2.14 -3.49 23.36
CA PRO A 35 1.71 -2.97 24.67
C PRO A 35 0.70 -1.80 24.59
N SER A 36 0.23 -1.42 23.39
CA SER A 36 -0.79 -0.38 23.16
C SER A 36 -0.42 0.98 23.77
N SER A 37 0.80 1.45 23.51
CA SER A 37 1.42 2.64 24.12
C SER A 37 2.04 3.60 23.08
N THR A 38 1.55 3.57 21.83
CA THR A 38 2.02 4.36 20.68
C THR A 38 3.55 4.30 20.52
N ILE A 39 4.07 3.07 20.37
CA ILE A 39 5.50 2.74 20.39
C ILE A 39 6.03 2.31 19.00
N LEU A 40 5.39 2.82 17.94
CA LEU A 40 5.64 2.49 16.52
C LEU A 40 5.55 0.98 16.25
N ALA A 41 4.34 0.44 16.40
CA ALA A 41 4.00 -1.00 16.39
C ALA A 41 4.79 -1.82 15.35
N PRO A 42 5.59 -2.83 15.77
CA PRO A 42 6.49 -3.56 14.87
C PRO A 42 5.72 -4.36 13.80
N SER A 43 6.32 -4.47 12.61
CA SER A 43 5.72 -4.92 11.32
C SER A 43 4.57 -4.02 10.81
N ASN A 44 3.62 -3.68 11.69
CA ASN A 44 2.50 -2.76 11.45
C ASN A 44 2.93 -1.27 11.48
N ALA A 45 4.07 -0.97 10.85
CA ALA A 45 4.66 0.37 10.68
C ALA A 45 5.12 0.61 9.23
N GLN A 46 5.79 -0.38 8.61
CA GLN A 46 6.10 -0.37 7.17
C GLN A 46 4.87 -0.75 6.32
N ILE A 47 4.16 -1.84 6.67
CA ILE A 47 2.97 -2.29 5.92
C ILE A 47 1.84 -1.23 5.98
N ILE A 48 1.73 -0.47 7.07
CA ILE A 48 0.79 0.66 7.15
C ILE A 48 1.28 1.93 6.45
N SER A 49 2.58 2.13 6.17
CA SER A 49 3.01 3.26 5.33
C SER A 49 2.66 3.01 3.86
N LEU A 50 2.82 1.75 3.41
CA LEU A 50 2.30 1.20 2.15
C LEU A 50 0.75 1.20 2.05
N GLY A 51 0.03 1.61 3.11
CA GLY A 51 -1.43 1.75 3.15
C GLY A 51 -1.91 3.18 3.38
N LEU A 52 -1.42 3.89 4.40
CA LEU A 52 -1.84 5.26 4.75
C LEU A 52 -1.63 6.25 3.59
N GLN A 53 -0.49 6.12 2.90
CA GLN A 53 -0.16 6.90 1.70
C GLN A 53 -1.25 6.69 0.65
N THR A 54 -1.61 5.43 0.38
CA THR A 54 -2.54 5.02 -0.66
C THR A 54 -4.01 5.35 -0.32
N THR A 55 -4.41 5.22 0.96
CA THR A 55 -5.72 5.67 1.49
C THR A 55 -5.95 7.17 1.25
N LEU A 56 -4.91 8.00 1.41
CA LEU A 56 -4.96 9.45 1.21
C LEU A 56 -4.35 9.90 -0.13
N ALA A 57 -4.03 8.98 -1.05
CA ALA A 57 -3.45 9.33 -2.34
C ALA A 57 -4.33 10.28 -3.18
N PRO A 58 -5.66 10.09 -3.34
CA PRO A 58 -6.48 11.04 -4.10
C PRO A 58 -6.68 12.37 -3.36
N VAL A 59 -6.61 12.38 -2.02
CA VAL A 59 -6.58 13.58 -1.18
C VAL A 59 -5.30 14.39 -1.43
N LEU A 60 -4.13 13.74 -1.42
CA LEU A 60 -2.81 14.35 -1.64
C LEU A 60 -2.53 14.72 -3.11
N SER A 61 -3.25 14.11 -4.07
CA SER A 61 -3.18 14.41 -5.52
C SER A 61 -3.89 15.74 -5.91
N SER A 62 -4.05 16.67 -4.96
CA SER A 62 -4.84 17.92 -5.08
C SER A 62 -6.30 17.66 -5.51
N SER A 63 -6.91 16.65 -4.88
CA SER A 63 -8.28 16.13 -5.12
C SER A 63 -8.38 15.21 -6.35
N GLY A 64 -9.43 14.37 -6.37
CA GLY A 64 -9.70 13.38 -7.42
C GLY A 64 -10.36 13.94 -8.68
N LEU A 65 -10.05 15.18 -9.07
CA LEU A 65 -10.66 15.88 -10.22
C LEU A 65 -10.31 15.28 -11.60
N SER A 66 -9.28 14.43 -11.66
CA SER A 66 -8.83 13.68 -12.84
C SER A 66 -8.22 12.34 -12.40
N SER A 67 -8.46 11.29 -13.19
CA SER A 67 -7.87 9.94 -13.08
C SER A 67 -7.78 9.35 -11.65
N ALA A 68 -8.71 9.68 -10.74
CA ALA A 68 -8.57 9.47 -9.29
C ALA A 68 -8.15 8.05 -8.87
N SER A 69 -8.89 7.02 -9.32
CA SER A 69 -8.60 5.61 -9.01
C SER A 69 -7.24 5.17 -9.56
N ALA A 70 -6.91 5.60 -10.78
CA ALA A 70 -5.63 5.31 -11.42
C ALA A 70 -4.48 6.00 -10.67
N SER A 71 -4.54 7.32 -10.50
CA SER A 71 -3.52 8.13 -9.82
C SER A 71 -3.26 7.67 -8.39
N ALA A 72 -4.30 7.28 -7.64
CA ALA A 72 -4.15 6.71 -6.31
C ALA A 72 -3.37 5.38 -6.30
N ARG A 73 -3.68 4.47 -7.24
CA ARG A 73 -3.00 3.17 -7.40
C ARG A 73 -1.59 3.29 -7.95
N VAL A 74 -1.39 4.17 -8.94
CA VAL A 74 -0.10 4.63 -9.45
C VAL A 74 0.77 5.18 -8.32
N SER A 75 0.19 5.92 -7.37
CA SER A 75 0.92 6.42 -6.20
C SER A 75 1.50 5.28 -5.36
N SER A 76 0.77 4.16 -5.17
CA SER A 76 1.31 2.95 -4.52
C SER A 76 2.47 2.32 -5.30
N LEU A 77 2.37 2.22 -6.63
CA LEU A 77 3.45 1.72 -7.50
C LEU A 77 4.68 2.65 -7.50
N ALA A 78 4.48 3.96 -7.51
CA ALA A 78 5.53 4.96 -7.35
C ALA A 78 6.21 4.84 -5.98
N GLN A 79 5.44 4.59 -4.91
CA GLN A 79 5.96 4.24 -3.58
C GLN A 79 6.71 2.90 -3.57
N SER A 80 6.27 1.90 -4.33
CA SER A 80 6.97 0.62 -4.47
C SER A 80 8.40 0.83 -4.99
N LEU A 81 8.55 1.71 -6.00
CA LEU A 81 9.87 2.14 -6.50
C LEU A 81 10.63 3.00 -5.49
N ALA A 82 10.04 4.06 -4.95
CA ALA A 82 10.71 4.95 -3.99
C ALA A 82 11.17 4.21 -2.72
N SER A 83 10.41 3.20 -2.29
CA SER A 83 10.79 2.25 -1.24
C SER A 83 11.96 1.36 -1.68
N ALA A 84 11.90 0.79 -2.90
CA ALA A 84 12.98 0.01 -3.52
C ALA A 84 14.34 0.73 -3.65
N LEU A 85 14.40 2.06 -3.53
CA LEU A 85 15.67 2.80 -3.41
C LEU A 85 16.36 2.66 -2.04
N SER A 86 15.71 2.01 -1.06
CA SER A 86 16.17 1.86 0.33
C SER A 86 15.96 0.43 0.88
N THR A 87 14.84 -0.21 0.55
CA THR A 87 14.49 -1.60 0.91
C THR A 87 13.78 -2.29 -0.26
N SER A 88 14.27 -3.46 -0.69
CA SER A 88 13.78 -4.26 -1.83
C SER A 88 14.19 -3.69 -3.21
N ARG A 89 13.56 -4.14 -4.32
CA ARG A 89 13.93 -3.81 -5.72
C ARG A 89 12.75 -3.61 -6.71
N GLY A 90 11.51 -3.65 -6.22
CA GLY A 90 10.28 -3.58 -7.03
C GLY A 90 9.30 -4.74 -6.77
N THR A 91 9.81 -5.81 -6.15
CA THR A 91 9.11 -7.05 -5.76
C THR A 91 9.17 -7.25 -4.25
N LEU A 92 8.90 -6.18 -3.49
CA LEU A 92 9.09 -6.06 -2.03
C LEU A 92 8.49 -7.22 -1.21
N SER A 93 7.41 -7.81 -1.72
CA SER A 93 6.87 -9.11 -1.33
C SER A 93 6.14 -9.72 -2.54
N LEU A 94 5.87 -11.03 -2.51
CA LEU A 94 5.12 -11.73 -3.58
C LEU A 94 3.78 -12.30 -3.08
N SER A 95 3.69 -12.69 -1.79
CA SER A 95 2.46 -13.18 -1.14
C SER A 95 1.95 -12.22 -0.05
N THR A 96 2.84 -11.68 0.79
CA THR A 96 2.54 -10.60 1.75
C THR A 96 2.04 -9.33 1.05
N PHE A 97 2.48 -9.04 -0.19
CA PHE A 97 1.99 -7.87 -0.92
C PHE A 97 0.52 -8.08 -1.36
N LEU A 98 0.12 -9.30 -1.74
CA LEU A 98 -1.26 -9.64 -2.12
C LEU A 98 -2.26 -9.42 -0.97
N ASN A 99 -1.83 -9.71 0.26
CA ASN A 99 -2.58 -9.44 1.49
C ASN A 99 -2.87 -7.93 1.69
N LEU A 100 -2.13 -7.05 1.01
CA LEU A 100 -2.32 -5.60 1.02
C LEU A 100 -2.99 -5.11 -0.28
N LEU A 101 -2.55 -5.56 -1.46
CA LEU A 101 -3.08 -5.18 -2.78
C LEU A 101 -4.54 -5.58 -2.99
N SER A 102 -4.97 -6.71 -2.42
CA SER A 102 -6.39 -7.10 -2.31
C SER A 102 -7.24 -6.13 -1.45
N SER A 103 -6.59 -5.27 -0.67
CA SER A 103 -7.20 -4.19 0.13
C SER A 103 -6.91 -2.79 -0.41
N ILE A 104 -5.83 -2.56 -1.17
CA ILE A 104 -5.60 -1.29 -1.90
C ILE A 104 -6.76 -1.02 -2.88
N SER A 105 -7.18 -2.04 -3.61
CA SER A 105 -8.39 -1.99 -4.47
C SER A 105 -9.66 -1.67 -3.68
N SER A 106 -9.72 -2.06 -2.40
CA SER A 106 -10.81 -1.78 -1.44
C SER A 106 -10.61 -0.48 -0.63
N GLU A 107 -9.55 0.29 -0.88
CA GLU A 107 -9.27 1.58 -0.23
C GLU A 107 -9.57 2.78 -1.15
N ILE A 108 -9.32 2.65 -2.46
CA ILE A 108 -9.72 3.65 -3.46
C ILE A 108 -11.25 3.74 -3.65
N ARG A 109 -11.97 2.64 -3.35
CA ARG A 109 -13.43 2.56 -3.13
C ARG A 109 -13.78 1.23 -2.44
N ALA A 110 -15.02 1.01 -2.00
CA ALA A 110 -15.47 -0.29 -1.46
C ALA A 110 -15.44 -1.41 -2.52
N SER A 111 -14.62 -2.45 -2.30
CA SER A 111 -14.33 -3.54 -3.26
C SER A 111 -13.90 -3.05 -4.66
N THR A 112 -13.86 -3.95 -5.63
CA THR A 112 -13.36 -3.71 -7.01
C THR A 112 -14.41 -4.18 -8.04
N SER A 113 -15.45 -3.36 -8.17
CA SER A 113 -16.65 -3.62 -8.99
C SER A 113 -17.24 -2.33 -9.60
N LEU A 114 -17.14 -1.19 -8.91
CA LEU A 114 -17.31 0.17 -9.46
C LEU A 114 -16.46 0.39 -10.72
N ASP A 115 -15.22 -0.11 -10.68
CA ASP A 115 -14.15 0.12 -11.65
C ASP A 115 -14.39 -0.64 -12.99
N GLY A 116 -15.63 -0.66 -13.48
CA GLY A 116 -16.13 -1.35 -14.68
C GLY A 116 -16.28 -0.42 -15.89
N THR A 117 -16.71 0.83 -15.70
CA THR A 117 -16.74 1.86 -16.76
C THR A 117 -15.32 2.30 -17.13
N GLN A 118 -14.51 2.67 -16.12
CA GLN A 118 -13.11 3.03 -16.31
C GLN A 118 -12.18 1.81 -16.49
N ALA A 119 -12.71 0.58 -16.40
CA ALA A 119 -11.93 -0.67 -16.50
C ALA A 119 -11.03 -0.76 -17.73
N THR A 120 -11.57 -0.40 -18.91
CA THR A 120 -10.85 -0.54 -20.19
C THR A 120 -9.69 0.43 -20.29
N VAL A 121 -9.87 1.69 -19.84
CA VAL A 121 -8.75 2.64 -19.73
C VAL A 121 -7.81 2.26 -18.59
N GLU A 122 -8.30 1.69 -17.49
CA GLU A 122 -7.46 1.19 -16.39
C GLU A 122 -6.57 0.02 -16.82
N VAL A 123 -7.07 -0.89 -17.66
CA VAL A 123 -6.30 -2.03 -18.21
C VAL A 123 -5.05 -1.57 -18.97
N LEU A 124 -5.11 -0.42 -19.65
CA LEU A 124 -3.99 0.14 -20.42
C LEU A 124 -3.21 1.22 -19.65
N LEU A 125 -3.86 1.97 -18.76
CA LEU A 125 -3.20 2.92 -17.85
C LEU A 125 -2.36 2.19 -16.79
N GLU A 126 -2.80 1.04 -16.26
CA GLU A 126 -2.01 0.24 -15.32
C GLU A 126 -0.98 -0.67 -16.01
N ALA A 127 -1.23 -1.14 -17.24
CA ALA A 127 -0.19 -1.77 -18.06
C ALA A 127 0.94 -0.78 -18.37
N LEU A 128 0.62 0.47 -18.72
CA LEU A 128 1.59 1.56 -18.79
C LEU A 128 2.20 1.87 -17.42
N ALA A 129 1.42 2.00 -16.34
CA ALA A 129 1.93 2.35 -15.02
C ALA A 129 2.94 1.34 -14.46
N ALA A 130 2.71 0.04 -14.68
CA ALA A 130 3.64 -1.02 -14.30
C ALA A 130 5.03 -0.84 -14.97
N LEU A 131 5.07 -0.31 -16.20
CA LEU A 131 6.29 0.03 -16.92
C LEU A 131 6.81 1.44 -16.55
N LEU A 132 5.94 2.41 -16.32
CA LEU A 132 6.27 3.79 -15.93
C LEU A 132 6.99 3.80 -14.57
N GLN A 133 6.45 3.10 -13.57
CA GLN A 133 7.08 2.94 -12.25
C GLN A 133 8.42 2.19 -12.32
N VAL A 134 8.57 1.23 -13.24
CA VAL A 134 9.86 0.56 -13.53
C VAL A 134 10.86 1.56 -14.14
N ILE A 135 10.45 2.29 -15.18
CA ILE A 135 11.27 3.30 -15.87
C ILE A 135 11.64 4.49 -14.96
N ASN A 136 10.85 4.73 -13.90
CA ASN A 136 11.15 5.70 -12.84
C ASN A 136 12.47 5.43 -12.09
N GLY A 137 12.94 4.16 -12.03
CA GLY A 137 14.28 3.84 -11.51
C GLY A 137 14.56 2.40 -11.05
N ALA A 138 13.94 1.38 -11.65
CA ALA A 138 14.14 -0.04 -11.28
C ALA A 138 15.45 -0.61 -11.89
N GLN A 139 15.34 -1.48 -12.90
CA GLN A 139 16.46 -2.09 -13.63
C GLN A 139 16.14 -2.18 -15.13
N ILE A 140 15.25 -3.11 -15.52
CA ILE A 140 14.76 -3.35 -16.90
C ILE A 140 13.40 -4.05 -16.87
N THR A 141 13.26 -5.13 -16.09
CA THR A 141 12.03 -5.95 -15.96
C THR A 141 11.94 -6.54 -14.54
N ASP A 142 10.91 -6.16 -13.79
CA ASP A 142 10.62 -6.68 -12.43
C ASP A 142 9.10 -6.77 -12.13
N VAL A 143 8.25 -6.67 -13.17
CA VAL A 143 6.79 -6.64 -13.08
C VAL A 143 6.15 -8.04 -13.03
N ASN A 144 6.50 -8.81 -12.01
CA ASN A 144 5.91 -10.12 -11.70
C ASN A 144 4.47 -10.03 -11.12
N VAL A 145 3.67 -9.04 -11.55
CA VAL A 145 2.24 -8.88 -11.20
C VAL A 145 1.38 -10.08 -11.63
N SER A 146 1.80 -10.82 -12.66
CA SER A 146 1.21 -12.09 -13.13
C SER A 146 -0.32 -12.05 -13.24
N SER A 147 -1.01 -13.12 -12.84
CA SER A 147 -2.48 -13.22 -12.68
C SER A 147 -2.92 -13.16 -11.20
N VAL A 148 -1.96 -13.13 -10.26
CA VAL A 148 -2.22 -12.94 -8.81
C VAL A 148 -2.86 -11.58 -8.52
N PRO A 149 -3.55 -11.39 -7.38
CA PRO A 149 -4.17 -10.10 -6.98
C PRO A 149 -3.17 -8.99 -6.61
N SER A 150 -2.43 -8.54 -7.62
CA SER A 150 -1.39 -7.50 -7.57
C SER A 150 -1.61 -6.50 -8.71
N VAL A 151 -2.44 -5.47 -8.47
CA VAL A 151 -2.74 -4.36 -9.41
C VAL A 151 -3.03 -4.81 -10.86
N ASN A 152 -3.71 -5.96 -11.00
CA ASN A 152 -4.25 -6.47 -12.27
C ASN A 152 -5.52 -7.30 -12.07
N ALA A 153 -5.55 -8.27 -11.14
CA ALA A 153 -6.73 -9.11 -10.94
C ALA A 153 -7.94 -8.30 -10.46
N ALA A 154 -7.72 -7.24 -9.66
CA ALA A 154 -8.75 -6.33 -9.19
C ALA A 154 -9.47 -5.59 -10.34
N LEU A 155 -8.71 -4.90 -11.20
CA LEU A 155 -9.24 -4.19 -12.37
C LEU A 155 -9.83 -5.15 -13.44
N VAL A 156 -9.30 -6.38 -13.54
CA VAL A 156 -9.91 -7.47 -14.34
C VAL A 156 -11.25 -7.90 -13.75
N SER A 157 -11.33 -8.20 -12.45
CA SER A 157 -12.56 -8.55 -11.73
C SER A 157 -13.63 -7.47 -11.85
N ALA A 158 -13.24 -6.19 -11.86
CA ALA A 158 -14.14 -5.07 -12.08
C ALA A 158 -14.62 -4.94 -13.54
N LEU A 159 -13.79 -5.31 -14.53
CA LEU A 159 -14.19 -5.39 -15.94
C LEU A 159 -15.23 -6.50 -16.18
N VAL A 160 -15.05 -7.67 -15.55
CA VAL A 160 -15.97 -8.84 -15.65
C VAL A 160 -17.11 -8.84 -14.61
N ALA A 161 -17.29 -7.74 -13.85
CA ALA A 161 -18.28 -7.59 -12.77
C ALA A 161 -19.72 -7.96 -13.18
N SER A 1 -21.73 3.31 -11.19
CA SER A 1 -22.35 4.30 -12.11
C SER A 1 -21.28 5.00 -12.95
N GLY A 2 -20.69 6.10 -12.46
CA GLY A 2 -19.64 6.88 -13.13
C GLY A 2 -19.96 8.38 -13.25
N ASN A 3 -21.25 8.74 -13.21
CA ASN A 3 -21.81 10.10 -13.31
C ASN A 3 -21.44 10.90 -14.59
N TYR A 4 -20.72 10.28 -15.54
CA TYR A 4 -20.13 10.91 -16.75
C TYR A 4 -21.15 11.21 -17.87
N LEU A 5 -22.33 11.71 -17.47
CA LEU A 5 -23.48 12.08 -18.32
C LEU A 5 -23.59 13.59 -18.56
N GLY A 6 -22.77 14.41 -17.88
CA GLY A 6 -22.78 15.88 -17.91
C GLY A 6 -21.54 16.50 -18.57
N VAL A 7 -21.01 15.82 -19.61
CA VAL A 7 -19.79 16.14 -20.37
C VAL A 7 -19.97 17.40 -21.26
N SER A 8 -20.29 18.54 -20.64
CA SER A 8 -20.47 19.84 -21.30
C SER A 8 -20.26 21.02 -20.33
N GLN A 9 -21.14 21.17 -19.33
CA GLN A 9 -21.17 22.35 -18.43
C GLN A 9 -21.85 22.05 -17.07
N ASN A 10 -21.50 20.92 -16.46
CA ASN A 10 -21.85 20.58 -15.07
C ASN A 10 -20.72 19.86 -14.31
N PHE A 11 -19.94 19.02 -15.00
CA PHE A 11 -18.95 18.10 -14.41
C PHE A 11 -17.65 18.76 -13.89
N GLY A 12 -17.63 20.08 -13.64
CA GLY A 12 -16.43 20.88 -13.35
C GLY A 12 -15.53 20.31 -12.24
N ARG A 13 -16.06 20.23 -11.01
CA ARG A 13 -15.42 19.64 -9.80
C ARG A 13 -16.38 18.80 -8.93
N ILE A 14 -17.63 18.60 -9.40
CA ILE A 14 -18.66 17.72 -8.80
C ILE A 14 -18.79 16.39 -9.56
N ALA A 15 -17.67 15.87 -10.06
CA ALA A 15 -17.58 14.55 -10.68
C ALA A 15 -18.11 13.39 -9.81
N PRO A 16 -17.69 13.20 -8.53
CA PRO A 16 -18.13 12.10 -7.66
C PRO A 16 -19.50 12.35 -7.00
N VAL A 17 -20.54 12.62 -7.81
CA VAL A 17 -21.91 12.97 -7.36
C VAL A 17 -22.94 12.02 -8.00
N THR A 18 -22.70 10.71 -7.85
CA THR A 18 -23.63 9.63 -8.26
C THR A 18 -24.93 9.61 -7.44
N GLY A 19 -24.85 9.76 -6.12
CA GLY A 19 -26.02 9.75 -5.22
C GLY A 19 -25.68 9.68 -3.73
N GLY A 20 -24.79 8.77 -3.31
CA GLY A 20 -24.30 8.66 -1.92
C GLY A 20 -23.98 7.26 -1.41
N THR A 21 -23.56 6.32 -2.26
CA THR A 21 -23.25 4.92 -1.86
C THR A 21 -22.07 4.78 -0.89
N ALA A 22 -21.14 5.74 -0.88
CA ALA A 22 -19.87 5.73 -0.14
C ALA A 22 -18.97 4.49 -0.43
N GLY A 23 -19.17 3.83 -1.57
CA GLY A 23 -18.53 2.56 -1.94
C GLY A 23 -19.18 1.33 -1.29
N ILE A 24 -18.89 0.14 -1.82
CA ILE A 24 -19.37 -1.15 -1.29
C ILE A 24 -18.77 -1.41 0.10
N SER A 25 -19.64 -1.36 1.12
CA SER A 25 -19.31 -1.53 2.55
C SER A 25 -20.24 -2.55 3.25
N VAL A 26 -21.01 -3.32 2.48
CA VAL A 26 -21.97 -4.35 2.92
C VAL A 26 -21.33 -5.65 3.47
N GLY A 27 -20.12 -5.56 4.04
CA GLY A 27 -19.43 -6.68 4.70
C GLY A 27 -18.13 -6.27 5.41
N VAL A 28 -17.08 -5.98 4.62
CA VAL A 28 -15.71 -5.59 5.04
C VAL A 28 -15.21 -6.32 6.31
N PRO A 29 -14.77 -7.60 6.19
CA PRO A 29 -14.25 -8.41 7.31
C PRO A 29 -12.84 -7.99 7.79
N GLY A 30 -12.19 -7.03 7.12
CA GLY A 30 -10.86 -6.50 7.50
C GLY A 30 -9.73 -7.53 7.46
N TYR A 31 -9.84 -8.56 6.61
CA TYR A 31 -8.92 -9.71 6.52
C TYR A 31 -8.73 -10.41 7.87
N LEU A 32 -9.83 -10.95 8.44
CA LEU A 32 -9.93 -11.45 9.83
C LEU A 32 -9.44 -10.41 10.86
N ARG A 33 -9.77 -9.13 10.61
CA ARG A 33 -9.33 -7.94 11.37
C ARG A 33 -7.82 -7.90 11.68
N THR A 34 -6.96 -8.39 10.79
CA THR A 34 -5.49 -8.37 10.91
C THR A 34 -4.91 -7.03 11.41
N PRO A 35 -5.29 -5.85 10.86
CA PRO A 35 -4.93 -4.55 11.43
C PRO A 35 -5.83 -4.19 12.63
N SER A 36 -5.79 -5.00 13.70
CA SER A 36 -6.46 -4.72 15.00
C SER A 36 -5.89 -5.55 16.14
N SER A 37 -5.58 -6.84 15.91
CA SER A 37 -4.93 -7.72 16.90
C SER A 37 -3.57 -7.20 17.36
N THR A 38 -3.11 -7.68 18.53
CA THR A 38 -1.87 -7.25 19.21
C THR A 38 -1.85 -5.72 19.48
N ILE A 39 -3.01 -5.14 19.85
CA ILE A 39 -3.21 -3.69 20.02
C ILE A 39 -2.76 -2.91 18.77
N LEU A 40 -3.28 -3.34 17.61
CA LEU A 40 -3.05 -2.74 16.29
C LEU A 40 -1.55 -2.45 16.04
N ALA A 41 -0.71 -3.49 16.16
CA ALA A 41 0.76 -3.42 16.06
C ALA A 41 1.32 -3.97 14.74
N PRO A 42 0.95 -5.17 14.23
CA PRO A 42 1.20 -5.48 12.83
C PRO A 42 0.37 -4.56 11.93
N SER A 43 0.89 -4.26 10.74
CA SER A 43 0.24 -3.37 9.76
C SER A 43 -0.09 -1.95 10.29
N ASN A 44 0.69 -1.43 11.25
CA ASN A 44 0.43 -0.14 11.92
C ASN A 44 1.43 0.99 11.59
N ALA A 45 2.59 0.65 11.01
CA ALA A 45 3.60 1.63 10.61
C ALA A 45 3.81 1.59 9.09
N GLN A 46 4.34 0.49 8.53
CA GLN A 46 4.50 0.38 7.08
C GLN A 46 3.15 0.41 6.33
N ILE A 47 2.21 -0.49 6.64
CA ILE A 47 0.93 -0.55 5.91
C ILE A 47 0.13 0.76 6.06
N ILE A 48 0.28 1.48 7.17
CA ILE A 48 -0.29 2.83 7.33
C ILE A 48 0.49 3.89 6.52
N SER A 49 1.80 3.76 6.28
CA SER A 49 2.50 4.57 5.28
C SER A 49 1.99 4.32 3.85
N LEU A 50 1.82 3.06 3.42
CA LEU A 50 1.17 2.73 2.13
C LEU A 50 -0.30 3.22 2.10
N GLY A 51 -1.00 3.21 3.24
CA GLY A 51 -2.36 3.73 3.40
C GLY A 51 -2.44 5.26 3.27
N LEU A 52 -1.59 5.99 3.98
CA LEU A 52 -1.49 7.45 3.90
C LEU A 52 -1.14 7.90 2.47
N GLN A 53 -0.15 7.27 1.84
CA GLN A 53 0.28 7.61 0.46
C GLN A 53 -0.85 7.49 -0.58
N THR A 54 -1.90 6.71 -0.29
CA THR A 54 -2.99 6.42 -1.22
C THR A 54 -4.30 7.11 -0.83
N THR A 55 -4.53 7.35 0.47
CA THR A 55 -5.52 8.32 0.98
C THR A 55 -5.21 9.75 0.51
N LEU A 56 -3.93 10.11 0.37
CA LEU A 56 -3.49 11.45 -0.09
C LEU A 56 -2.86 11.46 -1.51
N ALA A 57 -2.87 10.33 -2.23
CA ALA A 57 -2.46 10.26 -3.64
C ALA A 57 -3.07 11.36 -4.53
N PRO A 58 -4.41 11.57 -4.58
CA PRO A 58 -4.99 12.67 -5.36
C PRO A 58 -4.69 14.06 -4.77
N VAL A 59 -4.50 14.16 -3.45
CA VAL A 59 -4.10 15.42 -2.77
C VAL A 59 -2.71 15.89 -3.24
N LEU A 60 -1.71 15.00 -3.25
CA LEU A 60 -0.36 15.32 -3.78
C LEU A 60 -0.33 15.46 -5.31
N SER A 61 -1.29 14.87 -6.03
CA SER A 61 -1.50 15.06 -7.48
C SER A 61 -2.14 16.43 -7.86
N SER A 62 -2.20 17.37 -6.90
CA SER A 62 -2.79 18.71 -7.05
C SER A 62 -4.30 18.66 -7.30
N SER A 63 -5.02 18.19 -6.28
CA SER A 63 -6.48 17.93 -6.23
C SER A 63 -6.91 16.70 -7.03
N GLY A 64 -8.15 16.24 -6.82
CA GLY A 64 -8.76 15.07 -7.47
C GLY A 64 -9.16 15.28 -8.94
N LEU A 65 -8.32 15.98 -9.72
CA LEU A 65 -8.45 16.12 -11.18
C LEU A 65 -8.25 14.78 -11.92
N SER A 66 -8.60 14.76 -13.22
CA SER A 66 -8.43 13.61 -14.12
C SER A 66 -8.98 12.29 -13.55
N SER A 67 -8.40 11.15 -13.95
CA SER A 67 -8.65 9.80 -13.45
C SER A 67 -8.17 9.58 -12.00
N ALA A 68 -8.68 10.36 -11.04
CA ALA A 68 -8.28 10.33 -9.62
C ALA A 68 -8.38 8.93 -8.96
N SER A 69 -9.28 8.07 -9.42
CA SER A 69 -9.39 6.67 -9.01
C SER A 69 -8.19 5.84 -9.44
N ALA A 70 -7.80 5.92 -10.72
CA ALA A 70 -6.57 5.34 -11.22
C ALA A 70 -5.36 5.95 -10.48
N SER A 71 -5.23 7.27 -10.41
CA SER A 71 -4.08 7.92 -9.76
C SER A 71 -3.89 7.54 -8.30
N ALA A 72 -4.96 7.20 -7.55
CA ALA A 72 -4.83 6.58 -6.23
C ALA A 72 -3.99 5.28 -6.27
N ARG A 73 -4.42 4.29 -7.06
CA ARG A 73 -3.70 3.00 -7.23
C ARG A 73 -2.35 3.16 -7.91
N VAL A 74 -2.22 4.03 -8.93
CA VAL A 74 -0.96 4.30 -9.65
C VAL A 74 0.08 4.97 -8.76
N SER A 75 -0.29 6.01 -8.00
CA SER A 75 0.62 6.63 -7.02
C SER A 75 0.94 5.69 -5.87
N SER A 76 0.03 4.79 -5.48
CA SER A 76 0.34 3.74 -4.50
C SER A 76 1.30 2.69 -5.04
N LEU A 77 1.16 2.28 -6.31
CA LEU A 77 2.08 1.38 -7.02
C LEU A 77 3.48 2.01 -7.14
N ALA A 78 3.56 3.24 -7.66
CA ALA A 78 4.81 3.99 -7.81
C ALA A 78 5.52 4.30 -6.47
N GLN A 79 4.77 4.55 -5.40
CA GLN A 79 5.34 4.79 -4.07
C GLN A 79 5.55 3.50 -3.25
N SER A 80 4.88 2.38 -3.58
CA SER A 80 5.26 1.05 -3.09
C SER A 80 6.67 0.68 -3.56
N LEU A 81 6.97 0.92 -4.85
CA LEU A 81 8.34 0.92 -5.37
C LEU A 81 9.24 1.90 -4.60
N ALA A 82 8.91 3.20 -4.56
CA ALA A 82 9.81 4.20 -3.97
C ALA A 82 10.07 4.00 -2.46
N SER A 83 9.11 3.44 -1.71
CA SER A 83 9.26 3.01 -0.33
C SER A 83 10.18 1.78 -0.21
N ALA A 84 10.05 0.81 -1.13
CA ALA A 84 10.96 -0.34 -1.22
C ALA A 84 12.40 0.04 -1.63
N LEU A 85 12.59 1.09 -2.44
CA LEU A 85 13.93 1.60 -2.80
C LEU A 85 14.75 2.08 -1.58
N SER A 86 14.13 2.35 -0.43
CA SER A 86 14.84 2.64 0.83
C SER A 86 15.63 1.43 1.35
N THR A 87 14.96 0.30 1.60
CA THR A 87 15.51 -0.89 2.31
C THR A 87 14.71 -2.17 1.99
N SER A 88 14.93 -2.75 0.80
CA SER A 88 14.27 -3.99 0.33
C SER A 88 12.72 -3.93 0.44
N ARG A 89 12.03 -4.92 1.03
CA ARG A 89 10.57 -4.89 1.30
C ARG A 89 9.65 -4.77 0.06
N GLY A 90 10.16 -5.03 -1.15
CA GLY A 90 9.42 -4.91 -2.42
C GLY A 90 9.25 -6.22 -3.23
N THR A 91 9.93 -7.31 -2.83
CA THR A 91 9.97 -8.61 -3.53
C THR A 91 10.02 -9.80 -2.55
N LEU A 92 9.51 -9.61 -1.32
CA LEU A 92 9.68 -10.49 -0.15
C LEU A 92 9.39 -11.98 -0.42
N SER A 93 8.30 -12.21 -1.14
CA SER A 93 7.73 -13.51 -1.55
C SER A 93 6.97 -13.29 -2.85
N LEU A 94 6.67 -14.35 -3.61
CA LEU A 94 5.89 -14.22 -4.84
C LEU A 94 4.38 -14.23 -4.55
N SER A 95 3.85 -15.35 -4.04
CA SER A 95 2.41 -15.53 -3.80
C SER A 95 1.84 -14.53 -2.78
N THR A 96 2.54 -14.31 -1.67
CA THR A 96 2.18 -13.30 -0.65
C THR A 96 2.14 -11.89 -1.26
N PHE A 97 3.13 -11.48 -2.06
CA PHE A 97 3.13 -10.13 -2.66
C PHE A 97 2.05 -9.98 -3.74
N LEU A 98 1.92 -10.94 -4.64
CA LEU A 98 0.89 -10.96 -5.70
C LEU A 98 -0.53 -10.92 -5.11
N ASN A 99 -0.79 -11.69 -4.05
CA ASN A 99 -2.04 -11.61 -3.29
C ASN A 99 -2.16 -10.30 -2.49
N LEU A 100 -1.06 -9.71 -2.01
CA LEU A 100 -1.06 -8.38 -1.38
C LEU A 100 -1.59 -7.30 -2.32
N LEU A 101 -1.26 -7.34 -3.62
CA LEU A 101 -1.84 -6.40 -4.59
C LEU A 101 -3.38 -6.44 -4.57
N SER A 102 -4.00 -7.61 -4.42
CA SER A 102 -5.46 -7.76 -4.27
C SER A 102 -6.02 -7.09 -3.01
N SER A 103 -5.20 -6.95 -1.96
CA SER A 103 -5.52 -6.18 -0.75
C SER A 103 -5.25 -4.68 -0.93
N ILE A 104 -4.13 -4.29 -1.55
CA ILE A 104 -3.77 -2.89 -1.84
C ILE A 104 -4.83 -2.21 -2.74
N SER A 105 -5.31 -2.91 -3.77
CA SER A 105 -6.38 -2.42 -4.64
C SER A 105 -7.73 -2.31 -3.92
N SER A 106 -8.01 -3.20 -2.96
CA SER A 106 -9.20 -3.17 -2.09
C SER A 106 -9.10 -2.13 -0.95
N GLU A 107 -7.90 -1.72 -0.55
CA GLU A 107 -7.67 -0.77 0.56
C GLU A 107 -8.14 0.65 0.26
N ILE A 108 -7.89 1.14 -0.96
CA ILE A 108 -8.38 2.45 -1.43
C ILE A 108 -9.89 2.53 -1.47
N ARG A 109 -10.55 1.50 -2.02
CA ARG A 109 -12.00 1.34 -2.13
C ARG A 109 -12.33 -0.11 -2.48
N ALA A 110 -13.60 -0.49 -2.36
CA ALA A 110 -14.10 -1.77 -2.86
C ALA A 110 -13.77 -2.00 -4.34
N SER A 111 -13.78 -3.28 -4.76
CA SER A 111 -13.11 -3.75 -5.96
C SER A 111 -11.63 -3.32 -5.99
N THR A 112 -11.26 -2.31 -6.79
CA THR A 112 -9.84 -2.01 -7.09
C THR A 112 -9.45 -0.52 -7.15
N SER A 113 -10.38 0.39 -6.84
CA SER A 113 -10.26 1.86 -6.67
C SER A 113 -11.62 2.56 -6.81
N LEU A 114 -12.46 2.04 -7.71
CA LEU A 114 -13.93 2.12 -7.71
C LEU A 114 -14.55 1.01 -8.58
N ASP A 115 -13.78 0.57 -9.59
CA ASP A 115 -14.08 -0.32 -10.71
C ASP A 115 -15.43 -1.07 -10.66
N GLY A 116 -16.33 -0.68 -11.57
CA GLY A 116 -17.66 -1.30 -11.75
C GLY A 116 -18.24 -1.13 -13.16
N THR A 117 -17.97 -0.01 -13.84
CA THR A 117 -18.40 0.25 -15.24
C THR A 117 -17.27 0.85 -16.09
N GLN A 118 -16.66 1.97 -15.64
CA GLN A 118 -15.48 2.58 -16.30
C GLN A 118 -14.17 1.77 -16.14
N ALA A 119 -14.24 0.59 -15.49
CA ALA A 119 -13.14 -0.36 -15.36
C ALA A 119 -12.43 -0.69 -16.70
N THR A 120 -13.14 -0.58 -17.84
CA THR A 120 -12.58 -0.73 -19.19
C THR A 120 -11.43 0.24 -19.49
N VAL A 121 -11.58 1.55 -19.21
CA VAL A 121 -10.46 2.51 -19.39
C VAL A 121 -9.44 2.38 -18.26
N GLU A 122 -9.89 2.12 -17.03
CA GLU A 122 -8.98 1.94 -15.89
C GLU A 122 -8.02 0.76 -16.13
N VAL A 123 -8.44 -0.34 -16.76
CA VAL A 123 -7.56 -1.46 -17.14
C VAL A 123 -6.39 -1.03 -18.03
N LEU A 124 -6.57 -0.08 -18.96
CA LEU A 124 -5.49 0.40 -19.85
C LEU A 124 -4.56 1.38 -19.12
N LEU A 125 -5.11 2.27 -18.29
CA LEU A 125 -4.34 3.21 -17.48
C LEU A 125 -3.49 2.48 -16.43
N GLU A 126 -3.99 1.37 -15.89
CA GLU A 126 -3.33 0.57 -14.85
C GLU A 126 -2.39 -0.50 -15.43
N ALA A 127 -2.65 -1.01 -16.63
CA ALA A 127 -1.65 -1.73 -17.43
C ALA A 127 -0.47 -0.81 -17.82
N LEU A 128 -0.75 0.44 -18.21
CA LEU A 128 0.26 1.48 -18.36
C LEU A 128 0.99 1.73 -17.03
N ALA A 129 0.30 1.78 -15.89
CA ALA A 129 0.91 2.02 -14.59
C ALA A 129 1.99 1.00 -14.20
N ALA A 130 1.84 -0.27 -14.58
CA ALA A 130 2.90 -1.28 -14.40
C ALA A 130 4.19 -0.93 -15.16
N LEU A 131 4.10 -0.18 -16.27
CA LEU A 131 5.25 0.35 -17.03
C LEU A 131 5.69 1.74 -16.53
N LEU A 132 4.74 2.58 -16.12
CA LEU A 132 4.99 3.93 -15.60
C LEU A 132 5.69 3.89 -14.23
N GLN A 133 5.35 2.93 -13.37
CA GLN A 133 6.10 2.67 -12.13
C GLN A 133 7.51 2.14 -12.44
N VAL A 134 7.67 1.30 -13.47
CA VAL A 134 8.98 0.83 -13.93
C VAL A 134 9.87 1.99 -14.39
N ILE A 135 9.30 2.95 -15.13
CA ILE A 135 9.99 4.13 -15.64
C ILE A 135 10.21 5.22 -14.57
N ASN A 136 9.40 5.25 -13.50
CA ASN A 136 9.56 6.20 -12.37
C ASN A 136 10.93 6.09 -11.67
N GLY A 137 11.47 4.87 -11.53
CA GLY A 137 12.78 4.64 -10.89
C GLY A 137 13.14 3.18 -10.61
N ALA A 138 12.57 2.22 -11.35
CA ALA A 138 12.74 0.79 -11.11
C ALA A 138 13.97 0.17 -11.83
N GLN A 139 13.96 -1.16 -11.89
CA GLN A 139 15.03 -2.02 -12.43
C GLN A 139 14.43 -3.14 -13.29
N ILE A 140 14.08 -2.79 -14.54
CA ILE A 140 13.52 -3.64 -15.62
C ILE A 140 12.04 -4.04 -15.36
N THR A 141 11.75 -4.64 -14.20
CA THR A 141 10.42 -5.12 -13.77
C THR A 141 10.42 -5.39 -12.26
N ASP A 142 10.71 -4.36 -11.46
CA ASP A 142 10.80 -4.45 -9.99
C ASP A 142 9.47 -4.88 -9.34
N VAL A 143 8.34 -4.41 -9.89
CA VAL A 143 7.02 -5.01 -9.66
C VAL A 143 7.03 -6.45 -10.18
N ASN A 144 7.18 -7.42 -9.27
CA ASN A 144 7.32 -8.83 -9.62
C ASN A 144 6.04 -9.38 -10.29
N VAL A 145 6.19 -10.02 -11.46
CA VAL A 145 5.10 -10.56 -12.28
C VAL A 145 5.44 -11.97 -12.77
N SER A 146 5.08 -12.98 -11.98
CA SER A 146 5.12 -14.39 -12.41
C SER A 146 4.13 -14.72 -13.53
N SER A 147 2.94 -14.11 -13.48
CA SER A 147 1.87 -14.25 -14.49
C SER A 147 1.16 -12.92 -14.73
N VAL A 148 0.46 -12.37 -13.72
CA VAL A 148 -0.15 -11.03 -13.75
C VAL A 148 -0.58 -10.58 -12.32
N PRO A 149 -0.31 -9.33 -11.88
CA PRO A 149 -0.72 -8.79 -10.58
C PRO A 149 -2.17 -8.24 -10.59
N SER A 150 -2.73 -7.94 -9.40
CA SER A 150 -4.10 -7.43 -9.23
C SER A 150 -4.42 -6.18 -10.04
N VAL A 151 -3.40 -5.34 -10.28
CA VAL A 151 -3.44 -4.09 -11.08
C VAL A 151 -3.89 -4.32 -12.54
N ASN A 152 -4.10 -5.59 -12.93
CA ASN A 152 -4.90 -6.01 -14.08
C ASN A 152 -5.90 -7.13 -13.68
N ALA A 153 -5.47 -8.16 -12.91
CA ALA A 153 -6.31 -9.33 -12.61
C ALA A 153 -7.59 -9.01 -11.83
N ALA A 154 -7.47 -8.24 -10.74
CA ALA A 154 -8.63 -7.85 -9.94
C ALA A 154 -9.49 -6.79 -10.64
N LEU A 155 -8.89 -5.97 -11.51
CA LEU A 155 -9.65 -5.06 -12.39
C LEU A 155 -10.55 -5.84 -13.37
N VAL A 156 -10.10 -6.98 -13.91
CA VAL A 156 -10.95 -7.87 -14.71
C VAL A 156 -12.13 -8.40 -13.88
N SER A 157 -11.88 -8.91 -12.67
CA SER A 157 -12.93 -9.34 -11.73
C SER A 157 -13.92 -8.21 -11.36
N ALA A 158 -13.43 -6.97 -11.30
CA ALA A 158 -14.23 -5.77 -11.02
C ALA A 158 -15.05 -5.29 -12.24
N LEU A 159 -14.52 -5.43 -13.47
CA LEU A 159 -15.23 -5.12 -14.72
C LEU A 159 -16.48 -6.03 -14.87
N VAL A 160 -16.41 -7.28 -14.39
CA VAL A 160 -17.52 -8.25 -14.40
C VAL A 160 -18.34 -8.29 -13.09
N ALA A 161 -18.12 -7.37 -12.15
CA ALA A 161 -18.81 -7.28 -10.85
C ALA A 161 -20.36 -7.22 -10.96
N SER A 1 16.52 6.36 35.42
CA SER A 1 17.71 7.07 35.94
C SER A 1 18.09 8.25 35.05
N GLY A 2 18.88 9.21 35.55
CA GLY A 2 19.31 10.41 34.81
C GLY A 2 20.71 10.90 35.17
N ASN A 3 20.91 11.38 36.40
CA ASN A 3 22.20 11.80 36.94
C ASN A 3 23.13 10.59 37.17
N TYR A 4 24.25 10.53 36.42
CA TYR A 4 25.31 9.54 36.60
C TYR A 4 25.97 9.61 38.00
N LEU A 5 26.70 8.56 38.39
CA LEU A 5 27.25 8.30 39.74
C LEU A 5 26.18 8.11 40.84
N GLY A 6 25.15 8.95 40.87
CA GLY A 6 24.04 8.86 41.83
C GLY A 6 23.03 7.78 41.45
N VAL A 7 22.59 7.76 40.19
CA VAL A 7 21.62 6.79 39.63
C VAL A 7 20.32 6.73 40.48
N SER A 8 20.02 7.84 41.15
CA SER A 8 19.00 8.00 42.21
C SER A 8 18.79 9.48 42.55
N GLN A 9 17.67 9.80 43.20
CA GLN A 9 17.25 11.16 43.60
C GLN A 9 18.14 11.83 44.67
N ASN A 10 19.17 11.14 45.18
CA ASN A 10 20.12 11.66 46.18
C ASN A 10 20.83 12.98 45.76
N PHE A 11 20.98 13.26 44.46
CA PHE A 11 21.81 14.34 43.91
C PHE A 11 21.10 15.15 42.80
N GLY A 12 19.91 15.69 43.10
CA GLY A 12 19.01 16.34 42.12
C GLY A 12 19.59 17.59 41.41
N ARG A 13 19.92 18.64 42.16
CA ARG A 13 20.48 19.93 41.67
C ARG A 13 22.01 19.90 41.51
N ILE A 14 22.57 18.73 41.20
CA ILE A 14 24.01 18.43 41.24
C ILE A 14 24.44 17.70 39.96
N ALA A 15 24.32 18.39 38.81
CA ALA A 15 24.69 17.87 37.48
C ALA A 15 26.12 17.27 37.46
N PRO A 16 26.29 15.95 37.29
CA PRO A 16 27.59 15.27 37.43
C PRO A 16 28.48 15.38 36.18
N VAL A 17 27.91 15.80 35.03
CA VAL A 17 28.57 16.05 33.73
C VAL A 17 29.60 14.97 33.32
N THR A 18 29.22 13.71 33.51
CA THR A 18 30.02 12.50 33.18
C THR A 18 29.11 11.31 32.83
N GLY A 19 29.68 10.24 32.29
CA GLY A 19 28.95 9.03 31.86
C GLY A 19 29.73 8.18 30.85
N GLY A 20 29.03 7.29 30.13
CA GLY A 20 29.61 6.48 29.05
C GLY A 20 28.58 5.80 28.13
N THR A 21 27.55 5.17 28.71
CA THR A 21 26.40 4.52 28.03
C THR A 21 26.75 3.81 26.71
N ALA A 22 27.37 2.63 26.82
CA ALA A 22 27.82 1.80 25.71
C ALA A 22 27.21 0.39 25.81
N GLY A 23 26.14 0.13 25.06
CA GLY A 23 25.53 -1.20 24.94
C GLY A 23 26.49 -2.23 24.34
N ILE A 24 26.36 -3.49 24.75
CA ILE A 24 27.24 -4.62 24.37
C ILE A 24 26.93 -5.19 22.96
N SER A 25 26.75 -4.29 21.98
CA SER A 25 26.26 -4.56 20.62
C SER A 25 24.95 -5.37 20.62
N VAL A 26 23.86 -4.71 21.00
CA VAL A 26 22.49 -5.27 21.05
C VAL A 26 22.13 -6.03 19.76
N GLY A 27 22.09 -7.37 19.85
CA GLY A 27 22.06 -8.25 18.67
C GLY A 27 20.64 -8.50 18.17
N VAL A 28 20.01 -9.57 18.65
CA VAL A 28 18.61 -9.91 18.37
C VAL A 28 18.02 -10.78 19.49
N PRO A 29 17.14 -10.22 20.36
CA PRO A 29 16.42 -11.03 21.35
C PRO A 29 15.35 -11.94 20.70
N GLY A 30 14.80 -11.52 19.55
CA GLY A 30 13.80 -12.23 18.74
C GLY A 30 12.40 -12.23 19.37
N TYR A 31 12.30 -12.73 20.59
CA TYR A 31 11.10 -12.75 21.44
C TYR A 31 10.67 -11.34 21.91
N LEU A 32 11.54 -10.32 21.74
CA LEU A 32 11.33 -8.93 22.16
C LEU A 32 11.81 -7.90 21.10
N ARG A 33 11.88 -8.31 19.82
CA ARG A 33 12.35 -7.49 18.66
C ARG A 33 11.33 -6.41 18.22
N THR A 34 10.80 -5.64 19.17
CA THR A 34 9.82 -4.53 19.01
C THR A 34 8.68 -4.85 18.03
N PRO A 35 7.68 -5.65 18.43
CA PRO A 35 6.54 -6.01 17.56
C PRO A 35 5.66 -4.81 17.19
N SER A 36 4.68 -5.06 16.30
CA SER A 36 3.67 -4.10 15.81
C SER A 36 2.94 -3.34 16.93
N SER A 37 2.32 -2.21 16.56
CA SER A 37 1.63 -1.27 17.47
C SER A 37 2.58 -0.40 18.32
N THR A 38 3.78 -0.12 17.79
CA THR A 38 4.84 0.68 18.46
C THR A 38 5.37 1.80 17.54
N ILE A 39 4.44 2.64 17.05
CA ILE A 39 4.61 3.83 16.17
C ILE A 39 5.38 3.55 14.85
N LEU A 40 6.71 3.47 14.86
CA LEU A 40 7.58 3.13 13.71
C LEU A 40 8.28 1.77 13.94
N ALA A 41 7.51 0.79 14.44
CA ALA A 41 7.97 -0.57 14.72
C ALA A 41 8.62 -1.25 13.48
N PRO A 42 9.70 -2.04 13.64
CA PRO A 42 10.33 -2.78 12.53
C PRO A 42 9.34 -3.74 11.84
N SER A 43 9.51 -3.91 10.52
CA SER A 43 8.57 -4.51 9.55
C SER A 43 7.25 -3.75 9.41
N ASN A 44 6.56 -3.48 10.53
CA ASN A 44 5.35 -2.65 10.63
C ASN A 44 5.67 -1.14 10.56
N ALA A 45 6.54 -0.76 9.62
CA ALA A 45 6.90 0.62 9.27
C ALA A 45 6.80 0.81 7.75
N GLN A 46 7.49 -0.01 6.94
CA GLN A 46 7.38 0.06 5.47
C GLN A 46 5.97 -0.26 4.96
N ILE A 47 5.33 -1.30 5.52
CA ILE A 47 3.97 -1.71 5.12
C ILE A 47 2.93 -0.66 5.52
N ILE A 48 2.99 -0.13 6.74
CA ILE A 48 2.10 0.96 7.16
C ILE A 48 2.43 2.28 6.47
N SER A 49 3.65 2.52 6.00
CA SER A 49 3.98 3.66 5.14
C SER A 49 3.30 3.56 3.78
N LEU A 50 3.29 2.40 3.12
CA LEU A 50 2.49 2.20 1.89
C LEU A 50 0.98 2.33 2.14
N GLY A 51 0.49 1.83 3.28
CA GLY A 51 -0.90 2.04 3.71
C GLY A 51 -1.24 3.52 3.90
N LEU A 52 -0.44 4.25 4.69
CA LEU A 52 -0.62 5.67 4.98
C LEU A 52 -0.44 6.54 3.74
N GLN A 53 0.59 6.34 2.91
CA GLN A 53 0.74 7.09 1.65
C GLN A 53 -0.51 6.95 0.75
N THR A 54 -1.05 5.74 0.56
CA THR A 54 -2.21 5.55 -0.32
C THR A 54 -3.53 6.06 0.29
N THR A 55 -3.64 6.08 1.62
CA THR A 55 -4.77 6.67 2.37
C THR A 55 -4.69 8.20 2.48
N LEU A 56 -3.48 8.78 2.52
CA LEU A 56 -3.24 10.22 2.58
C LEU A 56 -3.29 10.88 1.18
N ALA A 57 -2.91 10.15 0.12
CA ALA A 57 -2.99 10.61 -1.27
C ALA A 57 -4.36 11.21 -1.69
N PRO A 58 -5.53 10.60 -1.39
CA PRO A 58 -6.82 11.19 -1.74
C PRO A 58 -7.13 12.46 -0.93
N VAL A 59 -6.84 12.49 0.38
CA VAL A 59 -7.14 13.66 1.23
C VAL A 59 -6.20 14.84 0.95
N LEU A 60 -4.92 14.62 0.64
CA LEU A 60 -3.99 15.69 0.24
C LEU A 60 -4.29 16.25 -1.15
N SER A 61 -4.79 15.42 -2.07
CA SER A 61 -5.22 15.80 -3.44
C SER A 61 -6.62 16.44 -3.49
N SER A 62 -6.96 17.27 -2.49
CA SER A 62 -8.24 17.98 -2.35
C SER A 62 -9.47 17.06 -2.22
N SER A 63 -9.33 15.98 -1.44
CA SER A 63 -10.35 14.94 -1.20
C SER A 63 -10.70 14.10 -2.45
N GLY A 64 -11.60 13.13 -2.29
CA GLY A 64 -12.03 12.17 -3.32
C GLY A 64 -12.96 12.71 -4.42
N LEU A 65 -13.18 14.04 -4.46
CA LEU A 65 -14.07 14.71 -5.44
C LEU A 65 -13.52 14.72 -6.89
N SER A 66 -12.25 14.37 -7.08
CA SER A 66 -11.54 14.36 -8.38
C SER A 66 -10.87 12.99 -8.63
N SER A 67 -10.03 12.89 -9.68
CA SER A 67 -9.27 11.69 -10.07
C SER A 67 -8.19 11.25 -9.05
N ALA A 68 -8.21 11.79 -7.83
CA ALA A 68 -7.30 11.47 -6.73
C ALA A 68 -7.24 9.96 -6.37
N SER A 69 -8.32 9.21 -6.63
CA SER A 69 -8.35 7.75 -6.48
C SER A 69 -7.39 7.02 -7.44
N ALA A 70 -7.15 7.57 -8.64
CA ALA A 70 -6.08 7.12 -9.52
C ALA A 70 -4.71 7.57 -8.96
N SER A 71 -4.57 8.83 -8.55
CA SER A 71 -3.33 9.39 -7.96
C SER A 71 -2.81 8.59 -6.76
N ALA A 72 -3.69 7.97 -5.97
CA ALA A 72 -3.33 7.09 -4.86
C ALA A 72 -2.66 5.77 -5.32
N ARG A 73 -3.28 5.00 -6.22
CA ARG A 73 -2.67 3.80 -6.82
C ARG A 73 -1.41 4.15 -7.62
N VAL A 74 -1.46 5.24 -8.39
CA VAL A 74 -0.31 5.77 -9.14
C VAL A 74 0.82 6.21 -8.20
N SER A 75 0.52 6.75 -7.02
CA SER A 75 1.54 7.02 -5.99
C SER A 75 2.18 5.72 -5.46
N SER A 76 1.45 4.60 -5.41
CA SER A 76 2.03 3.27 -5.18
C SER A 76 2.99 2.84 -6.31
N LEU A 77 2.59 3.02 -7.59
CA LEU A 77 3.44 2.77 -8.77
C LEU A 77 4.71 3.64 -8.74
N ALA A 78 4.56 4.94 -8.45
CA ALA A 78 5.65 5.92 -8.42
C ALA A 78 6.64 5.69 -7.27
N GLN A 79 6.16 5.29 -6.09
CA GLN A 79 7.03 4.91 -4.97
C GLN A 79 7.62 3.49 -5.11
N SER A 80 7.19 2.65 -6.06
CA SER A 80 7.85 1.35 -6.31
C SER A 80 9.34 1.56 -6.63
N LEU A 81 9.64 2.59 -7.43
CA LEU A 81 10.97 3.19 -7.61
C LEU A 81 11.58 3.64 -6.27
N ALA A 82 10.91 4.49 -5.49
CA ALA A 82 11.47 5.04 -4.26
C ALA A 82 11.79 3.96 -3.20
N SER A 83 10.97 2.92 -3.10
CA SER A 83 11.21 1.71 -2.31
C SER A 83 12.42 0.94 -2.83
N ALA A 84 12.53 0.75 -4.16
CA ALA A 84 13.68 0.16 -4.85
C ALA A 84 14.99 0.95 -4.72
N LEU A 85 14.93 2.24 -4.33
CA LEU A 85 16.10 3.05 -3.98
C LEU A 85 16.35 3.10 -2.46
N SER A 86 15.32 2.89 -1.63
CA SER A 86 15.40 2.88 -0.16
C SER A 86 16.03 1.60 0.39
N THR A 87 15.41 0.43 0.16
CA THR A 87 15.85 -0.88 0.68
C THR A 87 15.42 -2.08 -0.18
N SER A 88 14.27 -1.99 -0.86
CA SER A 88 13.78 -2.96 -1.87
C SER A 88 14.62 -2.91 -3.16
N ARG A 89 14.24 -3.66 -4.21
CA ARG A 89 14.80 -3.54 -5.58
C ARG A 89 13.77 -3.52 -6.73
N GLY A 90 12.48 -3.47 -6.39
CA GLY A 90 11.34 -3.43 -7.34
C GLY A 90 10.20 -4.37 -6.92
N THR A 91 10.51 -5.32 -6.05
CA THR A 91 9.62 -6.25 -5.34
C THR A 91 10.02 -6.34 -3.87
N LEU A 92 9.17 -6.90 -3.01
CA LEU A 92 9.40 -6.97 -1.56
C LEU A 92 8.86 -8.27 -0.92
N SER A 93 7.53 -8.44 -0.93
CA SER A 93 6.81 -9.49 -0.19
C SER A 93 5.48 -9.84 -0.86
N LEU A 94 5.50 -10.64 -1.93
CA LEU A 94 4.28 -10.97 -2.70
C LEU A 94 3.13 -11.48 -1.82
N SER A 95 3.39 -12.34 -0.82
CA SER A 95 2.34 -12.86 0.08
C SER A 95 1.55 -11.77 0.81
N THR A 96 2.22 -10.66 1.17
CA THR A 96 1.53 -9.47 1.72
C THR A 96 0.82 -8.70 0.62
N PHE A 97 1.47 -8.46 -0.53
CA PHE A 97 0.92 -7.73 -1.69
C PHE A 97 -0.35 -8.37 -2.28
N LEU A 98 -0.44 -9.71 -2.33
CA LEU A 98 -1.63 -10.45 -2.76
C LEU A 98 -2.89 -10.12 -1.95
N ASN A 99 -2.72 -9.64 -0.71
CA ASN A 99 -3.79 -9.17 0.16
C ASN A 99 -3.84 -7.62 0.20
N LEU A 100 -2.68 -6.95 0.21
CA LEU A 100 -2.56 -5.50 0.26
C LEU A 100 -3.18 -4.82 -0.95
N LEU A 101 -2.90 -5.28 -2.19
CA LEU A 101 -3.44 -4.64 -3.40
C LEU A 101 -4.95 -4.85 -3.58
N SER A 102 -5.51 -5.95 -3.03
CA SER A 102 -6.95 -6.21 -2.92
C SER A 102 -7.64 -5.26 -1.94
N SER A 103 -6.93 -4.85 -0.87
CA SER A 103 -7.39 -3.83 0.07
C SER A 103 -7.24 -2.41 -0.48
N ILE A 104 -6.07 -2.10 -1.07
CA ILE A 104 -5.74 -0.77 -1.64
C ILE A 104 -6.78 -0.35 -2.70
N SER A 105 -7.21 -1.25 -3.59
CA SER A 105 -8.29 -0.93 -4.54
C SER A 105 -9.55 -0.47 -3.81
N SER A 106 -10.06 -1.28 -2.87
CA SER A 106 -11.23 -1.01 -2.05
C SER A 106 -11.13 0.27 -1.20
N GLU A 107 -9.92 0.66 -0.75
CA GLU A 107 -9.66 1.91 -0.04
C GLU A 107 -9.76 3.18 -0.93
N ILE A 108 -9.49 3.07 -2.24
CA ILE A 108 -9.66 4.13 -3.23
C ILE A 108 -10.56 3.63 -4.37
N ARG A 109 -10.08 3.52 -5.62
CA ARG A 109 -10.79 2.85 -6.73
C ARG A 109 -9.86 1.96 -7.53
N ALA A 110 -9.13 2.52 -8.52
CA ALA A 110 -8.17 1.86 -9.41
C ALA A 110 -8.50 0.38 -9.71
N SER A 111 -9.66 0.17 -10.33
CA SER A 111 -10.39 -1.10 -10.48
C SER A 111 -10.84 -1.74 -9.15
N THR A 112 -12.12 -1.54 -8.80
CA THR A 112 -12.86 -2.30 -7.76
C THR A 112 -14.37 -2.15 -7.99
N SER A 113 -14.93 -3.03 -8.82
CA SER A 113 -16.36 -3.07 -9.24
C SER A 113 -16.86 -1.87 -10.08
N LEU A 114 -16.36 -0.64 -9.86
CA LEU A 114 -16.71 0.55 -10.66
C LEU A 114 -16.32 0.45 -12.14
N ASP A 115 -15.31 -0.38 -12.43
CA ASP A 115 -14.69 -0.56 -13.74
C ASP A 115 -15.64 -1.32 -14.69
N GLY A 116 -16.65 -0.62 -15.20
CA GLY A 116 -17.62 -1.11 -16.19
C GLY A 116 -17.53 -0.40 -17.56
N THR A 117 -16.80 0.72 -17.63
CA THR A 117 -16.60 1.51 -18.87
C THR A 117 -15.12 1.77 -19.13
N GLN A 118 -14.37 2.28 -18.14
CA GLN A 118 -12.92 2.45 -18.26
C GLN A 118 -12.12 1.14 -18.16
N ALA A 119 -12.73 0.00 -17.81
CA ALA A 119 -12.02 -1.27 -17.60
C ALA A 119 -11.10 -1.69 -18.76
N THR A 120 -11.56 -1.53 -20.00
CA THR A 120 -10.80 -1.92 -21.20
C THR A 120 -9.59 -1.02 -21.44
N VAL A 121 -9.69 0.29 -21.21
CA VAL A 121 -8.52 1.20 -21.28
C VAL A 121 -7.63 1.07 -20.04
N GLU A 122 -8.21 0.85 -18.86
CA GLU A 122 -7.46 0.55 -17.64
C GLU A 122 -6.67 -0.75 -17.74
N VAL A 123 -7.10 -1.78 -18.48
CA VAL A 123 -6.28 -2.99 -18.68
C VAL A 123 -4.99 -2.71 -19.46
N LEU A 124 -5.00 -1.77 -20.42
CA LEU A 124 -3.78 -1.37 -21.14
C LEU A 124 -2.96 -0.33 -20.35
N LEU A 125 -3.61 0.60 -19.66
CA LEU A 125 -2.96 1.59 -18.79
C LEU A 125 -2.32 0.96 -17.55
N GLU A 126 -2.93 -0.07 -16.95
CA GLU A 126 -2.37 -0.77 -15.78
C GLU A 126 -1.36 -1.86 -16.17
N ALA A 127 -1.49 -2.48 -17.35
CA ALA A 127 -0.41 -3.28 -17.94
C ALA A 127 0.83 -2.41 -18.20
N LEU A 128 0.64 -1.21 -18.79
CA LEU A 128 1.69 -0.19 -18.89
C LEU A 128 2.19 0.25 -17.51
N ALA A 129 1.32 0.53 -16.54
CA ALA A 129 1.72 0.94 -15.18
C ALA A 129 2.63 -0.08 -14.48
N ALA A 130 2.35 -1.38 -14.65
CA ALA A 130 3.17 -2.47 -14.14
C ALA A 130 4.59 -2.48 -14.75
N LEU A 131 4.77 -1.99 -15.99
CA LEU A 131 6.09 -1.74 -16.58
C LEU A 131 6.66 -0.37 -16.17
N LEU A 132 5.82 0.67 -16.08
CA LEU A 132 6.18 2.05 -15.77
C LEU A 132 6.81 2.15 -14.36
N GLN A 133 6.24 1.46 -13.37
CA GLN A 133 6.79 1.38 -12.01
C GLN A 133 8.20 0.76 -11.95
N VAL A 134 8.54 -0.05 -12.97
CA VAL A 134 9.86 -0.67 -13.17
C VAL A 134 10.78 0.26 -13.97
N ILE A 135 10.31 0.82 -15.09
CA ILE A 135 11.05 1.73 -15.98
C ILE A 135 11.37 3.08 -15.32
N ASN A 136 10.59 3.49 -14.30
CA ASN A 136 10.89 4.63 -13.43
C ASN A 136 12.29 4.53 -12.77
N GLY A 137 12.76 3.31 -12.46
CA GLY A 137 14.15 3.08 -12.01
C GLY A 137 14.37 1.86 -11.09
N ALA A 138 13.65 0.75 -11.31
CA ALA A 138 13.98 -0.56 -10.76
C ALA A 138 15.12 -1.23 -11.57
N GLN A 139 14.98 -2.52 -11.94
CA GLN A 139 16.05 -3.32 -12.57
C GLN A 139 15.61 -4.04 -13.87
N ILE A 140 14.63 -3.47 -14.59
CA ILE A 140 14.07 -3.93 -15.89
C ILE A 140 13.20 -5.21 -15.79
N THR A 141 13.57 -6.16 -14.93
CA THR A 141 12.99 -7.51 -14.85
C THR A 141 12.29 -7.78 -13.50
N ASP A 142 11.94 -6.71 -12.78
CA ASP A 142 11.29 -6.76 -11.45
C ASP A 142 9.75 -6.57 -11.48
N VAL A 143 9.13 -6.57 -12.67
CA VAL A 143 7.66 -6.52 -12.78
C VAL A 143 7.05 -7.84 -12.31
N ASN A 144 6.52 -7.84 -11.08
CA ASN A 144 5.76 -8.96 -10.53
C ASN A 144 4.47 -9.18 -11.33
N VAL A 145 4.38 -10.32 -12.03
CA VAL A 145 3.16 -10.78 -12.72
C VAL A 145 2.05 -11.17 -11.73
N SER A 146 2.42 -11.44 -10.47
CA SER A 146 1.54 -11.83 -9.35
C SER A 146 0.91 -13.21 -9.52
N SER A 147 0.19 -13.67 -8.50
CA SER A 147 -0.48 -14.98 -8.45
C SER A 147 -1.87 -14.97 -9.10
N VAL A 148 -2.53 -13.80 -9.17
CA VAL A 148 -3.82 -13.44 -9.80
C VAL A 148 -4.23 -11.98 -9.49
N PRO A 149 -4.20 -11.49 -8.22
CA PRO A 149 -4.44 -10.07 -7.90
C PRO A 149 -3.19 -9.20 -8.21
N SER A 150 -3.02 -8.05 -7.54
CA SER A 150 -2.03 -6.99 -7.88
C SER A 150 -2.47 -6.20 -9.13
N VAL A 151 -3.52 -5.38 -8.95
CA VAL A 151 -4.19 -4.57 -9.99
C VAL A 151 -4.39 -5.34 -11.31
N ASN A 152 -4.94 -6.55 -11.20
CA ASN A 152 -5.18 -7.49 -12.30
C ASN A 152 -6.49 -8.29 -12.10
N ALA A 153 -6.63 -9.03 -10.98
CA ALA A 153 -7.88 -9.71 -10.61
C ALA A 153 -9.07 -8.74 -10.57
N ALA A 154 -8.88 -7.58 -9.94
CA ALA A 154 -9.92 -6.57 -9.79
C ALA A 154 -10.35 -5.94 -11.14
N LEU A 155 -9.48 -5.90 -12.15
CA LEU A 155 -9.87 -5.55 -13.52
C LEU A 155 -10.71 -6.65 -14.16
N VAL A 156 -10.25 -7.91 -14.19
CA VAL A 156 -11.00 -8.98 -14.86
C VAL A 156 -12.38 -9.21 -14.20
N SER A 157 -12.47 -9.14 -12.87
CA SER A 157 -13.74 -9.22 -12.12
C SER A 157 -14.71 -8.06 -12.43
N ALA A 158 -14.19 -6.85 -12.70
CA ALA A 158 -15.02 -5.69 -13.02
C ALA A 158 -15.41 -5.64 -14.51
N LEU A 159 -14.49 -5.96 -15.43
CA LEU A 159 -14.74 -6.08 -16.88
C LEU A 159 -15.79 -7.18 -17.18
N VAL A 160 -15.84 -8.24 -16.37
CA VAL A 160 -16.80 -9.36 -16.47
C VAL A 160 -18.04 -9.23 -15.56
N ALA A 161 -18.20 -8.10 -14.86
CA ALA A 161 -19.28 -7.83 -13.87
C ALA A 161 -20.70 -8.15 -14.38
N SER A 1 20.48 15.99 46.63
CA SER A 1 20.32 17.00 47.72
C SER A 1 21.44 18.04 47.66
N GLY A 2 21.29 19.18 48.35
CA GLY A 2 22.31 20.25 48.40
C GLY A 2 21.86 21.62 48.92
N ASN A 3 20.58 21.80 49.28
CA ASN A 3 20.04 23.08 49.76
C ASN A 3 20.73 23.59 51.05
N TYR A 4 21.02 24.90 51.06
CA TYR A 4 21.39 25.66 52.25
C TYR A 4 20.15 25.92 53.16
N LEU A 5 20.33 26.69 54.23
CA LEU A 5 19.31 27.13 55.20
C LEU A 5 18.30 28.16 54.63
N GLY A 6 17.95 28.06 53.34
CA GLY A 6 17.04 28.99 52.65
C GLY A 6 17.72 30.30 52.23
N VAL A 7 18.95 30.20 51.69
CA VAL A 7 19.76 31.32 51.16
C VAL A 7 19.12 31.95 49.91
N SER A 8 18.12 32.80 50.17
CA SER A 8 17.27 33.56 49.23
C SER A 8 16.68 34.79 49.92
N GLN A 9 16.21 35.77 49.15
CA GLN A 9 15.44 36.91 49.67
C GLN A 9 14.12 36.41 50.29
N ASN A 10 14.03 36.41 51.64
CA ASN A 10 12.86 35.99 52.43
C ASN A 10 12.17 34.68 51.94
N PHE A 11 12.98 33.66 51.61
CA PHE A 11 12.53 32.36 51.06
C PHE A 11 11.65 32.47 49.78
N GLY A 12 11.87 33.50 48.96
CA GLY A 12 11.01 33.88 47.82
C GLY A 12 11.76 34.22 46.53
N ARG A 13 12.92 33.58 46.28
CA ARG A 13 13.76 33.80 45.07
C ARG A 13 14.26 32.50 44.39
N ILE A 14 13.76 31.32 44.81
CA ILE A 14 14.22 29.98 44.38
C ILE A 14 15.72 29.80 44.62
N ALA A 15 16.08 29.35 45.83
CA ALA A 15 17.46 29.15 46.28
C ALA A 15 18.27 28.21 45.34
N PRO A 16 19.61 28.29 45.33
CA PRO A 16 20.50 27.39 44.55
C PRO A 16 20.57 25.96 45.15
N VAL A 17 19.41 25.28 45.19
CA VAL A 17 19.19 23.96 45.82
C VAL A 17 20.00 22.84 45.15
N THR A 18 19.71 22.56 43.87
CA THR A 18 20.30 21.59 42.93
C THR A 18 19.35 21.36 41.73
N GLY A 19 19.88 20.86 40.60
CA GLY A 19 19.10 20.50 39.40
C GLY A 19 19.94 20.34 38.13
N GLY A 20 19.28 19.97 37.03
CA GLY A 20 19.85 19.83 35.68
C GLY A 20 20.18 18.37 35.35
N THR A 21 21.40 17.94 35.67
CA THR A 21 21.91 16.56 35.47
C THR A 21 21.37 15.62 36.57
N ALA A 22 20.04 15.49 36.65
CA ALA A 22 19.30 14.67 37.62
C ALA A 22 19.40 13.14 37.36
N GLY A 23 20.54 12.66 36.87
CA GLY A 23 20.76 11.25 36.49
C GLY A 23 20.10 10.91 35.14
N ILE A 24 20.51 11.59 34.06
CA ILE A 24 20.02 11.42 32.67
C ILE A 24 20.45 10.10 32.01
N SER A 25 20.26 8.98 32.72
CA SER A 25 20.54 7.60 32.33
C SER A 25 19.34 6.69 32.73
N VAL A 26 19.47 5.36 32.64
CA VAL A 26 18.39 4.37 32.87
C VAL A 26 17.22 4.64 31.92
N GLY A 27 17.41 4.32 30.63
CA GLY A 27 16.41 4.45 29.56
C GLY A 27 15.16 3.56 29.79
N VAL A 28 14.13 4.11 30.43
CA VAL A 28 12.88 3.43 30.86
C VAL A 28 12.23 2.66 29.69
N PRO A 29 12.09 1.31 29.76
CA PRO A 29 11.68 0.47 28.63
C PRO A 29 10.16 0.41 28.40
N GLY A 30 9.35 0.69 29.43
CA GLY A 30 7.89 0.78 29.33
C GLY A 30 7.16 -0.52 28.93
N TYR A 31 7.76 -1.69 29.14
CA TYR A 31 7.19 -3.01 28.81
C TYR A 31 6.79 -3.14 27.31
N LEU A 32 7.76 -2.90 26.41
CA LEU A 32 7.60 -2.86 24.95
C LEU A 32 6.55 -1.82 24.49
N ARG A 33 6.92 -0.52 24.57
CA ARG A 33 6.05 0.64 24.32
C ARG A 33 6.83 1.80 23.67
N THR A 34 7.22 1.61 22.40
CA THR A 34 8.02 2.54 21.56
C THR A 34 7.68 4.03 21.78
N PRO A 35 8.49 4.79 22.55
CA PRO A 35 8.17 6.16 22.93
C PRO A 35 8.54 7.18 21.84
N SER A 36 8.07 8.42 21.99
CA SER A 36 8.26 9.55 21.05
C SER A 36 9.73 9.87 20.76
N SER A 37 10.59 9.84 21.79
CA SER A 37 12.03 10.17 21.76
C SER A 37 12.95 9.07 21.19
N THR A 38 12.48 8.38 20.14
CA THR A 38 13.14 7.19 19.57
C THR A 38 13.39 7.39 18.07
N ILE A 39 14.40 8.20 17.73
CA ILE A 39 14.95 8.47 16.38
C ILE A 39 13.89 9.00 15.39
N LEU A 40 13.07 8.09 14.82
CA LEU A 40 11.97 8.34 13.89
C LEU A 40 10.95 7.17 13.94
N ALA A 41 10.63 6.66 15.14
CA ALA A 41 9.74 5.52 15.40
C ALA A 41 10.18 4.21 14.70
N PRO A 42 11.17 3.47 15.25
CA PRO A 42 11.74 2.29 14.58
C PRO A 42 10.70 1.20 14.29
N SER A 43 10.92 0.46 13.20
CA SER A 43 9.96 -0.44 12.51
C SER A 43 8.69 0.28 11.99
N ASN A 44 8.02 1.07 12.83
CA ASN A 44 6.89 1.95 12.50
C ASN A 44 7.34 3.24 11.78
N ALA A 45 8.13 3.07 10.71
CA ALA A 45 8.63 4.14 9.84
C ALA A 45 8.44 3.77 8.35
N GLN A 46 9.00 2.64 7.91
CA GLN A 46 8.75 2.12 6.56
C GLN A 46 7.29 1.66 6.39
N ILE A 47 6.78 0.84 7.31
CA ILE A 47 5.41 0.30 7.21
C ILE A 47 4.34 1.40 7.29
N ILE A 48 4.58 2.48 8.04
CA ILE A 48 3.68 3.65 8.07
C ILE A 48 3.82 4.55 6.84
N SER A 49 4.97 4.59 6.15
CA SER A 49 5.06 5.22 4.82
C SER A 49 4.22 4.45 3.79
N LEU A 50 4.26 3.11 3.82
CA LEU A 50 3.37 2.24 3.04
C LEU A 50 1.88 2.33 3.44
N GLY A 51 1.54 3.10 4.49
CA GLY A 51 0.18 3.43 4.89
C GLY A 51 -0.21 4.87 4.57
N LEU A 52 0.50 5.86 5.14
CA LEU A 52 0.26 7.30 5.00
C LEU A 52 0.19 7.77 3.54
N GLN A 53 1.11 7.33 2.69
CA GLN A 53 1.06 7.65 1.25
C GLN A 53 -0.27 7.23 0.62
N THR A 54 -0.78 6.06 1.03
CA THR A 54 -2.00 5.42 0.53
C THR A 54 -3.27 5.97 1.20
N THR A 55 -3.15 6.50 2.43
CA THR A 55 -4.18 7.31 3.11
C THR A 55 -4.36 8.70 2.47
N LEU A 56 -3.28 9.27 1.92
CA LEU A 56 -3.29 10.53 1.16
C LEU A 56 -3.66 10.36 -0.34
N ALA A 57 -3.60 9.13 -0.87
CA ALA A 57 -4.03 8.79 -2.22
C ALA A 57 -5.52 9.10 -2.54
N PRO A 58 -6.51 8.85 -1.64
CA PRO A 58 -7.88 9.35 -1.83
C PRO A 58 -8.02 10.87 -1.59
N VAL A 59 -7.08 11.53 -0.91
CA VAL A 59 -7.10 12.99 -0.71
C VAL A 59 -6.91 13.75 -2.04
N LEU A 60 -5.96 13.34 -2.89
CA LEU A 60 -5.80 13.93 -4.22
C LEU A 60 -6.99 13.64 -5.16
N SER A 61 -7.70 12.52 -4.94
CA SER A 61 -8.95 12.19 -5.65
C SER A 61 -10.12 13.13 -5.33
N SER A 62 -10.08 13.86 -4.21
CA SER A 62 -11.06 14.90 -3.87
C SER A 62 -11.12 16.02 -4.91
N SER A 63 -10.03 16.25 -5.65
CA SER A 63 -9.91 17.25 -6.74
C SER A 63 -10.68 16.88 -8.02
N GLY A 64 -11.05 15.59 -8.21
CA GLY A 64 -11.85 15.12 -9.34
C GLY A 64 -11.13 15.12 -10.70
N LEU A 65 -9.80 15.01 -10.70
CA LEU A 65 -8.94 14.98 -11.91
C LEU A 65 -9.19 13.74 -12.79
N SER A 66 -8.80 13.80 -14.08
CA SER A 66 -9.05 12.74 -15.07
C SER A 66 -8.43 11.39 -14.68
N SER A 67 -7.19 11.39 -14.19
CA SER A 67 -6.47 10.21 -13.71
C SER A 67 -6.35 10.19 -12.17
N ALA A 68 -7.34 10.75 -11.46
CA ALA A 68 -7.37 10.78 -10.00
C ALA A 68 -7.31 9.39 -9.34
N SER A 69 -8.33 8.57 -9.58
CA SER A 69 -8.44 7.18 -9.11
C SER A 69 -7.31 6.28 -9.64
N ALA A 70 -6.91 6.49 -10.90
CA ALA A 70 -5.76 5.83 -11.50
C ALA A 70 -4.44 6.17 -10.79
N SER A 71 -4.13 7.46 -10.61
CA SER A 71 -2.94 7.92 -9.88
C SER A 71 -2.94 7.48 -8.41
N ALA A 72 -4.11 7.39 -7.76
CA ALA A 72 -4.20 6.89 -6.40
C ALA A 72 -3.59 5.47 -6.24
N ARG A 73 -3.85 4.56 -7.21
CA ARG A 73 -3.24 3.22 -7.24
C ARG A 73 -1.81 3.23 -7.81
N VAL A 74 -1.57 3.96 -8.89
CA VAL A 74 -0.24 4.07 -9.52
C VAL A 74 0.81 4.69 -8.57
N SER A 75 0.42 5.60 -7.67
CA SER A 75 1.30 6.13 -6.62
C SER A 75 1.87 5.05 -5.71
N SER A 76 1.04 4.13 -5.19
CA SER A 76 1.54 2.98 -4.39
C SER A 76 2.54 2.11 -5.15
N LEU A 77 2.36 1.97 -6.46
CA LEU A 77 3.32 1.29 -7.35
C LEU A 77 4.59 2.13 -7.61
N ALA A 78 4.50 3.46 -7.71
CA ALA A 78 5.65 4.35 -7.73
C ALA A 78 6.50 4.23 -6.44
N GLN A 79 5.87 4.23 -5.26
CA GLN A 79 6.57 3.99 -3.98
C GLN A 79 7.09 2.54 -3.88
N SER A 80 6.41 1.55 -4.47
CA SER A 80 6.89 0.16 -4.53
C SER A 80 8.27 0.06 -5.19
N LEU A 81 8.48 0.83 -6.27
CA LEU A 81 9.81 1.00 -6.87
C LEU A 81 10.77 1.75 -5.93
N ALA A 82 10.38 2.90 -5.39
CA ALA A 82 11.23 3.71 -4.50
C ALA A 82 11.68 2.97 -3.21
N SER A 83 10.86 2.04 -2.70
CA SER A 83 11.22 1.11 -1.62
C SER A 83 12.35 0.15 -2.02
N ALA A 84 12.40 -0.27 -3.28
CA ALA A 84 13.51 -1.06 -3.80
C ALA A 84 14.82 -0.25 -3.94
N LEU A 85 14.71 1.05 -4.25
CA LEU A 85 15.82 2.00 -4.16
C LEU A 85 16.33 2.24 -2.71
N SER A 86 15.69 1.63 -1.70
CA SER A 86 16.09 1.70 -0.29
C SER A 86 16.56 0.34 0.27
N THR A 87 15.74 -0.71 0.20
CA THR A 87 16.06 -2.06 0.72
C THR A 87 15.42 -3.22 -0.08
N SER A 88 14.20 -3.06 -0.58
CA SER A 88 13.49 -4.10 -1.36
C SER A 88 14.19 -4.42 -2.70
N ARG A 89 13.78 -5.49 -3.39
CA ARG A 89 14.32 -5.94 -4.71
C ARG A 89 13.57 -7.13 -5.28
N GLY A 90 13.34 -8.16 -4.47
CA GLY A 90 12.54 -9.35 -4.80
C GLY A 90 11.05 -9.11 -4.61
N THR A 91 10.53 -8.02 -5.21
CA THR A 91 9.12 -7.57 -5.19
C THR A 91 8.44 -7.49 -3.81
N LEU A 92 9.22 -7.35 -2.73
CA LEU A 92 8.89 -7.61 -1.31
C LEU A 92 8.39 -9.05 -1.01
N SER A 93 7.31 -9.45 -1.68
CA SER A 93 6.63 -10.75 -1.59
C SER A 93 5.92 -11.06 -2.93
N LEU A 94 5.72 -12.33 -3.24
CA LEU A 94 5.02 -12.75 -4.46
C LEU A 94 3.55 -13.08 -4.14
N SER A 95 3.27 -14.14 -3.40
CA SER A 95 1.91 -14.58 -3.03
C SER A 95 1.28 -13.78 -1.88
N THR A 96 2.06 -13.42 -0.85
CA THR A 96 1.60 -12.58 0.27
C THR A 96 1.21 -11.16 -0.20
N PHE A 97 1.85 -10.62 -1.24
CA PHE A 97 1.47 -9.33 -1.80
C PHE A 97 0.10 -9.37 -2.48
N LEU A 98 -0.31 -10.49 -3.10
CA LEU A 98 -1.66 -10.66 -3.67
C LEU A 98 -2.76 -10.47 -2.62
N ASN A 99 -2.54 -11.00 -1.41
CA ASN A 99 -3.45 -10.84 -0.27
C ASN A 99 -3.56 -9.37 0.15
N LEU A 100 -2.44 -8.63 0.10
CA LEU A 100 -2.44 -7.18 0.37
C LEU A 100 -3.10 -6.38 -0.77
N LEU A 101 -2.75 -6.62 -2.04
CA LEU A 101 -3.30 -5.93 -3.22
C LEU A 101 -4.82 -6.06 -3.34
N SER A 102 -5.38 -7.23 -2.99
CA SER A 102 -6.83 -7.42 -2.85
C SER A 102 -7.47 -6.42 -1.89
N SER A 103 -6.76 -6.05 -0.81
CA SER A 103 -7.12 -4.97 0.11
C SER A 103 -6.78 -3.58 -0.46
N ILE A 104 -5.60 -3.35 -1.07
CA ILE A 104 -5.18 -2.04 -1.61
C ILE A 104 -6.22 -1.43 -2.56
N SER A 105 -6.77 -2.21 -3.49
CA SER A 105 -7.82 -1.75 -4.42
C SER A 105 -9.22 -1.62 -3.77
N SER A 106 -9.38 -2.04 -2.51
CA SER A 106 -10.62 -2.12 -1.73
C SER A 106 -10.63 -1.19 -0.50
N GLU A 107 -9.49 -0.59 -0.15
CA GLU A 107 -9.38 0.48 0.88
C GLU A 107 -9.96 1.81 0.39
N ILE A 108 -9.73 2.17 -0.88
CA ILE A 108 -10.26 3.39 -1.52
C ILE A 108 -11.79 3.39 -1.70
N ARG A 109 -12.36 2.25 -2.12
CA ARG A 109 -13.76 2.10 -2.56
C ARG A 109 -14.29 0.69 -2.27
N ALA A 110 -15.62 0.53 -2.21
CA ALA A 110 -16.28 -0.73 -1.86
C ALA A 110 -16.04 -1.87 -2.88
N SER A 111 -15.81 -1.52 -4.15
CA SER A 111 -15.27 -2.40 -5.19
C SER A 111 -13.87 -1.92 -5.62
N THR A 112 -13.24 -2.62 -6.57
CA THR A 112 -11.82 -2.57 -6.97
C THR A 112 -11.38 -1.28 -7.69
N SER A 113 -11.80 -0.11 -7.18
CA SER A 113 -11.69 1.25 -7.73
C SER A 113 -12.90 1.61 -8.63
N LEU A 114 -14.11 1.32 -8.13
CA LEU A 114 -15.41 1.39 -8.82
C LEU A 114 -15.38 0.97 -10.31
N ASP A 115 -14.64 -0.11 -10.60
CA ASP A 115 -14.18 -0.49 -11.94
C ASP A 115 -15.23 -1.22 -12.80
N GLY A 116 -16.45 -0.68 -12.83
CA GLY A 116 -17.56 -1.12 -13.69
C GLY A 116 -17.81 -0.22 -14.92
N THR A 117 -17.15 0.96 -14.98
CA THR A 117 -17.27 1.93 -16.09
C THR A 117 -15.90 2.41 -16.56
N GLN A 118 -15.05 2.89 -15.64
CA GLN A 118 -13.68 3.31 -15.96
C GLN A 118 -12.70 2.15 -16.20
N ALA A 119 -13.10 0.89 -15.99
CA ALA A 119 -12.20 -0.26 -16.15
C ALA A 119 -11.60 -0.43 -17.55
N THR A 120 -12.33 -0.10 -18.63
CA THR A 120 -11.80 -0.19 -20.00
C THR A 120 -10.58 0.70 -20.22
N VAL A 121 -10.54 1.88 -19.60
CA VAL A 121 -9.37 2.77 -19.63
C VAL A 121 -8.37 2.45 -18.50
N GLU A 122 -8.83 2.01 -17.33
CA GLU A 122 -7.92 1.57 -16.26
C GLU A 122 -7.05 0.38 -16.70
N VAL A 123 -7.58 -0.58 -17.46
CA VAL A 123 -6.81 -1.72 -17.98
C VAL A 123 -5.62 -1.29 -18.88
N LEU A 124 -5.75 -0.18 -19.61
CA LEU A 124 -4.68 0.36 -20.48
C LEU A 124 -3.77 1.34 -19.73
N LEU A 125 -4.30 2.12 -18.77
CA LEU A 125 -3.52 2.91 -17.82
C LEU A 125 -2.63 2.03 -16.94
N GLU A 126 -3.08 0.83 -16.58
CA GLU A 126 -2.31 -0.15 -15.80
C GLU A 126 -1.33 -0.96 -16.65
N ALA A 127 -1.61 -1.20 -17.93
CA ALA A 127 -0.59 -1.66 -18.89
C ALA A 127 0.57 -0.63 -19.00
N LEU A 128 0.24 0.67 -19.04
CA LEU A 128 1.21 1.75 -18.89
C LEU A 128 1.84 1.82 -17.49
N ALA A 129 1.12 1.49 -16.41
CA ALA A 129 1.66 1.55 -15.04
C ALA A 129 2.84 0.58 -14.80
N ALA A 130 2.89 -0.56 -15.48
CA ALA A 130 4.05 -1.45 -15.46
C ALA A 130 5.33 -0.78 -16.04
N LEU A 131 5.16 0.00 -17.12
CA LEU A 131 6.24 0.80 -17.73
C LEU A 131 6.58 2.01 -16.86
N LEU A 132 5.57 2.69 -16.30
CA LEU A 132 5.73 3.83 -15.41
C LEU A 132 6.48 3.44 -14.12
N GLN A 133 6.17 2.27 -13.54
CA GLN A 133 6.96 1.69 -12.45
C GLN A 133 8.44 1.57 -12.83
N VAL A 134 8.76 0.94 -13.97
CA VAL A 134 10.17 0.81 -14.41
C VAL A 134 10.81 2.18 -14.59
N ILE A 135 10.12 3.14 -15.22
CA ILE A 135 10.56 4.54 -15.36
C ILE A 135 10.83 5.24 -14.01
N ASN A 136 10.20 4.80 -12.92
CA ASN A 136 10.43 5.30 -11.57
C ASN A 136 11.78 4.87 -10.94
N GLY A 137 12.50 3.89 -11.49
CA GLY A 137 13.85 3.53 -11.00
C GLY A 137 14.57 2.28 -11.56
N ALA A 138 13.88 1.43 -12.31
CA ALA A 138 14.38 0.26 -13.06
C ALA A 138 15.61 -0.50 -12.46
N GLN A 139 15.47 -1.18 -11.33
CA GLN A 139 16.45 -2.14 -10.80
C GLN A 139 16.46 -3.51 -11.54
N ILE A 140 16.32 -3.50 -12.88
CA ILE A 140 16.44 -4.64 -13.82
C ILE A 140 15.35 -5.74 -13.73
N THR A 141 14.92 -6.16 -12.53
CA THR A 141 13.99 -7.29 -12.26
C THR A 141 12.98 -6.96 -11.15
N ASP A 142 12.45 -5.74 -11.17
CA ASP A 142 11.63 -5.10 -10.13
C ASP A 142 10.27 -4.55 -10.63
N VAL A 143 9.81 -5.02 -11.81
CA VAL A 143 8.56 -4.60 -12.47
C VAL A 143 7.28 -4.97 -11.67
N ASN A 144 7.39 -5.82 -10.64
CA ASN A 144 6.28 -6.25 -9.77
C ASN A 144 5.08 -6.90 -10.53
N VAL A 145 5.34 -7.54 -11.67
CA VAL A 145 4.36 -8.33 -12.44
C VAL A 145 4.05 -9.64 -11.71
N SER A 146 3.16 -9.56 -10.72
CA SER A 146 2.63 -10.72 -9.98
C SER A 146 1.51 -11.49 -10.74
N SER A 147 1.20 -11.06 -11.97
CA SER A 147 0.26 -11.65 -12.95
C SER A 147 -1.24 -11.68 -12.56
N VAL A 148 -1.57 -11.50 -11.27
CA VAL A 148 -2.95 -11.47 -10.74
C VAL A 148 -3.12 -10.52 -9.53
N PRO A 149 -2.45 -9.33 -9.45
CA PRO A 149 -2.32 -8.57 -8.21
C PRO A 149 -3.66 -8.11 -7.60
N SER A 150 -4.34 -7.17 -8.26
CA SER A 150 -5.72 -6.71 -8.01
C SER A 150 -6.10 -5.63 -9.02
N VAL A 151 -5.33 -4.54 -9.09
CA VAL A 151 -5.52 -3.43 -10.05
C VAL A 151 -5.25 -3.85 -11.53
N ASN A 152 -4.82 -5.09 -11.78
CA ASN A 152 -4.62 -5.70 -13.10
C ASN A 152 -5.44 -6.99 -13.31
N ALA A 153 -6.30 -7.38 -12.36
CA ALA A 153 -7.03 -8.65 -12.39
C ALA A 153 -8.41 -8.59 -11.70
N ALA A 154 -8.49 -8.13 -10.46
CA ALA A 154 -9.75 -7.83 -9.79
C ALA A 154 -10.48 -6.63 -10.44
N LEU A 155 -9.73 -5.69 -11.05
CA LEU A 155 -10.29 -4.64 -11.90
C LEU A 155 -10.93 -5.21 -13.20
N VAL A 156 -10.36 -6.27 -13.78
CA VAL A 156 -11.00 -7.04 -14.87
C VAL A 156 -12.27 -7.70 -14.34
N SER A 157 -12.22 -8.35 -13.17
CA SER A 157 -13.39 -8.97 -12.53
C SER A 157 -14.56 -8.01 -12.27
N ALA A 158 -14.30 -6.72 -12.05
CA ALA A 158 -15.35 -5.70 -11.94
C ALA A 158 -15.95 -5.25 -13.30
N LEU A 159 -15.19 -5.33 -14.40
CA LEU A 159 -15.70 -5.14 -15.76
C LEU A 159 -16.62 -6.32 -16.16
N VAL A 160 -16.19 -7.55 -15.90
CA VAL A 160 -16.94 -8.80 -16.21
C VAL A 160 -17.85 -9.28 -15.06
N ALA A 161 -18.21 -8.37 -14.13
CA ALA A 161 -19.03 -8.62 -12.94
C ALA A 161 -20.36 -9.36 -13.21
N SER A 1 -6.71 -0.98 45.51
CA SER A 1 -8.08 -1.30 45.96
C SER A 1 -8.40 -0.65 47.31
N GLY A 2 -9.69 -0.57 47.65
CA GLY A 2 -10.20 0.10 48.87
C GLY A 2 -11.62 -0.34 49.23
N ASN A 3 -12.46 0.61 49.65
CA ASN A 3 -13.81 0.42 50.20
C ASN A 3 -13.82 -0.52 51.42
N TYR A 4 -13.97 -1.83 51.22
CA TYR A 4 -14.19 -2.84 52.27
C TYR A 4 -15.38 -2.51 53.21
N LEU A 5 -15.56 -3.28 54.29
CA LEU A 5 -16.61 -3.16 55.34
C LEU A 5 -18.08 -3.35 54.86
N GLY A 6 -18.49 -2.71 53.77
CA GLY A 6 -19.80 -2.89 53.12
C GLY A 6 -19.95 -4.21 52.37
N VAL A 7 -18.82 -4.85 52.00
CA VAL A 7 -18.76 -6.25 51.53
C VAL A 7 -19.10 -7.26 52.63
N SER A 8 -19.11 -6.82 53.89
CA SER A 8 -19.54 -7.57 55.07
C SER A 8 -20.88 -6.99 55.56
N GLN A 9 -20.96 -6.40 56.76
CA GLN A 9 -22.20 -5.81 57.30
C GLN A 9 -21.92 -4.72 58.37
N ASN A 10 -21.21 -3.65 57.99
CA ASN A 10 -20.94 -2.50 58.88
C ASN A 10 -22.19 -1.70 59.32
N PHE A 11 -23.37 -1.97 58.73
CA PHE A 11 -24.67 -1.38 59.08
C PHE A 11 -24.70 0.17 59.02
N GLY A 12 -24.00 0.74 58.03
CA GLY A 12 -23.84 2.19 57.80
C GLY A 12 -24.02 2.61 56.34
N ARG A 13 -24.83 1.86 55.57
CA ARG A 13 -25.14 2.07 54.14
C ARG A 13 -23.89 2.28 53.25
N ILE A 14 -22.83 1.52 53.52
CA ILE A 14 -21.50 1.63 52.87
C ILE A 14 -21.59 1.25 51.37
N ALA A 15 -21.48 -0.03 51.01
CA ALA A 15 -21.33 -0.50 49.61
C ALA A 15 -20.21 0.26 48.81
N PRO A 16 -20.07 0.13 47.48
CA PRO A 16 -19.03 0.84 46.70
C PRO A 16 -19.45 2.30 46.41
N VAL A 17 -19.36 3.19 47.41
CA VAL A 17 -19.77 4.61 47.33
C VAL A 17 -19.08 5.36 46.18
N THR A 18 -17.75 5.51 46.28
CA THR A 18 -16.83 6.27 45.40
C THR A 18 -15.39 5.73 45.57
N GLY A 19 -14.42 6.28 44.82
CA GLY A 19 -12.99 5.98 45.00
C GLY A 19 -12.07 7.12 44.54
N GLY A 20 -11.92 7.32 43.22
CA GLY A 20 -11.22 8.47 42.64
C GLY A 20 -10.70 8.24 41.22
N THR A 21 -9.66 7.40 41.08
CA THR A 21 -8.96 7.00 39.83
C THR A 21 -8.77 8.12 38.80
N ALA A 22 -7.68 8.89 38.95
CA ALA A 22 -7.34 10.03 38.09
C ALA A 22 -6.01 9.79 37.34
N GLY A 23 -6.10 9.53 36.03
CA GLY A 23 -4.96 9.25 35.13
C GLY A 23 -4.17 10.47 34.67
N ILE A 24 -3.98 11.47 35.55
CA ILE A 24 -3.19 12.68 35.29
C ILE A 24 -1.72 12.32 35.02
N SER A 25 -1.25 12.65 33.80
CA SER A 25 0.12 12.48 33.30
C SER A 25 0.83 11.16 33.67
N VAL A 26 0.25 10.03 33.25
CA VAL A 26 0.77 8.65 33.49
C VAL A 26 1.28 7.93 32.22
N GLY A 27 1.46 8.64 31.11
CA GLY A 27 1.93 8.08 29.82
C GLY A 27 3.36 8.50 29.46
N VAL A 28 4.13 7.55 28.89
CA VAL A 28 5.54 7.70 28.48
C VAL A 28 5.79 6.83 27.23
N PRO A 29 6.51 7.31 26.20
CA PRO A 29 6.87 6.55 24.99
C PRO A 29 8.04 5.56 25.23
N GLY A 30 7.93 4.75 26.30
CA GLY A 30 8.95 3.83 26.81
C GLY A 30 10.20 4.56 27.34
N TYR A 31 11.13 4.89 26.43
CA TYR A 31 12.42 5.54 26.70
C TYR A 31 12.81 6.54 25.58
N LEU A 32 11.83 7.08 24.84
CA LEU A 32 11.99 7.84 23.60
C LEU A 32 12.84 7.10 22.55
N ARG A 33 12.30 5.99 22.02
CA ARG A 33 12.90 5.26 20.88
C ARG A 33 12.88 6.03 19.54
N THR A 34 11.97 6.98 19.37
CA THR A 34 11.73 7.76 18.14
C THR A 34 12.99 8.38 17.50
N PRO A 35 13.87 9.10 18.21
CA PRO A 35 15.11 9.69 17.66
C PRO A 35 16.24 8.68 17.36
N SER A 36 15.95 7.38 17.20
CA SER A 36 16.92 6.31 16.94
C SER A 36 16.37 5.26 15.97
N SER A 37 16.71 5.41 14.68
CA SER A 37 16.22 4.57 13.57
C SER A 37 17.31 4.28 12.52
N THR A 38 17.17 3.15 11.82
CA THR A 38 18.11 2.68 10.77
C THR A 38 17.42 2.58 9.41
N ILE A 39 16.30 1.85 9.33
CA ILE A 39 15.43 1.77 8.14
C ILE A 39 13.98 1.39 8.47
N LEU A 40 13.76 0.48 9.42
CA LEU A 40 12.42 0.01 9.83
C LEU A 40 12.29 -0.21 11.35
N ALA A 41 13.17 0.40 12.16
CA ALA A 41 13.18 0.33 13.62
C ALA A 41 11.83 0.64 14.32
N PRO A 42 11.03 1.65 13.91
CA PRO A 42 9.69 1.85 14.45
C PRO A 42 8.68 0.79 13.97
N SER A 43 8.92 0.19 12.80
CA SER A 43 8.01 -0.59 11.94
C SER A 43 6.71 0.12 11.57
N ASN A 44 5.95 0.57 12.57
CA ASN A 44 4.71 1.36 12.52
C ASN A 44 4.87 2.79 11.96
N ALA A 45 5.91 3.06 11.14
CA ALA A 45 6.11 4.31 10.42
C ALA A 45 6.56 4.10 8.97
N GLN A 46 7.67 3.41 8.68
CA GLN A 46 8.09 3.17 7.30
C GLN A 46 7.25 2.11 6.56
N ILE A 47 6.98 0.95 7.18
CA ILE A 47 6.11 -0.06 6.55
C ILE A 47 4.67 0.46 6.39
N ILE A 48 4.26 1.37 7.29
CA ILE A 48 2.98 2.07 7.24
C ILE A 48 3.00 3.24 6.26
N SER A 49 4.17 3.82 5.91
CA SER A 49 4.28 4.85 4.86
C SER A 49 3.87 4.30 3.49
N LEU A 50 4.26 3.05 3.18
CA LEU A 50 3.78 2.27 2.04
C LEU A 50 2.25 2.05 2.06
N GLY A 51 1.63 2.07 3.24
CA GLY A 51 0.16 2.12 3.40
C GLY A 51 -0.39 3.54 3.22
N LEU A 52 0.01 4.50 4.06
CA LEU A 52 -0.41 5.90 4.10
C LEU A 52 -0.36 6.58 2.73
N GLN A 53 0.76 6.46 2.01
CA GLN A 53 0.93 7.02 0.66
C GLN A 53 -0.13 6.52 -0.33
N THR A 54 -0.79 5.38 -0.08
CA THR A 54 -1.77 4.75 -0.96
C THR A 54 -3.19 4.88 -0.41
N THR A 55 -3.38 4.78 0.91
CA THR A 55 -4.65 5.08 1.60
C THR A 55 -5.07 6.54 1.42
N LEU A 56 -4.10 7.47 1.50
CA LEU A 56 -4.33 8.90 1.31
C LEU A 56 -4.14 9.35 -0.15
N ALA A 57 -3.65 8.49 -1.07
CA ALA A 57 -3.55 8.85 -2.49
C ALA A 57 -4.85 9.42 -3.10
N PRO A 58 -6.03 8.79 -2.95
CA PRO A 58 -7.28 9.37 -3.48
C PRO A 58 -7.65 10.68 -2.77
N VAL A 59 -7.47 10.75 -1.44
CA VAL A 59 -7.74 11.94 -0.62
C VAL A 59 -6.89 13.15 -1.07
N LEU A 60 -5.58 12.95 -1.22
CA LEU A 60 -4.62 13.99 -1.64
C LEU A 60 -4.81 14.41 -3.10
N SER A 61 -5.18 13.47 -3.98
CA SER A 61 -5.56 13.74 -5.39
C SER A 61 -6.99 14.29 -5.55
N SER A 62 -7.48 15.06 -4.56
CA SER A 62 -8.80 15.73 -4.55
C SER A 62 -9.98 14.76 -4.59
N SER A 63 -10.01 13.81 -3.65
CA SER A 63 -11.02 12.75 -3.47
C SER A 63 -11.06 11.73 -4.63
N GLY A 64 -11.93 10.71 -4.54
CA GLY A 64 -12.15 9.66 -5.56
C GLY A 64 -12.86 10.14 -6.85
N LEU A 65 -12.68 11.41 -7.22
CA LEU A 65 -13.26 12.09 -8.38
C LEU A 65 -12.35 11.97 -9.63
N SER A 66 -12.75 12.61 -10.74
CA SER A 66 -12.03 12.70 -12.03
C SER A 66 -11.39 11.37 -12.49
N SER A 67 -10.06 11.35 -12.66
CA SER A 67 -9.24 10.15 -12.91
C SER A 67 -8.19 9.98 -11.79
N ALA A 68 -8.47 10.55 -10.61
CA ALA A 68 -7.65 10.42 -9.41
C ALA A 68 -7.51 8.96 -8.92
N SER A 69 -8.44 8.09 -9.29
CA SER A 69 -8.39 6.63 -9.18
C SER A 69 -7.15 6.03 -9.84
N ALA A 70 -6.91 6.36 -11.12
CA ALA A 70 -5.72 5.93 -11.86
C ALA A 70 -4.45 6.50 -11.21
N SER A 71 -4.44 7.80 -10.87
CA SER A 71 -3.32 8.44 -10.17
C SER A 71 -3.00 7.76 -8.83
N ALA A 72 -4.02 7.35 -8.07
CA ALA A 72 -3.86 6.64 -6.80
C ALA A 72 -3.26 5.23 -6.97
N ARG A 73 -3.73 4.46 -7.96
CA ARG A 73 -3.14 3.14 -8.28
C ARG A 73 -1.71 3.25 -8.83
N VAL A 74 -1.44 4.28 -9.63
CA VAL A 74 -0.11 4.69 -10.11
C VAL A 74 0.81 5.15 -8.98
N SER A 75 0.27 5.77 -7.91
CA SER A 75 1.05 6.10 -6.71
C SER A 75 1.71 4.85 -6.11
N SER A 76 0.99 3.72 -6.11
CA SER A 76 1.54 2.40 -5.78
C SER A 76 2.64 1.92 -6.76
N LEU A 77 2.48 2.11 -8.08
CA LEU A 77 3.50 1.73 -9.07
C LEU A 77 4.81 2.49 -8.86
N ALA A 78 4.75 3.80 -8.59
CA ALA A 78 5.91 4.60 -8.23
C ALA A 78 6.55 4.11 -6.93
N GLN A 79 5.72 3.76 -5.94
CA GLN A 79 6.13 3.10 -4.70
C GLN A 79 6.83 1.76 -4.92
N SER A 80 6.50 0.97 -5.95
CA SER A 80 7.18 -0.32 -6.20
C SER A 80 8.69 -0.14 -6.34
N LEU A 81 9.13 0.86 -7.11
CA LEU A 81 10.55 1.18 -7.28
C LEU A 81 11.12 1.92 -6.05
N ALA A 82 10.40 2.91 -5.50
CA ALA A 82 10.87 3.66 -4.32
C ALA A 82 11.06 2.76 -3.07
N SER A 83 10.15 1.81 -2.84
CA SER A 83 10.25 0.78 -1.81
C SER A 83 11.39 -0.20 -2.08
N ALA A 84 11.61 -0.59 -3.35
CA ALA A 84 12.74 -1.42 -3.73
C ALA A 84 14.10 -0.77 -3.43
N LEU A 85 14.24 0.54 -3.70
CA LEU A 85 15.41 1.34 -3.33
C LEU A 85 15.56 1.48 -1.81
N SER A 86 14.45 1.65 -1.09
CA SER A 86 14.44 1.83 0.37
C SER A 86 14.82 0.54 1.14
N THR A 87 14.09 -0.57 0.92
CA THR A 87 14.36 -1.88 1.52
C THR A 87 13.59 -3.02 0.82
N SER A 88 13.99 -3.36 -0.41
CA SER A 88 13.58 -4.65 -1.01
C SER A 88 14.61 -5.23 -1.98
N ARG A 89 14.92 -4.53 -3.09
CA ARG A 89 15.66 -5.01 -4.29
C ARG A 89 15.26 -6.39 -4.87
N GLY A 90 14.15 -6.96 -4.39
CA GLY A 90 13.72 -8.35 -4.65
C GLY A 90 12.22 -8.54 -4.48
N THR A 91 11.44 -7.51 -4.85
CA THR A 91 9.97 -7.50 -4.97
C THR A 91 9.20 -8.08 -3.77
N LEU A 92 9.70 -7.84 -2.55
CA LEU A 92 9.24 -8.35 -1.25
C LEU A 92 8.69 -9.79 -1.31
N SER A 93 7.37 -9.97 -1.28
CA SER A 93 6.67 -11.25 -1.46
C SER A 93 5.34 -10.98 -2.17
N LEU A 94 5.12 -11.61 -3.32
CA LEU A 94 3.91 -11.41 -4.14
C LEU A 94 2.63 -11.78 -3.36
N SER A 95 2.63 -12.92 -2.66
CA SER A 95 1.50 -13.38 -1.82
C SER A 95 1.17 -12.42 -0.67
N THR A 96 2.18 -11.78 -0.07
CA THR A 96 1.99 -10.67 0.89
C THR A 96 1.37 -9.45 0.19
N PHE A 97 1.83 -9.12 -1.00
CA PHE A 97 1.28 -8.00 -1.78
C PHE A 97 -0.21 -8.22 -2.09
N LEU A 98 -0.66 -9.44 -2.44
CA LEU A 98 -2.09 -9.76 -2.67
C LEU A 98 -3.00 -9.36 -1.49
N ASN A 99 -2.53 -9.56 -0.25
CA ASN A 99 -3.27 -9.17 0.96
C ASN A 99 -3.42 -7.64 1.06
N LEU A 100 -2.38 -6.89 0.67
CA LEU A 100 -2.41 -5.43 0.59
C LEU A 100 -3.29 -4.94 -0.56
N LEU A 101 -3.16 -5.53 -1.76
CA LEU A 101 -3.86 -5.18 -3.00
C LEU A 101 -5.38 -5.30 -2.88
N SER A 102 -5.87 -6.30 -2.14
CA SER A 102 -7.29 -6.42 -1.76
C SER A 102 -7.79 -5.19 -0.95
N SER A 103 -6.89 -4.48 -0.27
CA SER A 103 -7.15 -3.20 0.40
C SER A 103 -6.85 -1.98 -0.48
N ILE A 104 -5.85 -2.00 -1.36
CA ILE A 104 -5.55 -0.87 -2.28
C ILE A 104 -6.78 -0.51 -3.14
N SER A 105 -7.48 -1.50 -3.69
CA SER A 105 -8.74 -1.29 -4.42
C SER A 105 -9.95 -0.95 -3.53
N SER A 106 -9.82 -1.13 -2.20
CA SER A 106 -10.81 -0.76 -1.17
C SER A 106 -10.57 0.64 -0.58
N GLU A 107 -9.34 1.18 -0.72
CA GLU A 107 -8.93 2.51 -0.28
C GLU A 107 -9.39 3.61 -1.25
N ILE A 108 -9.27 3.39 -2.56
CA ILE A 108 -9.78 4.30 -3.60
C ILE A 108 -11.32 4.41 -3.61
N ARG A 109 -12.02 3.28 -3.40
CA ARG A 109 -13.48 3.17 -3.27
C ARG A 109 -13.83 1.97 -2.38
N ALA A 110 -14.94 2.03 -1.64
CA ALA A 110 -15.34 1.01 -0.65
C ALA A 110 -15.51 -0.42 -1.20
N SER A 111 -15.68 -0.58 -2.53
CA SER A 111 -15.57 -1.84 -3.26
C SER A 111 -15.15 -1.60 -4.71
N THR A 112 -14.87 -2.66 -5.45
CA THR A 112 -14.29 -2.65 -6.81
C THR A 112 -15.26 -3.20 -7.85
N SER A 113 -16.43 -2.55 -7.94
CA SER A 113 -17.48 -2.85 -8.92
C SER A 113 -17.84 -1.65 -9.80
N LEU A 114 -17.90 -0.42 -9.24
CA LEU A 114 -18.08 0.81 -10.03
C LEU A 114 -16.86 1.17 -10.90
N ASP A 115 -15.68 0.61 -10.61
CA ASP A 115 -14.46 0.83 -11.39
C ASP A 115 -14.59 0.42 -12.86
N GLY A 116 -15.60 -0.37 -13.25
CA GLY A 116 -15.87 -0.78 -14.64
C GLY A 116 -15.91 0.37 -15.66
N THR A 117 -16.29 1.59 -15.24
CA THR A 117 -16.29 2.80 -16.09
C THR A 117 -14.89 3.26 -16.53
N GLN A 118 -13.87 2.94 -15.73
CA GLN A 118 -12.47 3.34 -15.94
C GLN A 118 -11.52 2.13 -16.04
N ALA A 119 -12.00 0.92 -15.76
CA ALA A 119 -11.28 -0.33 -15.95
C ALA A 119 -10.75 -0.51 -17.38
N THR A 120 -11.50 -0.11 -18.41
CA THR A 120 -11.06 -0.17 -19.81
C THR A 120 -9.83 0.72 -20.08
N VAL A 121 -9.72 1.91 -19.46
CA VAL A 121 -8.50 2.73 -19.57
C VAL A 121 -7.42 2.25 -18.60
N GLU A 122 -7.77 1.83 -17.39
CA GLU A 122 -6.82 1.27 -16.42
C GLU A 122 -6.13 -0.01 -16.91
N VAL A 123 -6.74 -0.82 -17.78
CA VAL A 123 -6.13 -2.05 -18.32
C VAL A 123 -5.05 -1.76 -19.38
N LEU A 124 -5.17 -0.65 -20.13
CA LEU A 124 -4.14 -0.20 -21.07
C LEU A 124 -3.10 0.69 -20.38
N LEU A 125 -3.51 1.46 -19.36
CA LEU A 125 -2.60 2.10 -18.43
C LEU A 125 -1.81 1.08 -17.60
N GLU A 126 -2.32 -0.14 -17.35
CA GLU A 126 -1.53 -1.27 -16.82
C GLU A 126 -0.39 -1.67 -17.77
N ALA A 127 -0.66 -1.78 -19.07
CA ALA A 127 0.34 -2.18 -20.05
C ALA A 127 1.48 -1.15 -20.13
N LEU A 128 1.15 0.13 -20.00
CA LEU A 128 2.10 1.21 -19.76
C LEU A 128 2.74 1.14 -18.36
N ALA A 129 1.99 0.82 -17.29
CA ALA A 129 2.47 0.79 -15.91
C ALA A 129 3.63 -0.17 -15.66
N ALA A 130 3.67 -1.33 -16.34
CA ALA A 130 4.82 -2.23 -16.29
C ALA A 130 6.11 -1.54 -16.79
N LEU A 131 6.03 -0.75 -17.87
CA LEU A 131 7.14 0.05 -18.39
C LEU A 131 7.41 1.29 -17.51
N LEU A 132 6.36 1.92 -16.98
CA LEU A 132 6.46 3.06 -16.07
C LEU A 132 7.14 2.68 -14.74
N GLN A 133 6.92 1.46 -14.22
CA GLN A 133 7.60 0.95 -13.02
C GLN A 133 9.13 0.95 -13.20
N VAL A 134 9.65 0.43 -14.31
CA VAL A 134 11.09 0.50 -14.59
C VAL A 134 11.54 1.93 -14.90
N ILE A 135 10.78 2.71 -15.69
CA ILE A 135 11.09 4.13 -15.97
C ILE A 135 11.16 5.00 -14.69
N ASN A 136 10.50 4.61 -13.60
CA ASN A 136 10.59 5.27 -12.30
C ASN A 136 11.99 5.18 -11.62
N GLY A 137 12.86 4.23 -12.02
CA GLY A 137 14.22 4.11 -11.45
C GLY A 137 15.09 2.90 -11.85
N ALA A 138 14.52 1.89 -12.52
CA ALA A 138 15.18 0.73 -13.15
C ALA A 138 16.40 0.15 -12.41
N GLN A 139 16.22 -0.31 -11.16
CA GLN A 139 17.33 -0.81 -10.33
C GLN A 139 18.08 -2.03 -10.91
N ILE A 140 17.38 -2.91 -11.66
CA ILE A 140 17.90 -4.00 -12.51
C ILE A 140 16.76 -4.73 -13.26
N THR A 141 15.73 -5.20 -12.54
CA THR A 141 14.53 -5.88 -13.10
C THR A 141 13.35 -5.93 -12.10
N ASP A 142 13.21 -4.90 -11.25
CA ASP A 142 12.16 -4.83 -10.21
C ASP A 142 10.78 -4.45 -10.81
N VAL A 143 10.15 -5.43 -11.46
CA VAL A 143 8.90 -5.29 -12.25
C VAL A 143 8.00 -6.54 -12.17
N ASN A 144 7.99 -7.21 -11.01
CA ASN A 144 7.13 -8.38 -10.73
C ASN A 144 5.65 -7.97 -10.52
N VAL A 145 5.00 -7.53 -11.60
CA VAL A 145 3.61 -7.03 -11.65
C VAL A 145 2.80 -7.81 -12.72
N SER A 146 3.00 -9.13 -12.75
CA SER A 146 2.50 -10.06 -13.78
C SER A 146 1.97 -11.35 -13.16
N SER A 147 0.78 -11.25 -12.55
CA SER A 147 0.09 -12.36 -11.87
C SER A 147 -1.41 -12.08 -11.72
N VAL A 148 -1.83 -11.54 -10.57
CA VAL A 148 -3.21 -11.16 -10.22
C VAL A 148 -3.25 -10.09 -9.08
N PRO A 149 -2.49 -8.96 -9.17
CA PRO A 149 -2.38 -7.98 -8.07
C PRO A 149 -3.69 -7.24 -7.73
N SER A 150 -4.01 -6.11 -8.38
CA SER A 150 -5.31 -5.41 -8.22
C SER A 150 -5.73 -4.63 -9.47
N VAL A 151 -4.79 -3.96 -10.16
CA VAL A 151 -5.00 -3.52 -11.56
C VAL A 151 -5.18 -4.72 -12.53
N ASN A 152 -5.03 -5.96 -12.03
CA ASN A 152 -5.58 -7.18 -12.61
C ASN A 152 -6.84 -7.64 -11.84
N ALA A 153 -6.70 -8.09 -10.58
CA ALA A 153 -7.79 -8.75 -9.85
C ALA A 153 -9.03 -7.88 -9.67
N ALA A 154 -8.86 -6.73 -9.01
CA ALA A 154 -9.93 -5.77 -8.74
C ALA A 154 -10.47 -5.14 -10.03
N LEU A 155 -9.60 -4.83 -10.99
CA LEU A 155 -9.98 -4.32 -12.31
C LEU A 155 -10.88 -5.32 -13.06
N VAL A 156 -10.50 -6.60 -13.15
CA VAL A 156 -11.32 -7.65 -13.77
C VAL A 156 -12.64 -7.79 -13.02
N SER A 157 -12.64 -7.83 -11.68
CA SER A 157 -13.86 -7.82 -10.86
C SER A 157 -14.76 -6.61 -11.12
N ALA A 158 -14.21 -5.47 -11.52
CA ALA A 158 -14.96 -4.26 -11.84
C ALA A 158 -15.51 -4.24 -13.29
N LEU A 159 -14.70 -4.66 -14.26
CA LEU A 159 -15.08 -4.73 -15.68
C LEU A 159 -16.11 -5.85 -15.93
N VAL A 160 -15.96 -7.00 -15.25
CA VAL A 160 -16.92 -8.13 -15.30
C VAL A 160 -18.17 -7.91 -14.41
N ALA A 161 -18.06 -7.03 -13.41
CA ALA A 161 -19.05 -6.72 -12.36
C ALA A 161 -19.86 -7.93 -11.84
N SER A 1 -20.37 18.01 20.44
CA SER A 1 -21.83 18.22 20.69
C SER A 1 -22.39 19.24 19.69
N GLY A 2 -23.69 19.55 19.77
CA GLY A 2 -24.35 20.51 18.88
C GLY A 2 -24.20 21.97 19.36
N ASN A 3 -23.74 22.86 18.46
CA ASN A 3 -23.86 24.32 18.62
C ASN A 3 -25.31 24.84 18.43
N TYR A 4 -26.21 23.99 17.92
CA TYR A 4 -27.65 24.27 17.81
C TYR A 4 -28.26 24.67 19.17
N LEU A 5 -29.38 25.40 19.14
CA LEU A 5 -30.06 26.04 20.29
C LEU A 5 -29.26 27.21 20.90
N GLY A 6 -27.92 27.19 20.85
CA GLY A 6 -27.05 28.33 21.19
C GLY A 6 -26.95 29.42 20.11
N VAL A 7 -27.38 29.12 18.89
CA VAL A 7 -27.57 30.11 17.79
C VAL A 7 -28.64 31.16 18.10
N SER A 8 -29.47 30.92 19.12
CA SER A 8 -30.48 31.85 19.66
C SER A 8 -30.24 32.09 21.16
N GLN A 9 -30.70 33.23 21.68
CA GLN A 9 -30.46 33.67 23.07
C GLN A 9 -31.32 32.90 24.09
N ASN A 10 -30.98 31.63 24.33
CA ASN A 10 -31.77 30.68 25.14
C ASN A 10 -30.91 29.72 25.99
N PHE A 11 -29.72 30.19 26.44
CA PHE A 11 -28.77 29.44 27.29
C PHE A 11 -28.43 28.03 26.75
N GLY A 12 -28.04 27.94 25.47
CA GLY A 12 -27.71 26.67 24.80
C GLY A 12 -26.21 26.32 24.87
N ARG A 13 -25.43 26.86 23.93
CA ARG A 13 -23.96 26.68 23.78
C ARG A 13 -23.33 27.96 23.19
N ILE A 14 -22.89 28.86 24.07
CA ILE A 14 -22.07 30.02 23.70
C ILE A 14 -20.62 29.59 23.39
N ALA A 15 -20.12 28.57 24.10
CA ALA A 15 -18.82 27.94 23.82
C ALA A 15 -18.80 27.26 22.42
N PRO A 16 -17.72 27.41 21.62
CA PRO A 16 -17.62 26.92 20.25
C PRO A 16 -17.36 25.39 20.18
N VAL A 17 -18.34 24.57 20.58
CA VAL A 17 -18.25 23.10 20.69
C VAL A 17 -18.25 22.36 19.32
N THR A 18 -17.93 23.04 18.22
CA THR A 18 -17.82 22.46 16.86
C THR A 18 -16.58 21.55 16.72
N GLY A 19 -16.69 20.52 15.86
CA GLY A 19 -15.64 19.52 15.61
C GLY A 19 -15.29 18.65 16.83
N GLY A 20 -14.22 17.84 16.70
CA GLY A 20 -13.65 17.04 17.80
C GLY A 20 -13.49 15.54 17.49
N THR A 21 -12.82 15.20 16.39
CA THR A 21 -12.75 13.82 15.84
C THR A 21 -11.29 13.34 15.66
N ALA A 22 -10.40 13.79 16.54
CA ALA A 22 -8.96 13.47 16.53
C ALA A 22 -8.35 13.40 17.94
N GLY A 23 -8.59 12.30 18.65
CA GLY A 23 -8.10 12.03 20.01
C GLY A 23 -6.64 11.54 20.04
N ILE A 24 -5.72 12.28 19.42
CA ILE A 24 -4.28 11.98 19.33
C ILE A 24 -3.59 11.96 20.71
N SER A 25 -3.46 10.75 21.30
CA SER A 25 -3.11 10.49 22.70
C SER A 25 -4.11 11.07 23.72
N VAL A 26 -3.99 10.63 24.98
CA VAL A 26 -4.93 10.90 26.09
C VAL A 26 -4.23 11.24 27.41
N GLY A 27 -3.00 11.77 27.33
CA GLY A 27 -2.15 12.15 28.47
C GLY A 27 -1.04 11.12 28.70
N VAL A 28 0.21 11.52 28.43
CA VAL A 28 1.43 10.69 28.33
C VAL A 28 1.37 9.65 27.19
N PRO A 29 2.36 9.61 26.26
CA PRO A 29 2.42 8.63 25.17
C PRO A 29 2.66 7.20 25.68
N GLY A 30 2.50 6.21 24.78
CA GLY A 30 2.54 4.77 25.09
C GLY A 30 3.80 4.25 25.82
N TYR A 31 4.91 4.97 25.72
CA TYR A 31 6.17 4.72 26.45
C TYR A 31 6.94 6.03 26.72
N LEU A 32 7.22 6.79 25.65
CA LEU A 32 7.94 8.08 25.70
C LEU A 32 7.83 8.88 24.38
N ARG A 33 7.85 8.17 23.23
CA ARG A 33 7.43 8.67 21.90
C ARG A 33 7.20 7.49 20.93
N THR A 34 8.21 6.64 20.76
CA THR A 34 8.32 5.62 19.71
C THR A 34 8.94 4.34 20.28
N PRO A 35 8.15 3.39 20.82
CA PRO A 35 8.62 2.14 21.43
C PRO A 35 9.14 1.10 20.41
N SER A 36 10.06 1.51 19.53
CA SER A 36 10.71 0.67 18.51
C SER A 36 12.06 1.22 18.04
N SER A 37 12.21 2.55 17.94
CA SER A 37 13.43 3.25 17.50
C SER A 37 13.92 2.85 16.09
N THR A 38 12.99 2.73 15.14
CA THR A 38 13.24 2.26 13.75
C THR A 38 12.57 3.19 12.73
N ILE A 39 13.07 4.42 12.57
CA ILE A 39 12.71 5.41 11.52
C ILE A 39 11.22 5.46 11.09
N LEU A 40 10.31 5.54 12.07
CA LEU A 40 8.84 5.48 11.90
C LEU A 40 8.34 4.23 11.15
N ALA A 41 8.88 3.05 11.53
CA ALA A 41 8.53 1.74 10.99
C ALA A 41 8.42 0.63 12.08
N PRO A 42 7.54 0.78 13.09
CA PRO A 42 7.27 -0.23 14.14
C PRO A 42 6.39 -1.41 13.65
N SER A 43 6.39 -1.71 12.35
CA SER A 43 5.47 -2.63 11.63
C SER A 43 3.98 -2.28 11.70
N ASN A 44 3.58 -1.32 12.54
CA ASN A 44 2.24 -0.75 12.67
C ASN A 44 2.21 0.76 12.34
N ALA A 45 3.22 1.25 11.61
CA ALA A 45 3.16 2.53 10.89
C ALA A 45 3.56 2.39 9.41
N GLN A 46 4.67 1.69 9.08
CA GLN A 46 5.06 1.48 7.67
C GLN A 46 4.02 0.69 6.85
N ILE A 47 3.54 -0.44 7.37
CA ILE A 47 2.55 -1.29 6.67
C ILE A 47 1.20 -0.59 6.52
N ILE A 48 0.74 0.16 7.53
CA ILE A 48 -0.49 0.97 7.40
C ILE A 48 -0.27 2.24 6.56
N SER A 49 0.95 2.78 6.47
CA SER A 49 1.29 3.87 5.55
C SER A 49 1.23 3.46 4.09
N LEU A 50 1.44 2.19 3.73
CA LEU A 50 1.09 1.66 2.40
C LEU A 50 -0.41 1.90 2.09
N GLY A 51 -1.28 1.64 3.07
CA GLY A 51 -2.72 1.83 2.93
C GLY A 51 -3.13 3.31 2.96
N LEU A 52 -2.72 4.06 3.98
CA LEU A 52 -3.00 5.50 4.08
C LEU A 52 -2.42 6.30 2.91
N GLN A 53 -1.24 5.94 2.37
CA GLN A 53 -0.75 6.49 1.12
C GLN A 53 -1.69 6.17 -0.05
N THR A 54 -2.13 4.92 -0.26
CA THR A 54 -3.02 4.60 -1.40
C THR A 54 -4.38 5.30 -1.28
N THR A 55 -4.94 5.40 -0.07
CA THR A 55 -6.25 6.02 0.20
C THR A 55 -6.22 7.56 0.14
N LEU A 56 -5.12 8.21 0.56
CA LEU A 56 -4.98 9.69 0.58
C LEU A 56 -4.05 10.23 -0.53
N ALA A 57 -3.50 9.38 -1.40
CA ALA A 57 -2.80 9.80 -2.62
C ALA A 57 -3.59 10.80 -3.50
N PRO A 58 -4.90 10.62 -3.81
CA PRO A 58 -5.65 11.62 -4.58
C PRO A 58 -5.92 12.92 -3.80
N VAL A 59 -5.74 12.93 -2.48
CA VAL A 59 -5.76 14.14 -1.62
C VAL A 59 -4.40 14.86 -1.66
N LEU A 60 -3.30 14.12 -1.49
CA LEU A 60 -1.93 14.66 -1.42
C LEU A 60 -1.29 14.99 -2.78
N SER A 61 -1.70 14.33 -3.86
CA SER A 61 -1.21 14.54 -5.24
C SER A 61 -1.85 15.78 -5.92
N SER A 62 -1.87 16.91 -5.21
CA SER A 62 -2.45 18.20 -5.63
C SER A 62 -3.92 18.10 -6.10
N SER A 63 -4.72 17.33 -5.36
CA SER A 63 -6.15 17.01 -5.58
C SER A 63 -6.44 16.13 -6.82
N GLY A 64 -7.60 15.46 -6.81
CA GLY A 64 -7.98 14.41 -7.76
C GLY A 64 -8.89 14.86 -8.91
N LEU A 65 -8.68 16.07 -9.46
CA LEU A 65 -9.56 16.69 -10.46
C LEU A 65 -9.56 16.05 -11.87
N SER A 66 -8.79 14.98 -12.12
CA SER A 66 -8.64 14.37 -13.46
C SER A 66 -8.47 12.84 -13.42
N SER A 67 -7.52 12.34 -12.60
CA SER A 67 -7.11 10.94 -12.57
C SER A 67 -6.94 10.44 -11.11
N ALA A 68 -7.91 10.76 -10.24
CA ALA A 68 -7.88 10.44 -8.81
C ALA A 68 -7.62 8.95 -8.52
N SER A 69 -8.48 8.06 -9.02
CA SER A 69 -8.43 6.62 -8.72
C SER A 69 -7.21 5.94 -9.36
N ALA A 70 -6.74 6.46 -10.50
CA ALA A 70 -5.48 6.09 -11.11
C ALA A 70 -4.29 6.49 -10.24
N SER A 71 -4.18 7.78 -9.90
CA SER A 71 -3.15 8.35 -9.02
C SER A 71 -3.08 7.63 -7.67
N ALA A 72 -4.23 7.26 -7.10
CA ALA A 72 -4.35 6.48 -5.88
C ALA A 72 -3.54 5.17 -5.95
N ARG A 73 -3.87 4.32 -6.92
CA ARG A 73 -3.21 3.02 -7.12
C ARG A 73 -1.76 3.14 -7.63
N VAL A 74 -1.51 4.07 -8.56
CA VAL A 74 -0.19 4.39 -9.10
C VAL A 74 0.77 4.84 -8.00
N SER A 75 0.29 5.55 -6.97
CA SER A 75 1.11 5.94 -5.82
C SER A 75 1.74 4.73 -5.12
N SER A 76 0.98 3.65 -4.90
CA SER A 76 1.53 2.40 -4.33
C SER A 76 2.54 1.68 -5.24
N LEU A 77 2.38 1.76 -6.56
CA LEU A 77 3.39 1.27 -7.53
C LEU A 77 4.65 2.16 -7.56
N ALA A 78 4.50 3.48 -7.45
CA ALA A 78 5.62 4.41 -7.25
C ALA A 78 6.35 4.15 -5.91
N GLN A 79 5.62 3.87 -4.82
CA GLN A 79 6.17 3.39 -3.55
C GLN A 79 6.90 2.04 -3.70
N SER A 80 6.40 1.11 -4.52
CA SER A 80 7.10 -0.16 -4.80
C SER A 80 8.51 0.09 -5.37
N LEU A 81 8.65 1.11 -6.23
CA LEU A 81 9.94 1.65 -6.69
C LEU A 81 10.71 2.36 -5.54
N ALA A 82 10.09 3.30 -4.82
CA ALA A 82 10.80 4.17 -3.88
C ALA A 82 11.29 3.42 -2.63
N SER A 83 10.56 2.41 -2.19
CA SER A 83 10.98 1.46 -1.15
C SER A 83 12.16 0.59 -1.61
N ALA A 84 12.22 0.24 -2.90
CA ALA A 84 13.39 -0.42 -3.50
C ALA A 84 14.63 0.48 -3.58
N LEU A 85 14.45 1.80 -3.75
CA LEU A 85 15.53 2.79 -3.60
C LEU A 85 15.92 3.05 -2.12
N SER A 86 15.30 2.36 -1.16
CA SER A 86 15.56 2.48 0.29
C SER A 86 16.13 1.18 0.89
N THR A 87 15.49 0.02 0.63
CA THR A 87 15.88 -1.30 1.16
C THR A 87 15.58 -2.47 0.20
N SER A 88 14.45 -2.43 -0.52
CA SER A 88 13.96 -3.53 -1.39
C SER A 88 14.72 -3.63 -2.75
N ARG A 89 14.20 -4.39 -3.72
CA ARG A 89 14.75 -4.51 -5.10
C ARG A 89 13.69 -4.63 -6.20
N GLY A 90 12.53 -4.02 -6.01
CA GLY A 90 11.33 -4.14 -6.87
C GLY A 90 10.38 -5.26 -6.43
N THR A 91 10.81 -6.06 -5.46
CA THR A 91 10.09 -7.14 -4.78
C THR A 91 10.38 -7.07 -3.28
N LEU A 92 9.53 -7.67 -2.45
CA LEU A 92 9.63 -7.62 -0.97
C LEU A 92 9.01 -8.84 -0.30
N SER A 93 7.80 -9.22 -0.75
CA SER A 93 7.03 -10.39 -0.34
C SER A 93 6.28 -10.96 -1.54
N LEU A 94 5.79 -12.21 -1.45
CA LEU A 94 5.00 -12.85 -2.50
C LEU A 94 3.54 -12.97 -2.09
N SER A 95 3.20 -13.87 -1.16
CA SER A 95 1.82 -14.07 -0.68
C SER A 95 1.25 -12.84 0.01
N THR A 96 2.00 -12.18 0.89
CA THR A 96 1.59 -10.93 1.55
C THR A 96 1.34 -9.80 0.55
N PHE A 97 2.25 -9.54 -0.39
CA PHE A 97 2.09 -8.47 -1.39
C PHE A 97 0.89 -8.75 -2.32
N LEU A 98 0.80 -9.97 -2.85
CA LEU A 98 -0.29 -10.43 -3.71
C LEU A 98 -1.66 -10.33 -3.01
N ASN A 99 -1.78 -10.83 -1.78
CA ASN A 99 -3.01 -10.70 -0.99
C ASN A 99 -3.32 -9.23 -0.66
N LEU A 100 -2.30 -8.39 -0.45
CA LEU A 100 -2.47 -6.94 -0.31
C LEU A 100 -3.16 -6.33 -1.52
N LEU A 101 -2.86 -6.72 -2.77
CA LEU A 101 -3.55 -6.17 -3.96
C LEU A 101 -5.08 -6.40 -3.95
N SER A 102 -5.54 -7.51 -3.37
CA SER A 102 -6.97 -7.78 -3.12
C SER A 102 -7.61 -6.77 -2.13
N SER A 103 -6.78 -6.06 -1.36
CA SER A 103 -7.16 -4.97 -0.45
C SER A 103 -6.80 -3.58 -0.98
N ILE A 104 -5.71 -3.38 -1.75
CA ILE A 104 -5.37 -2.08 -2.35
C ILE A 104 -6.50 -1.61 -3.28
N SER A 105 -7.02 -2.52 -4.11
CA SER A 105 -8.19 -2.26 -4.96
C SER A 105 -9.46 -1.94 -4.16
N SER A 106 -9.63 -2.56 -2.98
CA SER A 106 -10.73 -2.29 -2.05
C SER A 106 -10.56 -1.00 -1.21
N GLU A 107 -9.33 -0.52 -1.02
CA GLU A 107 -9.02 0.72 -0.28
C GLU A 107 -9.27 1.96 -1.14
N ILE A 108 -8.94 1.92 -2.43
CA ILE A 108 -9.19 3.04 -3.37
C ILE A 108 -10.68 3.20 -3.72
N ARG A 109 -11.48 2.13 -3.69
CA ARG A 109 -12.97 2.14 -3.78
C ARG A 109 -13.56 0.81 -3.28
N ALA A 110 -14.81 0.80 -2.81
CA ALA A 110 -15.45 -0.37 -2.17
C ALA A 110 -15.42 -1.69 -2.98
N SER A 111 -15.47 -1.62 -4.31
CA SER A 111 -15.19 -2.76 -5.20
C SER A 111 -13.70 -2.79 -5.56
N THR A 112 -13.30 -2.34 -6.77
CA THR A 112 -11.92 -2.47 -7.29
C THR A 112 -11.49 -1.29 -8.17
N SER A 113 -11.95 -0.07 -7.83
CA SER A 113 -11.71 1.25 -8.49
C SER A 113 -12.92 1.75 -9.31
N LEU A 114 -14.14 1.48 -8.83
CA LEU A 114 -15.43 1.64 -9.55
C LEU A 114 -15.42 1.10 -11.00
N ASP A 115 -14.81 -0.07 -11.19
CA ASP A 115 -14.64 -0.78 -12.47
C ASP A 115 -15.95 -1.38 -13.05
N GLY A 116 -17.02 -0.57 -13.13
CA GLY A 116 -18.28 -0.90 -13.80
C GLY A 116 -18.39 -0.37 -15.24
N THR A 117 -17.66 0.71 -15.56
CA THR A 117 -17.67 1.36 -16.90
C THR A 117 -16.26 1.77 -17.34
N GLN A 118 -15.48 2.43 -16.48
CA GLN A 118 -14.08 2.78 -16.77
C GLN A 118 -13.10 1.59 -16.74
N ALA A 119 -13.59 0.37 -16.47
CA ALA A 119 -12.74 -0.80 -16.24
C ALA A 119 -11.78 -1.14 -17.39
N THR A 120 -12.24 -1.01 -18.64
CA THR A 120 -11.43 -1.29 -19.84
C THR A 120 -10.21 -0.36 -19.93
N VAL A 121 -10.38 0.93 -19.60
CA VAL A 121 -9.24 1.87 -19.51
C VAL A 121 -8.46 1.71 -18.21
N GLU A 122 -9.10 1.38 -17.08
CA GLU A 122 -8.40 1.08 -15.82
C GLU A 122 -7.42 -0.10 -15.92
N VAL A 123 -7.81 -1.20 -16.58
CA VAL A 123 -6.91 -2.36 -16.76
C VAL A 123 -5.71 -2.02 -17.66
N LEU A 124 -5.87 -1.15 -18.67
CA LEU A 124 -4.77 -0.69 -19.53
C LEU A 124 -3.90 0.37 -18.82
N LEU A 125 -4.50 1.23 -17.98
CA LEU A 125 -3.81 2.11 -17.05
C LEU A 125 -2.87 1.30 -16.14
N GLU A 126 -3.31 0.18 -15.57
CA GLU A 126 -2.45 -0.65 -14.71
C GLU A 126 -1.38 -1.42 -15.50
N ALA A 127 -1.67 -1.85 -16.74
CA ALA A 127 -0.65 -2.36 -17.65
C ALA A 127 0.45 -1.31 -17.96
N LEU A 128 0.05 -0.05 -18.17
CA LEU A 128 0.96 1.10 -18.26
C LEU A 128 1.65 1.38 -16.92
N ALA A 129 0.97 1.30 -15.78
CA ALA A 129 1.54 1.64 -14.46
C ALA A 129 2.73 0.75 -14.06
N ALA A 130 2.75 -0.51 -14.49
CA ALA A 130 3.91 -1.39 -14.37
C ALA A 130 5.16 -0.85 -15.12
N LEU A 131 4.97 -0.17 -16.24
CA LEU A 131 6.03 0.54 -16.99
C LEU A 131 6.28 1.95 -16.44
N LEU A 132 5.24 2.64 -15.96
CA LEU A 132 5.29 4.00 -15.42
C LEU A 132 6.07 4.04 -14.10
N GLN A 133 5.91 3.05 -13.21
CA GLN A 133 6.77 2.93 -12.02
C GLN A 133 8.22 2.55 -12.38
N VAL A 134 8.43 1.74 -13.42
CA VAL A 134 9.77 1.44 -13.95
C VAL A 134 10.46 2.73 -14.44
N ILE A 135 9.75 3.55 -15.21
CA ILE A 135 10.24 4.79 -15.83
C ILE A 135 10.36 5.96 -14.82
N ASN A 136 9.57 6.01 -13.75
CA ASN A 136 9.67 7.03 -12.69
C ASN A 136 11.06 7.07 -12.03
N GLY A 137 11.76 5.94 -11.93
CA GLY A 137 13.14 5.90 -11.42
C GLY A 137 13.66 4.54 -10.95
N ALA A 138 13.09 3.41 -11.42
CA ALA A 138 13.54 2.07 -11.06
C ALA A 138 14.76 1.63 -11.91
N GLN A 139 14.83 0.35 -12.27
CA GLN A 139 15.89 -0.28 -13.06
C GLN A 139 15.32 -0.75 -14.43
N ILE A 140 15.67 -1.95 -14.91
CA ILE A 140 15.32 -2.45 -16.25
C ILE A 140 14.52 -3.77 -16.19
N THR A 141 14.76 -4.64 -15.20
CA THR A 141 14.20 -6.01 -15.12
C THR A 141 13.64 -6.38 -13.73
N ASP A 142 13.53 -5.43 -12.80
CA ASP A 142 13.08 -5.65 -11.42
C ASP A 142 11.54 -5.78 -11.27
N VAL A 143 10.77 -5.50 -12.32
CA VAL A 143 9.29 -5.56 -12.35
C VAL A 143 8.77 -7.01 -12.44
N ASN A 144 8.61 -7.67 -11.28
CA ASN A 144 8.24 -9.09 -11.15
C ASN A 144 6.85 -9.25 -10.46
N VAL A 145 5.90 -8.37 -10.83
CA VAL A 145 4.54 -8.30 -10.25
C VAL A 145 3.48 -9.06 -11.08
N SER A 146 3.86 -9.62 -12.23
CA SER A 146 3.02 -10.50 -13.06
C SER A 146 2.55 -11.75 -12.32
N SER A 147 1.23 -11.99 -12.27
CA SER A 147 0.64 -13.25 -11.79
C SER A 147 -0.82 -13.45 -12.26
N VAL A 148 -1.69 -12.47 -11.98
CA VAL A 148 -3.15 -12.32 -12.24
C VAL A 148 -3.84 -11.58 -11.06
N PRO A 149 -3.77 -12.05 -9.80
CA PRO A 149 -4.35 -11.37 -8.63
C PRO A 149 -3.52 -10.15 -8.16
N SER A 150 -3.01 -9.35 -9.11
CA SER A 150 -2.13 -8.21 -8.91
C SER A 150 -2.66 -7.00 -9.68
N VAL A 151 -3.68 -6.34 -9.11
CA VAL A 151 -4.46 -5.24 -9.70
C VAL A 151 -4.89 -5.52 -11.16
N ASN A 152 -5.29 -6.76 -11.43
CA ASN A 152 -5.72 -7.26 -12.74
C ASN A 152 -6.97 -8.14 -12.57
N ALA A 153 -6.89 -9.23 -11.79
CA ALA A 153 -8.05 -10.03 -11.41
C ALA A 153 -9.15 -9.20 -10.74
N ALA A 154 -8.76 -8.30 -9.83
CA ALA A 154 -9.66 -7.37 -9.16
C ALA A 154 -10.47 -6.51 -10.14
N LEU A 155 -9.78 -5.86 -11.07
CA LEU A 155 -10.36 -4.95 -12.07
C LEU A 155 -11.25 -5.74 -13.06
N VAL A 156 -10.79 -6.90 -13.53
CA VAL A 156 -11.54 -7.83 -14.38
C VAL A 156 -12.79 -8.38 -13.67
N SER A 157 -12.71 -8.73 -12.39
CA SER A 157 -13.85 -9.23 -11.59
C SER A 157 -14.98 -8.20 -11.48
N ALA A 158 -14.67 -6.90 -11.37
CA ALA A 158 -15.69 -5.85 -11.41
C ALA A 158 -16.23 -5.58 -12.83
N LEU A 159 -15.40 -5.73 -13.87
CA LEU A 159 -15.81 -5.62 -15.28
C LEU A 159 -16.87 -6.68 -15.66
N VAL A 160 -16.90 -7.83 -14.99
CA VAL A 160 -17.95 -8.86 -15.17
C VAL A 160 -19.01 -8.90 -14.06
N ALA A 161 -18.67 -8.45 -12.85
CA ALA A 161 -19.45 -8.43 -11.59
C ALA A 161 -20.53 -9.54 -11.47
N SER A 1 17.42 -0.84 37.22
CA SER A 1 17.10 -1.68 36.04
C SER A 1 15.77 -2.41 36.21
N GLY A 2 15.72 -3.47 37.03
CA GLY A 2 14.50 -4.22 37.36
C GLY A 2 13.89 -3.81 38.71
N ASN A 3 12.88 -4.56 39.15
CA ASN A 3 12.04 -4.23 40.33
C ASN A 3 12.78 -4.10 41.69
N TYR A 4 13.66 -5.05 42.03
CA TYR A 4 14.40 -5.29 43.30
C TYR A 4 14.30 -6.79 43.70
N LEU A 5 14.76 -7.72 42.84
CA LEU A 5 14.66 -9.18 43.05
C LEU A 5 13.22 -9.69 43.37
N GLY A 6 12.20 -8.92 43.00
CA GLY A 6 10.78 -9.21 43.27
C GLY A 6 10.43 -9.29 44.76
N VAL A 7 10.69 -8.23 45.56
CA VAL A 7 10.33 -8.17 47.00
C VAL A 7 8.88 -8.56 47.34
N SER A 8 7.94 -8.34 46.40
CA SER A 8 6.52 -8.74 46.52
C SER A 8 6.28 -10.26 46.42
N GLN A 9 7.18 -11.00 45.76
CA GLN A 9 7.11 -12.43 45.41
C GLN A 9 5.69 -12.96 45.07
N ASN A 10 5.05 -12.29 44.10
CA ASN A 10 3.79 -12.73 43.46
C ASN A 10 3.71 -12.29 41.99
N PHE A 11 4.08 -11.02 41.70
CA PHE A 11 4.12 -10.47 40.33
C PHE A 11 5.38 -9.60 40.08
N GLY A 12 5.68 -8.65 40.99
CA GLY A 12 6.82 -7.72 40.83
C GLY A 12 6.75 -6.87 39.55
N ARG A 13 5.54 -6.53 39.09
CA ARG A 13 5.25 -5.90 37.79
C ARG A 13 4.09 -4.88 37.83
N ILE A 14 3.28 -4.89 38.89
CA ILE A 14 2.17 -3.94 39.13
C ILE A 14 2.66 -2.49 39.26
N ALA A 15 3.42 -2.18 40.32
CA ALA A 15 4.03 -0.87 40.61
C ALA A 15 5.18 -0.99 41.66
N PRO A 16 6.14 -1.93 41.51
CA PRO A 16 7.18 -2.17 42.53
C PRO A 16 8.13 -0.97 42.72
N VAL A 17 8.39 -0.23 41.63
CA VAL A 17 9.11 1.05 41.58
C VAL A 17 8.39 1.96 40.58
N THR A 18 7.52 2.83 41.10
CA THR A 18 6.71 3.77 40.29
C THR A 18 7.55 4.82 39.55
N GLY A 19 8.73 5.17 40.08
CA GLY A 19 9.65 6.16 39.50
C GLY A 19 9.22 7.62 39.66
N GLY A 20 10.07 8.55 39.21
CA GLY A 20 9.87 10.00 39.34
C GLY A 20 11.17 10.79 39.48
N THR A 21 12.13 10.58 38.57
CA THR A 21 13.55 10.94 38.73
C THR A 21 13.83 12.45 38.92
N ALA A 22 13.25 13.29 38.06
CA ALA A 22 13.21 14.77 38.00
C ALA A 22 13.90 15.36 36.75
N GLY A 23 14.91 14.69 36.19
CA GLY A 23 15.62 15.11 34.97
C GLY A 23 16.31 16.48 35.05
N ILE A 24 17.05 16.74 36.14
CA ILE A 24 17.80 18.00 36.40
C ILE A 24 18.74 18.40 35.24
N SER A 25 19.33 17.40 34.56
CA SER A 25 20.20 17.54 33.38
C SER A 25 19.87 16.44 32.35
N VAL A 26 20.67 16.30 31.29
CA VAL A 26 20.53 15.25 30.26
C VAL A 26 19.21 15.42 29.47
N GLY A 27 19.12 16.55 28.76
CA GLY A 27 17.97 16.98 27.95
C GLY A 27 17.80 16.23 26.61
N VAL A 28 17.68 14.91 26.66
CA VAL A 28 17.58 13.99 25.51
C VAL A 28 16.54 12.89 25.81
N PRO A 29 15.64 12.53 24.86
CA PRO A 29 14.63 11.49 25.08
C PRO A 29 15.23 10.07 25.22
N GLY A 30 14.40 9.14 25.70
CA GLY A 30 14.73 7.70 25.82
C GLY A 30 14.03 6.81 24.76
N TYR A 31 13.31 7.42 23.81
CA TYR A 31 12.44 6.76 22.82
C TYR A 31 13.06 6.72 21.40
N LEU A 32 13.95 7.66 21.06
CA LEU A 32 14.57 7.78 19.72
C LEU A 32 15.57 6.66 19.34
N ARG A 33 15.77 5.65 20.21
CA ARG A 33 16.68 4.49 20.05
C ARG A 33 15.93 3.15 19.87
N THR A 34 14.65 3.19 19.49
CA THR A 34 13.72 2.04 19.35
C THR A 34 13.69 1.11 20.59
N PRO A 35 12.86 1.43 21.61
CA PRO A 35 12.86 0.78 22.94
C PRO A 35 12.20 -0.61 22.97
N SER A 36 12.53 -1.48 22.01
CA SER A 36 11.99 -2.83 21.75
C SER A 36 10.54 -2.85 21.24
N SER A 37 9.66 -2.08 21.87
CA SER A 37 8.29 -1.79 21.42
C SER A 37 7.78 -0.48 22.05
N THR A 38 6.77 0.14 21.45
CA THR A 38 6.28 1.49 21.82
C THR A 38 4.80 1.67 21.47
N ILE A 39 3.96 0.79 22.04
CA ILE A 39 2.52 0.61 21.80
C ILE A 39 2.21 0.14 20.36
N LEU A 40 2.56 0.94 19.34
CA LEU A 40 2.51 0.53 17.93
C LEU A 40 3.69 -0.37 17.55
N ALA A 41 4.88 -0.12 18.13
CA ALA A 41 6.16 -0.77 17.83
C ALA A 41 6.68 -0.46 16.38
N PRO A 42 7.81 -1.02 15.91
CA PRO A 42 8.25 -0.88 14.52
C PRO A 42 7.49 -1.86 13.58
N SER A 43 7.99 -2.05 12.35
CA SER A 43 7.42 -2.86 11.25
C SER A 43 6.20 -2.19 10.58
N ASN A 44 5.21 -1.76 11.37
CA ASN A 44 4.11 -0.89 10.95
C ASN A 44 4.54 0.59 10.82
N ALA A 45 5.65 0.82 10.11
CA ALA A 45 6.19 2.14 9.79
C ALA A 45 6.58 2.26 8.30
N GLN A 46 7.43 1.35 7.77
CA GLN A 46 7.71 1.28 6.32
C GLN A 46 6.47 0.82 5.53
N ILE A 47 5.84 -0.30 5.95
CA ILE A 47 4.66 -0.82 5.24
C ILE A 47 3.47 0.17 5.30
N ILE A 48 3.46 1.03 6.32
CA ILE A 48 2.47 2.10 6.51
C ILE A 48 2.82 3.37 5.71
N SER A 49 4.02 3.57 5.15
CA SER A 49 4.25 4.66 4.16
C SER A 49 3.67 4.32 2.78
N LEU A 50 3.71 3.03 2.38
CA LEU A 50 2.94 2.48 1.27
C LEU A 50 1.42 2.60 1.54
N GLY A 51 0.99 2.30 2.78
CA GLY A 51 -0.38 2.47 3.25
C GLY A 51 -0.86 3.92 3.15
N LEU A 52 -0.25 4.83 3.93
CA LEU A 52 -0.58 6.26 4.00
C LEU A 52 -0.62 6.93 2.64
N GLN A 53 0.40 6.74 1.79
CA GLN A 53 0.43 7.35 0.46
C GLN A 53 -0.76 6.95 -0.41
N THR A 54 -1.35 5.76 -0.23
CA THR A 54 -2.48 5.27 -1.05
C THR A 54 -3.84 5.51 -0.37
N THR A 55 -3.89 5.43 0.97
CA THR A 55 -5.03 5.84 1.81
C THR A 55 -5.32 7.34 1.70
N LEU A 56 -4.27 8.17 1.70
CA LEU A 56 -4.35 9.63 1.57
C LEU A 56 -4.20 10.14 0.12
N ALA A 57 -3.92 9.28 -0.88
CA ALA A 57 -3.90 9.69 -2.28
C ALA A 57 -5.16 10.47 -2.75
N PRO A 58 -6.40 9.98 -2.53
CA PRO A 58 -7.61 10.73 -2.91
C PRO A 58 -7.83 12.03 -2.11
N VAL A 59 -7.05 12.26 -1.03
CA VAL A 59 -7.06 13.48 -0.20
C VAL A 59 -5.98 14.46 -0.67
N LEU A 60 -4.74 14.00 -0.90
CA LEU A 60 -3.63 14.80 -1.45
C LEU A 60 -3.85 15.22 -2.91
N SER A 61 -4.59 14.43 -3.69
CA SER A 61 -5.13 14.80 -5.02
C SER A 61 -6.29 15.82 -4.94
N SER A 62 -6.61 16.35 -3.75
CA SER A 62 -7.53 17.46 -3.47
C SER A 62 -8.89 17.36 -4.18
N SER A 63 -9.76 16.49 -3.63
CA SER A 63 -11.09 16.07 -4.12
C SER A 63 -11.00 14.88 -5.09
N GLY A 64 -9.96 14.86 -5.93
CA GLY A 64 -9.61 13.70 -6.77
C GLY A 64 -10.54 13.42 -7.95
N LEU A 65 -11.38 14.39 -8.36
CA LEU A 65 -12.39 14.27 -9.42
C LEU A 65 -11.86 14.00 -10.85
N SER A 66 -10.54 13.87 -11.04
CA SER A 66 -9.86 13.63 -12.33
C SER A 66 -9.04 12.34 -12.29
N SER A 67 -9.74 11.20 -12.20
CA SER A 67 -9.15 9.83 -12.19
C SER A 67 -8.13 9.59 -11.06
N ALA A 68 -8.25 10.26 -9.92
CA ALA A 68 -7.32 10.11 -8.80
C ALA A 68 -7.33 8.71 -8.16
N SER A 69 -8.37 7.92 -8.40
CA SER A 69 -8.42 6.49 -8.10
C SER A 69 -7.31 5.72 -8.84
N ALA A 70 -7.05 6.04 -10.10
CA ALA A 70 -5.91 5.50 -10.83
C ALA A 70 -4.58 6.13 -10.37
N SER A 71 -4.54 7.46 -10.15
CA SER A 71 -3.30 8.13 -9.70
C SER A 71 -2.80 7.61 -8.35
N ALA A 72 -3.70 7.16 -7.46
CA ALA A 72 -3.35 6.50 -6.21
C ALA A 72 -2.55 5.21 -6.42
N ARG A 73 -3.01 4.28 -7.29
CA ARG A 73 -2.28 3.04 -7.61
C ARG A 73 -1.02 3.31 -8.43
N VAL A 74 -1.06 4.28 -9.35
CA VAL A 74 0.12 4.77 -10.09
C VAL A 74 1.20 5.27 -9.11
N SER A 75 0.84 6.08 -8.11
CA SER A 75 1.76 6.52 -7.04
C SER A 75 2.21 5.37 -6.13
N SER A 76 1.30 4.43 -5.80
CA SER A 76 1.62 3.21 -5.04
C SER A 76 2.70 2.37 -5.75
N LEU A 77 2.57 2.21 -7.06
CA LEU A 77 3.54 1.56 -7.95
C LEU A 77 4.83 2.39 -8.11
N ALA A 78 4.74 3.71 -8.27
CA ALA A 78 5.90 4.59 -8.33
C ALA A 78 6.76 4.51 -7.06
N GLN A 79 6.15 4.61 -5.87
CA GLN A 79 6.85 4.40 -4.60
C GLN A 79 7.33 2.94 -4.43
N SER A 80 6.61 1.94 -4.96
CA SER A 80 7.06 0.54 -4.91
C SER A 80 8.46 0.38 -5.53
N LEU A 81 8.69 0.94 -6.72
CA LEU A 81 10.03 0.99 -7.31
C LEU A 81 10.98 1.91 -6.52
N ALA A 82 10.57 3.13 -6.16
CA ALA A 82 11.43 4.10 -5.46
C ALA A 82 11.95 3.59 -4.10
N SER A 83 11.12 2.85 -3.36
CA SER A 83 11.49 2.15 -2.12
C SER A 83 12.37 0.92 -2.41
N ALA A 84 12.07 0.16 -3.46
CA ALA A 84 12.91 -0.94 -3.91
C ALA A 84 14.33 -0.51 -4.37
N LEU A 85 14.52 0.71 -4.88
CA LEU A 85 15.84 1.29 -5.18
C LEU A 85 16.73 1.47 -3.92
N SER A 86 16.17 1.37 -2.71
CA SER A 86 16.90 1.36 -1.43
C SER A 86 17.63 0.02 -1.19
N THR A 87 18.60 -0.30 -2.06
CA THR A 87 19.47 -1.50 -1.99
C THR A 87 18.69 -2.82 -2.16
N SER A 88 17.65 -2.81 -3.01
CA SER A 88 16.65 -3.87 -3.20
C SER A 88 15.77 -4.12 -1.95
N ARG A 89 14.58 -4.67 -2.17
CA ARG A 89 13.63 -5.02 -1.08
C ARG A 89 13.10 -6.46 -1.15
N GLY A 90 13.69 -7.32 -1.99
CA GLY A 90 13.30 -8.73 -2.12
C GLY A 90 11.80 -8.91 -2.42
N THR A 91 11.29 -8.09 -3.36
CA THR A 91 9.88 -7.95 -3.76
C THR A 91 8.93 -7.49 -2.63
N LEU A 92 9.48 -6.91 -1.56
CA LEU A 92 8.87 -6.64 -0.25
C LEU A 92 8.39 -7.93 0.46
N SER A 93 7.35 -8.55 -0.09
CA SER A 93 6.73 -9.83 0.31
C SER A 93 5.88 -10.33 -0.87
N LEU A 94 5.53 -11.63 -0.91
CA LEU A 94 4.68 -12.18 -1.98
C LEU A 94 3.27 -12.55 -1.47
N SER A 95 3.17 -13.31 -0.37
CA SER A 95 1.87 -13.63 0.25
C SER A 95 1.17 -12.41 0.86
N THR A 96 1.93 -11.49 1.47
CA THR A 96 1.38 -10.18 1.88
C THR A 96 0.98 -9.35 0.67
N PHE A 97 1.78 -9.25 -0.39
CA PHE A 97 1.43 -8.52 -1.63
C PHE A 97 0.10 -9.00 -2.22
N LEU A 98 -0.09 -10.31 -2.40
CA LEU A 98 -1.34 -10.96 -2.80
C LEU A 98 -2.57 -10.44 -2.02
N ASN A 99 -2.46 -10.31 -0.69
CA ASN A 99 -3.52 -9.77 0.17
C ASN A 99 -3.57 -8.23 0.20
N LEU A 100 -2.43 -7.56 0.00
CA LEU A 100 -2.26 -6.11 0.03
C LEU A 100 -3.00 -5.43 -1.12
N LEU A 101 -2.90 -5.95 -2.35
CA LEU A 101 -3.60 -5.34 -3.49
C LEU A 101 -5.13 -5.37 -3.32
N SER A 102 -5.67 -6.38 -2.62
CA SER A 102 -7.08 -6.47 -2.23
C SER A 102 -7.49 -5.34 -1.27
N SER A 103 -6.62 -4.96 -0.32
CA SER A 103 -6.83 -3.77 0.53
C SER A 103 -6.62 -2.46 -0.23
N ILE A 104 -5.60 -2.37 -1.09
CA ILE A 104 -5.26 -1.15 -1.86
C ILE A 104 -6.35 -0.78 -2.88
N SER A 105 -6.95 -1.74 -3.60
CA SER A 105 -8.11 -1.48 -4.45
C SER A 105 -9.34 -1.00 -3.64
N SER A 106 -9.50 -1.52 -2.42
CA SER A 106 -10.56 -1.15 -1.49
C SER A 106 -10.38 0.24 -0.83
N GLU A 107 -9.14 0.66 -0.53
CA GLU A 107 -8.82 1.98 0.04
C GLU A 107 -9.24 3.15 -0.86
N ILE A 108 -9.16 2.96 -2.19
CA ILE A 108 -9.64 3.94 -3.18
C ILE A 108 -11.08 3.65 -3.60
N ARG A 109 -11.31 2.60 -4.42
CA ARG A 109 -12.56 2.13 -5.08
C ARG A 109 -12.32 1.50 -6.46
N ALA A 110 -11.38 2.03 -7.25
CA ALA A 110 -11.06 1.51 -8.58
C ALA A 110 -10.68 0.02 -8.54
N SER A 111 -10.98 -0.69 -9.64
CA SER A 111 -10.73 -2.13 -9.80
C SER A 111 -11.10 -2.97 -8.56
N THR A 112 -12.24 -2.61 -7.96
CA THR A 112 -13.02 -3.38 -6.97
C THR A 112 -14.46 -2.84 -6.99
N SER A 113 -15.39 -3.42 -6.23
CA SER A 113 -16.83 -3.09 -6.03
C SER A 113 -17.67 -2.44 -7.17
N LEU A 114 -17.32 -1.25 -7.70
CA LEU A 114 -17.95 -0.65 -8.91
C LEU A 114 -17.37 -1.17 -10.25
N ASP A 115 -16.44 -2.12 -10.19
CA ASP A 115 -15.75 -2.83 -11.27
C ASP A 115 -16.65 -3.57 -12.29
N GLY A 116 -17.44 -2.83 -13.08
CA GLY A 116 -18.38 -3.37 -14.09
C GLY A 116 -18.08 -2.96 -15.55
N THR A 117 -17.79 -1.68 -15.80
CA THR A 117 -17.37 -1.13 -17.12
C THR A 117 -16.50 0.13 -16.98
N GLN A 118 -16.79 1.02 -16.01
CA GLN A 118 -16.08 2.31 -15.87
C GLN A 118 -14.55 2.19 -15.74
N ALA A 119 -14.05 1.02 -15.31
CA ALA A 119 -12.64 0.71 -15.22
C ALA A 119 -11.90 0.64 -16.58
N THR A 120 -12.60 0.74 -17.73
CA THR A 120 -11.99 0.84 -19.06
C THR A 120 -10.87 1.89 -19.13
N VAL A 121 -11.08 3.08 -18.54
CA VAL A 121 -10.04 4.14 -18.45
C VAL A 121 -8.95 3.81 -17.41
N GLU A 122 -9.33 3.25 -16.26
CA GLU A 122 -8.37 2.79 -15.24
C GLU A 122 -7.41 1.72 -15.76
N VAL A 123 -7.86 0.80 -16.63
CA VAL A 123 -7.00 -0.15 -17.36
C VAL A 123 -5.89 0.55 -18.17
N LEU A 124 -6.18 1.69 -18.81
CA LEU A 124 -5.17 2.41 -19.60
C LEU A 124 -4.09 3.02 -18.69
N LEU A 125 -4.52 3.65 -17.60
CA LEU A 125 -3.67 4.28 -16.60
C LEU A 125 -2.83 3.26 -15.80
N GLU A 126 -3.39 2.08 -15.49
CA GLU A 126 -2.71 1.01 -14.75
C GLU A 126 -1.85 0.10 -15.64
N ALA A 127 -2.17 -0.05 -16.94
CA ALA A 127 -1.24 -0.59 -17.92
C ALA A 127 -0.01 0.32 -18.08
N LEU A 128 -0.22 1.64 -18.17
CA LEU A 128 0.85 2.63 -18.07
C LEU A 128 1.61 2.52 -16.73
N ALA A 129 0.95 2.26 -15.61
CA ALA A 129 1.61 2.15 -14.31
C ALA A 129 2.69 1.06 -14.24
N ALA A 130 2.52 -0.07 -14.94
CA ALA A 130 3.54 -1.12 -15.07
C ALA A 130 4.78 -0.66 -15.89
N LEU A 131 4.58 0.24 -16.87
CA LEU A 131 5.66 0.87 -17.64
C LEU A 131 6.29 2.04 -16.88
N LEU A 132 5.50 2.76 -16.09
CA LEU A 132 5.92 3.84 -15.20
C LEU A 132 6.77 3.31 -14.03
N GLN A 133 6.51 2.10 -13.52
CA GLN A 133 7.45 1.37 -12.66
C GLN A 133 8.83 1.24 -13.33
N VAL A 134 8.89 0.87 -14.61
CA VAL A 134 10.16 0.87 -15.38
C VAL A 134 10.77 2.26 -15.50
N ILE A 135 9.99 3.30 -15.83
CA ILE A 135 10.49 4.69 -15.91
C ILE A 135 11.03 5.20 -14.55
N ASN A 136 10.48 4.73 -13.42
CA ASN A 136 10.90 5.11 -12.07
C ASN A 136 12.28 4.54 -11.66
N GLY A 137 12.73 3.41 -12.23
CA GLY A 137 14.01 2.79 -11.83
C GLY A 137 14.49 1.55 -12.60
N ALA A 138 13.73 1.04 -13.58
CA ALA A 138 14.07 -0.03 -14.53
C ALA A 138 14.77 -1.29 -13.97
N GLN A 139 14.41 -1.71 -12.75
CA GLN A 139 15.01 -2.86 -12.07
C GLN A 139 14.59 -4.24 -12.63
N ILE A 140 13.42 -4.34 -13.28
CA ILE A 140 12.84 -5.59 -13.84
C ILE A 140 12.92 -6.78 -12.84
N THR A 141 12.60 -6.50 -11.56
CA THR A 141 12.57 -7.51 -10.48
C THR A 141 11.60 -7.17 -9.34
N ASP A 142 11.24 -5.89 -9.15
CA ASP A 142 10.21 -5.43 -8.20
C ASP A 142 8.89 -5.05 -8.91
N VAL A 143 8.62 -5.69 -10.06
CA VAL A 143 7.46 -5.48 -10.94
C VAL A 143 6.71 -6.80 -11.15
N ASN A 144 6.44 -7.52 -10.04
CA ASN A 144 5.73 -8.82 -9.98
C ASN A 144 4.21 -8.67 -10.18
N VAL A 145 3.82 -7.93 -11.22
CA VAL A 145 2.44 -7.47 -11.50
C VAL A 145 1.64 -8.47 -12.36
N SER A 146 2.10 -9.72 -12.46
CA SER A 146 1.53 -10.81 -13.27
C SER A 146 1.67 -12.17 -12.55
N SER A 147 0.53 -12.71 -12.09
CA SER A 147 0.31 -14.01 -11.41
C SER A 147 -1.12 -14.02 -10.82
N VAL A 148 -1.27 -14.02 -9.49
CA VAL A 148 -2.51 -13.76 -8.76
C VAL A 148 -2.22 -12.66 -7.73
N PRO A 149 -2.23 -11.37 -8.15
CA PRO A 149 -2.22 -10.21 -7.25
C PRO A 149 -3.63 -10.04 -6.66
N SER A 150 -4.26 -8.86 -6.78
CA SER A 150 -5.71 -8.69 -6.61
C SER A 150 -6.24 -7.52 -7.44
N VAL A 151 -5.68 -6.32 -7.28
CA VAL A 151 -6.03 -5.14 -8.10
C VAL A 151 -5.86 -5.37 -9.61
N ASN A 152 -4.82 -6.11 -10.03
CA ASN A 152 -4.57 -6.36 -11.46
C ASN A 152 -5.41 -7.52 -12.03
N ALA A 153 -5.74 -8.53 -11.20
CA ALA A 153 -6.73 -9.54 -11.55
C ALA A 153 -8.13 -8.90 -11.69
N ALA A 154 -8.47 -8.00 -10.77
CA ALA A 154 -9.73 -7.28 -10.76
C ALA A 154 -9.86 -6.25 -11.89
N LEU A 155 -8.83 -5.44 -12.24
CA LEU A 155 -8.91 -4.54 -13.41
C LEU A 155 -9.07 -5.29 -14.73
N VAL A 156 -8.51 -6.50 -14.86
CA VAL A 156 -8.78 -7.40 -15.99
C VAL A 156 -10.27 -7.80 -16.02
N SER A 157 -10.80 -8.30 -14.90
CA SER A 157 -12.22 -8.67 -14.79
C SER A 157 -13.19 -7.47 -14.88
N ALA A 158 -12.76 -6.25 -14.54
CA ALA A 158 -13.58 -5.04 -14.49
C ALA A 158 -14.12 -4.56 -15.86
N LEU A 159 -13.55 -5.07 -16.97
CA LEU A 159 -13.98 -4.80 -18.34
C LEU A 159 -14.83 -5.95 -18.94
N VAL A 160 -14.94 -7.08 -18.22
CA VAL A 160 -15.57 -8.34 -18.65
C VAL A 160 -16.36 -8.98 -17.49
N ALA A 161 -16.94 -8.11 -16.65
CA ALA A 161 -17.66 -8.41 -15.41
C ALA A 161 -18.84 -9.39 -15.59
N SER A 1 6.20 -21.00 7.23
CA SER A 1 5.92 -21.24 5.79
C SER A 1 5.44 -22.67 5.55
N GLY A 2 4.17 -22.85 5.15
CA GLY A 2 3.63 -24.14 4.70
C GLY A 2 2.13 -24.17 4.42
N ASN A 3 1.30 -23.77 5.39
CA ASN A 3 -0.17 -23.77 5.29
C ASN A 3 -0.69 -22.48 4.61
N TYR A 4 -0.79 -22.51 3.27
CA TYR A 4 -1.17 -21.38 2.40
C TYR A 4 -2.10 -21.82 1.25
N LEU A 5 -3.11 -22.66 1.55
CA LEU A 5 -4.02 -23.28 0.56
C LEU A 5 -3.26 -24.01 -0.58
N GLY A 6 -2.09 -24.58 -0.27
CA GLY A 6 -1.18 -25.20 -1.23
C GLY A 6 -0.51 -24.23 -2.22
N VAL A 7 -0.53 -22.91 -1.95
CA VAL A 7 -0.17 -21.80 -2.84
C VAL A 7 -0.84 -21.88 -4.23
N SER A 8 -2.07 -21.38 -4.28
CA SER A 8 -2.98 -21.40 -5.45
C SER A 8 -3.32 -22.79 -5.99
N GLN A 9 -3.23 -23.83 -5.15
CA GLN A 9 -3.58 -25.21 -5.50
C GLN A 9 -5.11 -25.38 -5.57
N ASN A 10 -5.63 -25.90 -6.69
CA ASN A 10 -7.05 -26.26 -6.88
C ASN A 10 -7.53 -27.33 -5.86
N PHE A 11 -6.58 -28.01 -5.23
CA PHE A 11 -6.74 -29.11 -4.28
C PHE A 11 -6.07 -28.76 -2.94
N GLY A 12 -6.26 -27.53 -2.46
CA GLY A 12 -5.71 -27.04 -1.18
C GLY A 12 -6.59 -27.32 0.05
N ARG A 13 -7.87 -27.64 -0.16
CA ARG A 13 -8.87 -27.92 0.90
C ARG A 13 -8.89 -29.38 1.37
N ILE A 14 -8.26 -30.29 0.60
CA ILE A 14 -8.04 -31.72 0.94
C ILE A 14 -6.84 -31.94 1.89
N ALA A 15 -6.51 -30.94 2.71
CA ALA A 15 -5.36 -30.88 3.60
C ALA A 15 -5.78 -30.42 5.02
N PRO A 16 -4.99 -30.72 6.07
CA PRO A 16 -5.38 -30.38 7.46
C PRO A 16 -5.45 -28.87 7.74
N VAL A 17 -4.74 -28.05 6.97
CA VAL A 17 -4.72 -26.56 6.99
C VAL A 17 -4.62 -25.93 8.39
N THR A 18 -3.97 -26.64 9.32
CA THR A 18 -3.83 -26.36 10.77
C THR A 18 -5.13 -25.92 11.49
N GLY A 19 -5.04 -25.41 12.72
CA GLY A 19 -6.16 -24.77 13.45
C GLY A 19 -6.30 -25.20 14.90
N GLY A 20 -6.64 -26.47 15.14
CA GLY A 20 -7.06 -26.99 16.46
C GLY A 20 -6.27 -28.22 16.94
N THR A 21 -5.08 -28.46 16.38
CA THR A 21 -4.21 -29.60 16.68
C THR A 21 -3.72 -29.60 18.13
N ALA A 22 -4.12 -30.63 18.91
CA ALA A 22 -3.89 -30.75 20.36
C ALA A 22 -4.31 -29.51 21.20
N GLY A 23 -5.31 -28.76 20.74
CA GLY A 23 -5.76 -27.48 21.34
C GLY A 23 -4.90 -26.27 20.92
N ILE A 24 -5.45 -25.06 21.06
CA ILE A 24 -4.72 -23.81 20.78
C ILE A 24 -3.64 -23.57 21.84
N SER A 25 -2.41 -23.28 21.37
CA SER A 25 -1.21 -23.04 22.18
C SER A 25 -0.41 -21.88 21.57
N VAL A 26 -0.74 -20.67 22.01
CA VAL A 26 -0.22 -19.39 21.48
C VAL A 26 0.56 -18.66 22.57
N GLY A 27 1.83 -19.06 22.73
CA GLY A 27 2.70 -18.71 23.86
C GLY A 27 2.87 -17.21 24.16
N VAL A 28 2.76 -16.35 23.14
CA VAL A 28 2.58 -14.90 23.27
C VAL A 28 1.07 -14.56 23.21
N PRO A 29 0.44 -14.16 24.33
CA PRO A 29 -0.98 -13.82 24.34
C PRO A 29 -1.24 -12.38 23.84
N GLY A 30 -2.50 -11.97 23.80
CA GLY A 30 -2.96 -10.66 23.30
C GLY A 30 -2.37 -9.42 23.99
N TYR A 31 -1.72 -9.57 25.16
CA TYR A 31 -1.22 -8.46 25.98
C TYR A 31 -0.03 -7.65 25.41
N LEU A 32 0.64 -8.14 24.34
CA LEU A 32 1.91 -7.58 23.84
C LEU A 32 2.04 -7.63 22.30
N ARG A 33 0.97 -7.26 21.58
CA ARG A 33 0.83 -7.44 20.11
C ARG A 33 0.52 -6.15 19.36
N THR A 34 1.41 -5.15 19.45
CA THR A 34 1.25 -3.80 18.88
C THR A 34 -0.11 -3.14 19.23
N PRO A 35 -0.28 -2.67 20.50
CA PRO A 35 -1.53 -2.08 20.99
C PRO A 35 -1.93 -0.77 20.27
N SER A 36 -3.04 -0.16 20.70
CA SER A 36 -3.72 1.03 20.13
C SER A 36 -2.92 2.35 20.16
N SER A 37 -1.77 2.35 19.47
CA SER A 37 -0.79 3.43 19.33
C SER A 37 -0.20 3.42 17.90
N THR A 38 0.49 4.50 17.51
CA THR A 38 1.28 4.59 16.27
C THR A 38 2.69 5.04 16.58
N ILE A 39 3.00 6.34 16.54
CA ILE A 39 4.33 6.93 16.82
C ILE A 39 5.49 6.10 16.20
N LEU A 40 5.35 5.80 14.89
CA LEU A 40 6.30 5.01 14.08
C LEU A 40 6.62 3.62 14.70
N ALA A 41 5.59 2.89 15.13
CA ALA A 41 5.65 1.59 15.80
C ALA A 41 6.52 0.52 15.08
N PRO A 42 7.13 -0.43 15.82
CA PRO A 42 7.88 -1.53 15.22
C PRO A 42 6.98 -2.42 14.34
N SER A 43 7.50 -2.81 13.17
CA SER A 43 6.79 -3.41 12.01
C SER A 43 5.69 -2.52 11.40
N ASN A 44 4.77 -1.98 12.21
CA ASN A 44 3.74 -1.01 11.86
C ASN A 44 4.32 0.42 11.72
N ALA A 45 5.34 0.55 10.86
CA ALA A 45 5.90 1.81 10.37
C ALA A 45 6.11 1.72 8.85
N GLN A 46 6.81 0.68 8.38
CA GLN A 46 6.95 0.40 6.94
C GLN A 46 5.59 0.03 6.32
N ILE A 47 4.91 -1.01 6.83
CA ILE A 47 3.66 -1.51 6.23
C ILE A 47 2.57 -0.44 6.25
N ILE A 48 2.46 0.35 7.33
CA ILE A 48 1.50 1.48 7.38
C ILE A 48 1.85 2.62 6.43
N SER A 49 3.13 2.87 6.10
CA SER A 49 3.49 3.80 5.02
C SER A 49 3.10 3.29 3.63
N LEU A 50 3.02 1.96 3.42
CA LEU A 50 2.48 1.35 2.19
C LEU A 50 0.94 1.24 2.19
N GLY A 51 0.27 1.82 3.18
CA GLY A 51 -1.19 1.93 3.27
C GLY A 51 -1.66 3.39 3.37
N LEU A 52 -1.09 4.18 4.28
CA LEU A 52 -1.34 5.62 4.43
C LEU A 52 -1.10 6.40 3.14
N GLN A 53 0.06 6.19 2.48
CA GLN A 53 0.36 6.85 1.20
C GLN A 53 -0.74 6.57 0.17
N THR A 54 -1.25 5.34 0.10
CA THR A 54 -2.23 4.87 -0.89
C THR A 54 -3.66 5.33 -0.54
N THR A 55 -4.05 5.25 0.73
CA THR A 55 -5.33 5.73 1.27
C THR A 55 -5.46 7.25 1.14
N LEU A 56 -4.38 8.01 1.39
CA LEU A 56 -4.35 9.47 1.21
C LEU A 56 -3.92 9.92 -0.19
N ALA A 57 -3.46 9.05 -1.10
CA ALA A 57 -3.04 9.46 -2.46
C ALA A 57 -4.07 10.34 -3.21
N PRO A 58 -5.38 9.98 -3.31
CA PRO A 58 -6.36 10.84 -3.97
C PRO A 58 -6.67 12.14 -3.19
N VAL A 59 -6.35 12.17 -1.90
CA VAL A 59 -6.52 13.32 -0.98
C VAL A 59 -5.34 14.31 -1.13
N LEU A 60 -4.11 13.79 -1.19
CA LEU A 60 -2.88 14.54 -1.45
C LEU A 60 -2.84 15.12 -2.88
N SER A 61 -3.27 14.32 -3.87
CA SER A 61 -3.54 14.78 -5.25
C SER A 61 -4.78 15.69 -5.35
N SER A 62 -5.59 15.77 -4.29
CA SER A 62 -6.81 16.59 -4.17
C SER A 62 -7.78 16.45 -5.35
N SER A 63 -8.08 15.20 -5.72
CA SER A 63 -8.86 14.85 -6.93
C SER A 63 -9.90 13.75 -6.69
N GLY A 64 -9.49 12.52 -6.37
CA GLY A 64 -10.37 11.37 -6.16
C GLY A 64 -11.37 11.04 -7.30
N LEU A 65 -11.05 11.43 -8.54
CA LEU A 65 -11.89 11.23 -9.74
C LEU A 65 -11.46 10.02 -10.58
N SER A 66 -12.22 9.73 -11.63
CA SER A 66 -12.03 8.70 -12.68
C SER A 66 -10.74 8.86 -13.55
N SER A 67 -9.61 9.14 -12.90
CA SER A 67 -8.23 9.20 -13.43
C SER A 67 -7.22 9.15 -12.26
N ALA A 68 -7.39 10.03 -11.27
CA ALA A 68 -6.60 10.03 -10.02
C ALA A 68 -6.76 8.76 -9.19
N SER A 69 -7.89 8.05 -9.34
CA SER A 69 -8.13 6.74 -8.74
C SER A 69 -7.12 5.65 -9.15
N ALA A 70 -6.69 5.59 -10.42
CA ALA A 70 -5.55 4.75 -10.80
C ALA A 70 -4.26 5.27 -10.18
N SER A 71 -4.04 6.60 -10.22
CA SER A 71 -2.88 7.27 -9.60
C SER A 71 -2.68 6.87 -8.12
N ALA A 72 -3.76 6.58 -7.38
CA ALA A 72 -3.70 6.09 -6.00
C ALA A 72 -2.96 4.75 -5.85
N ARG A 73 -3.39 3.68 -6.54
CA ARG A 73 -2.70 2.37 -6.56
C ARG A 73 -1.32 2.48 -7.21
N VAL A 74 -1.22 3.25 -8.29
CA VAL A 74 0.04 3.54 -8.99
C VAL A 74 1.09 4.16 -8.07
N SER A 75 0.68 5.05 -7.15
CA SER A 75 1.57 5.66 -6.16
C SER A 75 2.35 4.61 -5.37
N SER A 76 1.70 3.56 -4.85
CA SER A 76 2.38 2.50 -4.10
C SER A 76 3.18 1.52 -4.96
N LEU A 77 2.88 1.32 -6.25
CA LEU A 77 3.76 0.56 -7.16
C LEU A 77 5.01 1.37 -7.56
N ALA A 78 4.87 2.69 -7.79
CA ALA A 78 6.00 3.59 -7.95
C ALA A 78 6.88 3.65 -6.67
N GLN A 79 6.27 3.75 -5.48
CA GLN A 79 7.00 3.68 -4.20
C GLN A 79 7.58 2.29 -3.94
N SER A 80 6.96 1.20 -4.41
CA SER A 80 7.55 -0.15 -4.34
C SER A 80 8.92 -0.21 -5.03
N LEU A 81 9.09 0.53 -6.15
CA LEU A 81 10.40 0.73 -6.75
C LEU A 81 11.32 1.62 -5.88
N ALA A 82 10.85 2.80 -5.43
CA ALA A 82 11.67 3.69 -4.61
C ALA A 82 12.15 3.04 -3.28
N SER A 83 11.33 2.17 -2.68
CA SER A 83 11.69 1.34 -1.53
C SER A 83 12.68 0.23 -1.87
N ALA A 84 12.72 -0.26 -3.11
CA ALA A 84 13.80 -1.15 -3.59
C ALA A 84 15.19 -0.48 -3.55
N LEU A 85 15.21 0.85 -3.72
CA LEU A 85 16.39 1.69 -3.62
C LEU A 85 16.66 2.16 -2.16
N SER A 86 16.02 1.53 -1.17
CA SER A 86 16.10 1.88 0.26
C SER A 86 16.24 0.65 1.18
N THR A 87 15.37 -0.36 1.05
CA THR A 87 15.34 -1.58 1.90
C THR A 87 14.84 -2.85 1.18
N SER A 88 13.93 -2.72 0.20
CA SER A 88 13.32 -3.82 -0.57
C SER A 88 14.20 -4.26 -1.76
N ARG A 89 13.63 -5.05 -2.70
CA ARG A 89 14.27 -5.45 -3.98
C ARG A 89 13.31 -5.45 -5.19
N GLY A 90 12.30 -4.58 -5.16
CA GLY A 90 11.19 -4.51 -6.13
C GLY A 90 9.94 -5.25 -5.65
N THR A 91 10.11 -6.10 -4.63
CA THR A 91 9.05 -6.71 -3.82
C THR A 91 9.58 -6.92 -2.39
N LEU A 92 8.96 -6.26 -1.41
CA LEU A 92 9.23 -6.48 0.02
C LEU A 92 8.70 -7.85 0.51
N SER A 93 7.57 -8.27 -0.04
CA SER A 93 6.84 -9.51 0.22
C SER A 93 5.94 -9.80 -0.98
N LEU A 94 5.85 -11.04 -1.47
CA LEU A 94 5.00 -11.37 -2.63
C LEU A 94 3.60 -11.81 -2.19
N SER A 95 3.49 -12.74 -1.23
CA SER A 95 2.22 -13.23 -0.68
C SER A 95 1.39 -12.13 0.00
N THR A 96 2.02 -11.31 0.85
CA THR A 96 1.40 -10.12 1.46
C THR A 96 1.05 -9.07 0.41
N PHE A 97 1.87 -8.84 -0.62
CA PHE A 97 1.54 -7.92 -1.72
C PHE A 97 0.27 -8.37 -2.46
N LEU A 98 0.13 -9.64 -2.84
CA LEU A 98 -1.08 -10.18 -3.49
C LEU A 98 -2.37 -9.95 -2.67
N ASN A 99 -2.27 -9.85 -1.34
CA ASN A 99 -3.38 -9.47 -0.46
C ASN A 99 -3.49 -7.94 -0.25
N LEU A 100 -2.38 -7.21 -0.32
CA LEU A 100 -2.33 -5.73 -0.28
C LEU A 100 -3.11 -5.11 -1.43
N LEU A 101 -2.99 -5.58 -2.68
CA LEU A 101 -3.72 -4.96 -3.79
C LEU A 101 -5.23 -5.16 -3.65
N SER A 102 -5.65 -6.38 -3.24
CA SER A 102 -7.04 -6.70 -2.90
C SER A 102 -7.59 -5.78 -1.79
N SER A 103 -6.76 -5.46 -0.79
CA SER A 103 -7.09 -4.50 0.27
C SER A 103 -7.15 -3.04 -0.21
N ILE A 104 -6.11 -2.54 -0.88
CA ILE A 104 -6.00 -1.14 -1.33
C ILE A 104 -7.09 -0.77 -2.34
N SER A 105 -7.39 -1.65 -3.30
CA SER A 105 -8.47 -1.40 -4.26
C SER A 105 -9.85 -1.36 -3.59
N SER A 106 -10.06 -2.20 -2.56
CA SER A 106 -11.23 -2.18 -1.68
C SER A 106 -11.31 -0.93 -0.78
N GLU A 107 -10.17 -0.40 -0.32
CA GLU A 107 -10.10 0.84 0.48
C GLU A 107 -10.56 2.08 -0.29
N ILE A 108 -10.20 2.22 -1.58
CA ILE A 108 -10.67 3.35 -2.40
C ILE A 108 -12.16 3.22 -2.80
N ARG A 109 -12.69 2.00 -3.00
CA ARG A 109 -14.14 1.70 -3.12
C ARG A 109 -14.44 0.20 -3.02
N ALA A 110 -15.68 -0.19 -2.69
CA ALA A 110 -16.08 -1.58 -2.43
C ALA A 110 -15.65 -2.62 -3.49
N SER A 111 -15.68 -2.27 -4.79
CA SER A 111 -14.99 -3.01 -5.85
C SER A 111 -13.58 -2.42 -6.06
N THR A 112 -13.44 -1.47 -7.00
CA THR A 112 -12.17 -0.80 -7.32
C THR A 112 -12.45 0.64 -7.78
N SER A 113 -12.30 1.60 -6.86
CA SER A 113 -12.41 3.07 -7.03
C SER A 113 -13.75 3.64 -7.54
N LEU A 114 -14.18 3.28 -8.75
CA LEU A 114 -15.52 3.38 -9.34
C LEU A 114 -15.63 2.60 -10.67
N ASP A 115 -14.67 1.72 -10.97
CA ASP A 115 -14.60 0.96 -12.22
C ASP A 115 -15.89 0.17 -12.49
N GLY A 116 -16.34 0.19 -13.74
CA GLY A 116 -17.59 -0.44 -14.20
C GLY A 116 -17.92 -0.14 -15.67
N THR A 117 -17.59 1.08 -16.13
CA THR A 117 -17.61 1.47 -17.56
C THR A 117 -16.21 1.84 -18.05
N GLN A 118 -15.45 2.65 -17.31
CA GLN A 118 -14.04 2.95 -17.65
C GLN A 118 -13.07 1.77 -17.41
N ALA A 119 -13.53 0.66 -16.83
CA ALA A 119 -12.68 -0.48 -16.47
C ALA A 119 -11.82 -1.00 -17.64
N THR A 120 -12.36 -0.99 -18.87
CA THR A 120 -11.63 -1.35 -20.10
C THR A 120 -10.46 -0.42 -20.40
N VAL A 121 -10.69 0.90 -20.46
CA VAL A 121 -9.60 1.87 -20.74
C VAL A 121 -8.64 1.96 -19.55
N GLU A 122 -9.12 1.86 -18.32
CA GLU A 122 -8.27 1.86 -17.13
C GLU A 122 -7.34 0.63 -17.12
N VAL A 123 -7.74 -0.55 -17.63
CA VAL A 123 -6.82 -1.71 -17.74
C VAL A 123 -5.62 -1.44 -18.65
N LEU A 124 -5.79 -0.68 -19.74
CA LEU A 124 -4.68 -0.34 -20.65
C LEU A 124 -3.85 0.84 -20.12
N LEU A 125 -4.47 1.79 -19.42
CA LEU A 125 -3.77 2.85 -18.69
C LEU A 125 -2.92 2.27 -17.54
N GLU A 126 -3.40 1.23 -16.84
CA GLU A 126 -2.64 0.51 -15.81
C GLU A 126 -1.55 -0.39 -16.41
N ALA A 127 -1.75 -0.96 -17.61
CA ALA A 127 -0.68 -1.64 -18.36
C ALA A 127 0.45 -0.66 -18.77
N LEU A 128 0.12 0.55 -19.21
CA LEU A 128 1.08 1.63 -19.40
C LEU A 128 1.69 2.10 -18.07
N ALA A 129 0.94 2.11 -16.97
CA ALA A 129 1.46 2.46 -15.65
C ALA A 129 2.56 1.49 -15.21
N ALA A 130 2.47 0.18 -15.51
CA ALA A 130 3.57 -0.76 -15.29
C ALA A 130 4.88 -0.29 -15.94
N LEU A 131 4.83 0.15 -17.20
CA LEU A 131 5.98 0.71 -17.92
C LEU A 131 6.46 2.05 -17.34
N LEU A 132 5.56 2.93 -16.91
CA LEU A 132 5.89 4.20 -16.25
C LEU A 132 6.61 3.96 -14.90
N GLN A 133 6.05 3.09 -14.06
CA GLN A 133 6.61 2.71 -12.75
C GLN A 133 7.95 1.96 -12.88
N VAL A 134 8.16 1.24 -13.98
CA VAL A 134 9.47 0.70 -14.38
C VAL A 134 10.44 1.83 -14.74
N ILE A 135 10.06 2.74 -15.64
CA ILE A 135 10.89 3.90 -16.04
C ILE A 135 11.20 4.85 -14.87
N ASN A 136 10.37 4.87 -13.82
CA ASN A 136 10.58 5.63 -12.58
C ASN A 136 11.90 5.29 -11.87
N GLY A 137 12.41 4.05 -11.99
CA GLY A 137 13.72 3.68 -11.41
C GLY A 137 14.11 2.19 -11.40
N ALA A 138 13.50 1.33 -12.24
CA ALA A 138 13.66 -0.13 -12.21
C ALA A 138 15.09 -0.65 -12.34
N GLN A 139 15.91 -0.03 -13.20
CA GLN A 139 17.26 -0.45 -13.62
C GLN A 139 17.26 -1.80 -14.40
N ILE A 140 16.69 -2.85 -13.81
CA ILE A 140 16.49 -4.22 -14.33
C ILE A 140 15.10 -4.73 -13.87
N THR A 141 14.04 -4.16 -14.47
CA THR A 141 12.61 -4.57 -14.33
C THR A 141 12.14 -4.94 -12.91
N ASP A 142 12.52 -4.16 -11.88
CA ASP A 142 12.24 -4.45 -10.47
C ASP A 142 10.75 -4.55 -10.10
N VAL A 143 9.85 -3.76 -10.72
CA VAL A 143 8.39 -4.01 -10.64
C VAL A 143 8.09 -5.37 -11.27
N ASN A 144 7.67 -6.31 -10.43
CA ASN A 144 7.33 -7.68 -10.78
C ASN A 144 5.87 -7.94 -10.38
N VAL A 145 5.05 -8.15 -11.40
CA VAL A 145 3.56 -8.10 -11.34
C VAL A 145 2.94 -9.29 -12.09
N SER A 146 3.77 -10.30 -12.36
CA SER A 146 3.51 -11.52 -13.15
C SER A 146 2.72 -12.58 -12.36
N SER A 147 1.43 -12.36 -12.14
CA SER A 147 0.57 -13.23 -11.34
C SER A 147 -0.90 -13.25 -11.80
N VAL A 148 -1.61 -12.13 -11.61
CA VAL A 148 -3.04 -11.78 -11.87
C VAL A 148 -3.59 -10.87 -10.77
N PRO A 149 -3.50 -11.18 -9.45
CA PRO A 149 -4.10 -10.39 -8.36
C PRO A 149 -3.52 -8.98 -8.12
N SER A 150 -2.80 -8.42 -9.09
CA SER A 150 -1.90 -7.27 -8.94
C SER A 150 -2.18 -6.18 -9.98
N VAL A 151 -2.91 -5.15 -9.58
CA VAL A 151 -3.37 -4.01 -10.42
C VAL A 151 -3.96 -4.43 -11.79
N ASN A 152 -4.49 -5.65 -11.86
CA ASN A 152 -5.00 -6.31 -13.07
C ASN A 152 -6.32 -7.04 -12.75
N ALA A 153 -6.29 -8.04 -11.86
CA ALA A 153 -7.52 -8.71 -11.37
C ALA A 153 -8.52 -7.73 -10.77
N ALA A 154 -8.04 -6.67 -10.12
CA ALA A 154 -8.83 -5.54 -9.63
C ALA A 154 -9.81 -5.03 -10.70
N LEU A 155 -9.28 -4.63 -11.86
CA LEU A 155 -10.05 -4.05 -12.96
C LEU A 155 -10.83 -5.12 -13.74
N VAL A 156 -10.32 -6.35 -13.84
CA VAL A 156 -11.06 -7.51 -14.38
C VAL A 156 -12.32 -7.78 -13.56
N SER A 157 -12.22 -7.86 -12.22
CA SER A 157 -13.36 -8.05 -11.30
C SER A 157 -14.38 -6.92 -11.36
N ALA A 158 -13.95 -5.68 -11.66
CA ALA A 158 -14.85 -4.57 -11.94
C ALA A 158 -15.57 -4.69 -13.30
N LEU A 159 -14.92 -5.25 -14.32
CA LEU A 159 -15.50 -5.53 -15.63
C LEU A 159 -16.55 -6.68 -15.53
N VAL A 160 -16.22 -7.76 -14.81
CA VAL A 160 -17.08 -8.95 -14.64
C VAL A 160 -17.98 -8.90 -13.39
N ALA A 161 -18.15 -7.72 -12.78
CA ALA A 161 -18.91 -7.44 -11.56
C ALA A 161 -20.34 -8.04 -11.54
N SER A 1 -3.02 -18.91 15.43
CA SER A 1 -3.27 -20.32 15.79
C SER A 1 -3.42 -21.20 14.54
N GLY A 2 -3.59 -22.51 14.71
CA GLY A 2 -3.80 -23.52 13.66
C GLY A 2 -5.19 -23.43 13.01
N ASN A 3 -5.44 -22.34 12.25
CA ASN A 3 -6.65 -22.10 11.45
C ASN A 3 -6.31 -21.72 9.99
N TYR A 4 -5.06 -21.36 9.70
CA TYR A 4 -4.54 -21.08 8.36
C TYR A 4 -4.61 -22.32 7.43
N LEU A 5 -4.53 -22.09 6.11
CA LEU A 5 -4.72 -23.12 5.06
C LEU A 5 -6.03 -23.92 5.22
N GLY A 6 -7.02 -23.36 5.91
CA GLY A 6 -8.27 -24.01 6.31
C GLY A 6 -8.10 -25.36 7.04
N VAL A 7 -6.97 -25.54 7.73
CA VAL A 7 -6.48 -26.81 8.31
C VAL A 7 -6.50 -28.02 7.35
N SER A 8 -6.15 -27.77 6.08
CA SER A 8 -6.30 -28.67 4.92
C SER A 8 -7.77 -28.90 4.53
N GLN A 9 -8.00 -29.37 3.30
CA GLN A 9 -9.33 -29.51 2.66
C GLN A 9 -9.98 -28.15 2.27
N ASN A 10 -9.75 -27.09 3.05
CA ASN A 10 -10.36 -25.75 2.96
C ASN A 10 -11.92 -25.72 2.99
N PHE A 11 -12.56 -26.86 3.27
CA PHE A 11 -14.01 -27.04 3.20
C PHE A 11 -14.54 -28.13 4.19
N GLY A 12 -13.73 -28.52 5.18
CA GLY A 12 -14.02 -29.59 6.13
C GLY A 12 -14.15 -29.08 7.58
N ARG A 13 -13.02 -28.98 8.29
CA ARG A 13 -12.93 -28.40 9.64
C ARG A 13 -12.88 -26.85 9.60
N ILE A 14 -13.92 -26.24 9.02
CA ILE A 14 -14.11 -24.78 8.95
C ILE A 14 -14.37 -24.16 10.35
N ALA A 15 -14.52 -24.99 11.39
CA ALA A 15 -14.67 -24.62 12.81
C ALA A 15 -13.70 -23.49 13.26
N PRO A 16 -14.11 -22.60 14.18
CA PRO A 16 -13.31 -21.47 14.66
C PRO A 16 -12.22 -21.91 15.65
N VAL A 17 -11.19 -22.59 15.14
CA VAL A 17 -9.94 -22.98 15.85
C VAL A 17 -9.03 -21.74 16.04
N THR A 18 -9.59 -20.67 16.61
CA THR A 18 -8.96 -19.34 16.76
C THR A 18 -8.80 -18.97 18.25
N GLY A 19 -7.80 -18.14 18.54
CA GLY A 19 -7.39 -17.76 19.91
C GLY A 19 -5.92 -17.36 20.01
N GLY A 20 -5.44 -17.12 21.24
CA GLY A 20 -4.02 -16.83 21.52
C GLY A 20 -3.65 -16.99 23.00
N THR A 21 -4.14 -16.08 23.85
CA THR A 21 -3.97 -16.05 25.33
C THR A 21 -2.57 -16.46 25.80
N ALA A 22 -1.57 -15.60 25.56
CA ALA A 22 -0.16 -15.83 25.87
C ALA A 22 0.51 -14.57 26.45
N GLY A 23 0.37 -14.38 27.77
CA GLY A 23 0.96 -13.29 28.54
C GLY A 23 2.16 -13.78 29.38
N ILE A 24 3.34 -13.79 28.74
CA ILE A 24 4.65 -14.11 29.36
C ILE A 24 5.11 -13.00 30.35
N SER A 25 6.26 -12.36 30.13
CA SER A 25 6.87 -11.34 31.00
C SER A 25 7.43 -10.15 30.21
N VAL A 26 6.79 -9.79 29.09
CA VAL A 26 7.07 -8.54 28.35
C VAL A 26 6.95 -7.33 29.29
N GLY A 27 8.06 -6.63 29.51
CA GLY A 27 8.19 -5.51 30.44
C GLY A 27 8.00 -4.18 29.72
N VAL A 28 9.10 -3.43 29.53
CA VAL A 28 9.11 -2.20 28.70
C VAL A 28 8.81 -2.54 27.22
N PRO A 29 8.14 -1.65 26.46
CA PRO A 29 7.76 -1.94 25.07
C PRO A 29 8.95 -1.86 24.10
N GLY A 30 9.90 -0.96 24.31
CA GLY A 30 11.05 -0.67 23.41
C GLY A 30 10.70 -0.04 22.05
N TYR A 31 9.49 -0.29 21.55
CA TYR A 31 8.96 0.18 20.26
C TYR A 31 8.38 1.61 20.28
N LEU A 32 8.18 2.21 21.47
CA LEU A 32 7.60 3.55 21.66
C LEU A 32 8.50 4.42 22.56
N ARG A 33 9.80 4.46 22.22
CA ARG A 33 10.84 5.32 22.85
C ARG A 33 11.29 6.48 21.93
N THR A 34 10.59 6.71 20.82
CA THR A 34 10.75 7.91 19.97
C THR A 34 10.61 9.21 20.79
N PRO A 35 11.44 10.24 20.55
CA PRO A 35 11.32 11.54 21.21
C PRO A 35 10.03 12.30 20.83
N SER A 36 9.71 13.35 21.58
CA SER A 36 8.60 14.28 21.30
C SER A 36 8.70 14.91 19.90
N SER A 37 7.57 15.44 19.39
CA SER A 37 7.39 15.92 18.01
C SER A 37 7.41 14.80 16.94
N THR A 38 7.48 13.53 17.36
CA THR A 38 7.44 12.32 16.51
C THR A 38 8.42 12.41 15.32
N ILE A 39 9.70 12.64 15.62
CA ILE A 39 10.80 12.76 14.64
C ILE A 39 11.05 11.40 13.96
N LEU A 40 10.35 11.17 12.84
CA LEU A 40 10.41 10.00 11.96
C LEU A 40 10.54 8.66 12.72
N ALA A 41 9.56 8.39 13.60
CA ALA A 41 9.58 7.33 14.62
C ALA A 41 10.06 5.95 14.08
N PRO A 42 10.93 5.23 14.79
CA PRO A 42 11.52 3.98 14.30
C PRO A 42 10.45 2.88 14.14
N SER A 43 10.57 2.11 13.05
CA SER A 43 9.56 1.17 12.50
C SER A 43 8.26 1.85 12.04
N ASN A 44 7.63 2.67 12.89
CA ASN A 44 6.45 3.49 12.60
C ASN A 44 6.81 4.78 11.82
N ALA A 45 7.56 4.62 10.72
CA ALA A 45 7.88 5.65 9.73
C ALA A 45 7.75 5.11 8.30
N GLN A 46 8.29 3.92 8.01
CA GLN A 46 8.04 3.25 6.74
C GLN A 46 6.59 2.76 6.65
N ILE A 47 6.13 1.92 7.58
CA ILE A 47 4.79 1.30 7.48
C ILE A 47 3.65 2.34 7.51
N ILE A 48 3.82 3.43 8.26
CA ILE A 48 2.89 4.57 8.24
C ILE A 48 2.99 5.37 6.95
N SER A 49 4.15 5.44 6.29
CA SER A 49 4.27 6.05 4.96
C SER A 49 3.51 5.24 3.90
N LEU A 50 3.62 3.90 3.93
CA LEU A 50 2.83 3.00 3.06
C LEU A 50 1.29 3.14 3.27
N GLY A 51 0.85 3.78 4.37
CA GLY A 51 -0.55 4.14 4.62
C GLY A 51 -0.86 5.61 4.28
N LEU A 52 -0.20 6.56 4.93
CA LEU A 52 -0.39 8.01 4.76
C LEU A 52 -0.22 8.47 3.31
N GLN A 53 0.79 7.97 2.58
CA GLN A 53 0.97 8.28 1.15
C GLN A 53 -0.27 7.90 0.32
N THR A 54 -1.03 6.89 0.74
CA THR A 54 -2.19 6.35 0.00
C THR A 54 -3.53 6.87 0.55
N THR A 55 -3.62 7.16 1.85
CA THR A 55 -4.73 7.89 2.49
C THR A 55 -4.79 9.34 1.99
N LEU A 56 -3.64 10.02 1.91
CA LEU A 56 -3.53 11.36 1.31
C LEU A 56 -3.46 11.34 -0.21
N ALA A 57 -3.25 10.21 -0.89
CA ALA A 57 -3.10 10.17 -2.35
C ALA A 57 -4.20 10.90 -3.17
N PRO A 58 -5.52 10.64 -2.96
CA PRO A 58 -6.57 11.40 -3.64
C PRO A 58 -6.68 12.86 -3.16
N VAL A 59 -6.26 13.13 -1.91
CA VAL A 59 -6.27 14.46 -1.28
C VAL A 59 -5.13 15.36 -1.81
N LEU A 60 -3.97 14.78 -2.12
CA LEU A 60 -2.83 15.43 -2.78
C LEU A 60 -3.20 15.89 -4.20
N SER A 61 -3.90 15.03 -4.95
CA SER A 61 -4.53 15.40 -6.24
C SER A 61 -5.77 16.30 -6.08
N SER A 62 -6.29 16.43 -4.85
CA SER A 62 -7.49 17.20 -4.46
C SER A 62 -8.72 16.94 -5.34
N SER A 63 -8.88 15.70 -5.83
CA SER A 63 -9.90 15.30 -6.80
C SER A 63 -10.12 13.78 -6.84
N GLY A 64 -11.11 13.33 -7.63
CA GLY A 64 -11.48 11.91 -7.79
C GLY A 64 -11.82 11.52 -9.24
N LEU A 65 -11.16 12.18 -10.19
CA LEU A 65 -11.33 12.00 -11.65
C LEU A 65 -10.49 10.83 -12.18
N SER A 66 -10.65 10.52 -13.48
CA SER A 66 -9.99 9.44 -14.25
C SER A 66 -8.48 9.69 -14.51
N SER A 67 -7.78 10.19 -13.49
CA SER A 67 -6.36 10.54 -13.46
C SER A 67 -5.85 10.49 -12.01
N ALA A 68 -6.56 11.13 -11.08
CA ALA A 68 -6.31 11.07 -9.65
C ALA A 68 -6.43 9.64 -9.08
N SER A 69 -7.43 8.87 -9.53
CA SER A 69 -7.60 7.45 -9.16
C SER A 69 -6.41 6.58 -9.59
N ALA A 70 -5.93 6.74 -10.82
CA ALA A 70 -4.72 6.09 -11.32
C ALA A 70 -3.50 6.50 -10.52
N SER A 71 -3.21 7.81 -10.41
CA SER A 71 -2.06 8.33 -9.66
C SER A 71 -2.06 7.87 -8.21
N ALA A 72 -3.23 7.73 -7.56
CA ALA A 72 -3.33 7.21 -6.20
C ALA A 72 -2.96 5.72 -6.09
N ARG A 73 -3.52 4.86 -6.97
CA ARG A 73 -3.20 3.43 -7.00
C ARG A 73 -1.75 3.17 -7.42
N VAL A 74 -1.26 3.96 -8.38
CA VAL A 74 0.15 4.01 -8.81
C VAL A 74 1.05 4.46 -7.68
N SER A 75 0.64 5.40 -6.82
CA SER A 75 1.43 5.79 -5.64
C SER A 75 1.64 4.58 -4.72
N SER A 76 0.58 3.81 -4.45
CA SER A 76 0.68 2.57 -3.66
C SER A 76 1.55 1.50 -4.31
N LEU A 77 1.48 1.34 -5.63
CA LEU A 77 2.29 0.37 -6.40
C LEU A 77 3.73 0.84 -6.67
N ALA A 78 4.01 2.15 -6.70
CA ALA A 78 5.36 2.70 -6.77
C ALA A 78 6.22 2.32 -5.54
N GLN A 79 5.57 1.94 -4.43
CA GLN A 79 6.23 1.31 -3.28
C GLN A 79 6.96 0.01 -3.66
N SER A 80 6.56 -0.68 -4.75
CA SER A 80 7.30 -1.81 -5.33
C SER A 80 8.75 -1.45 -5.65
N LEU A 81 8.96 -0.32 -6.33
CA LEU A 81 10.29 0.22 -6.63
C LEU A 81 10.93 0.84 -5.38
N ALA A 82 10.20 1.61 -4.55
CA ALA A 82 10.77 2.23 -3.35
C ALA A 82 11.27 1.18 -2.32
N SER A 83 10.56 0.06 -2.16
CA SER A 83 11.01 -1.12 -1.42
C SER A 83 12.25 -1.74 -2.08
N ALA A 84 12.30 -1.84 -3.40
CA ALA A 84 13.47 -2.37 -4.12
C ALA A 84 14.71 -1.46 -4.07
N LEU A 85 14.51 -0.17 -3.78
CA LEU A 85 15.54 0.82 -3.45
C LEU A 85 15.88 0.84 -1.93
N SER A 86 15.33 -0.08 -1.13
CA SER A 86 15.46 -0.09 0.34
C SER A 86 15.84 -1.47 0.91
N THR A 87 15.01 -2.51 0.70
CA THR A 87 15.13 -3.85 1.33
C THR A 87 14.62 -5.02 0.45
N SER A 88 14.40 -4.79 -0.85
CA SER A 88 13.83 -5.75 -1.83
C SER A 88 14.55 -5.72 -3.20
N ARG A 89 14.07 -6.52 -4.17
CA ARG A 89 14.50 -6.53 -5.59
C ARG A 89 13.31 -6.74 -6.55
N GLY A 90 12.28 -5.90 -6.40
CA GLY A 90 11.09 -5.85 -7.26
C GLY A 90 9.81 -6.36 -6.58
N THR A 91 9.94 -7.07 -5.46
CA THR A 91 8.83 -7.45 -4.56
C THR A 91 9.38 -7.73 -3.15
N LEU A 92 8.54 -7.58 -2.10
CA LEU A 92 8.93 -7.75 -0.69
C LEU A 92 8.36 -9.03 -0.05
N SER A 93 7.27 -9.55 -0.63
CA SER A 93 6.52 -10.75 -0.22
C SER A 93 5.84 -11.36 -1.46
N LEU A 94 5.32 -12.59 -1.35
CA LEU A 94 4.50 -13.19 -2.39
C LEU A 94 3.08 -13.42 -1.87
N SER A 95 2.91 -14.16 -0.76
CA SER A 95 1.59 -14.38 -0.12
C SER A 95 0.99 -13.09 0.46
N THR A 96 1.74 -12.33 1.25
CA THR A 96 1.27 -11.04 1.78
C THR A 96 1.00 -10.03 0.65
N PHE A 97 1.83 -9.99 -0.41
CA PHE A 97 1.61 -9.12 -1.56
C PHE A 97 0.30 -9.46 -2.28
N LEU A 98 0.01 -10.76 -2.52
CA LEU A 98 -1.25 -11.26 -3.09
C LEU A 98 -2.50 -10.78 -2.33
N ASN A 99 -2.40 -10.63 -1.01
CA ASN A 99 -3.49 -10.16 -0.16
C ASN A 99 -3.47 -8.63 0.03
N LEU A 100 -2.28 -8.01 -0.04
CA LEU A 100 -2.08 -6.56 -0.03
C LEU A 100 -2.84 -5.93 -1.19
N LEU A 101 -2.64 -6.37 -2.44
CA LEU A 101 -3.24 -5.68 -3.59
C LEU A 101 -4.78 -5.77 -3.61
N SER A 102 -5.34 -6.87 -3.11
CA SER A 102 -6.79 -7.05 -2.87
C SER A 102 -7.35 -6.01 -1.86
N SER A 103 -6.53 -5.50 -0.95
CA SER A 103 -6.87 -4.46 0.03
C SER A 103 -6.51 -3.05 -0.46
N ILE A 104 -5.38 -2.90 -1.15
CA ILE A 104 -4.85 -1.64 -1.70
C ILE A 104 -5.71 -1.15 -2.89
N SER A 105 -6.37 -2.05 -3.64
CA SER A 105 -7.43 -1.66 -4.59
C SER A 105 -8.71 -1.18 -3.86
N SER A 106 -8.99 -1.74 -2.67
CA SER A 106 -10.19 -1.49 -1.84
C SER A 106 -10.11 -0.21 -1.01
N GLU A 107 -8.94 0.18 -0.50
CA GLU A 107 -8.78 1.41 0.31
C GLU A 107 -9.07 2.70 -0.48
N ILE A 108 -8.87 2.66 -1.80
CA ILE A 108 -9.29 3.67 -2.77
C ILE A 108 -10.63 3.23 -3.41
N ARG A 109 -10.64 2.91 -4.72
CA ARG A 109 -11.81 2.55 -5.51
C ARG A 109 -11.42 2.04 -6.91
N ALA A 110 -10.73 0.90 -6.98
CA ALA A 110 -10.46 0.18 -8.24
C ALA A 110 -10.67 -1.33 -8.05
N SER A 111 -11.09 -2.03 -9.11
CA SER A 111 -11.28 -3.50 -9.18
C SER A 111 -12.06 -4.17 -8.02
N THR A 112 -12.94 -3.44 -7.33
CA THR A 112 -13.59 -3.90 -6.08
C THR A 112 -15.00 -3.37 -5.83
N SER A 113 -16.01 -4.12 -6.28
CA SER A 113 -17.46 -3.92 -6.06
C SER A 113 -18.12 -2.67 -6.67
N LEU A 114 -17.48 -1.48 -6.68
CA LEU A 114 -17.96 -0.34 -7.48
C LEU A 114 -17.74 -0.57 -8.99
N ASP A 115 -16.85 -1.51 -9.33
CA ASP A 115 -16.41 -1.84 -10.67
C ASP A 115 -17.56 -2.08 -11.68
N GLY A 116 -17.44 -1.45 -12.84
CA GLY A 116 -18.45 -1.50 -13.91
C GLY A 116 -18.16 -0.60 -15.11
N THR A 117 -17.60 0.60 -14.87
CA THR A 117 -17.21 1.56 -15.93
C THR A 117 -15.80 2.09 -15.75
N GLN A 118 -15.41 2.51 -14.53
CA GLN A 118 -14.02 2.84 -14.20
C GLN A 118 -13.06 1.64 -14.40
N ALA A 119 -13.60 0.43 -14.34
CA ALA A 119 -12.87 -0.82 -14.53
C ALA A 119 -12.27 -0.98 -15.93
N THR A 120 -13.01 -0.61 -16.99
CA THR A 120 -12.54 -0.73 -18.38
C THR A 120 -11.39 0.23 -18.66
N VAL A 121 -11.49 1.47 -18.17
CA VAL A 121 -10.41 2.47 -18.30
C VAL A 121 -9.24 2.18 -17.38
N GLU A 122 -9.43 1.65 -16.16
CA GLU A 122 -8.33 1.19 -15.29
C GLU A 122 -7.38 0.21 -15.98
N VAL A 123 -7.87 -0.65 -16.90
CA VAL A 123 -7.01 -1.55 -17.69
C VAL A 123 -5.99 -0.81 -18.57
N LEU A 124 -6.29 0.41 -19.03
CA LEU A 124 -5.38 1.27 -19.81
C LEU A 124 -4.54 2.17 -18.89
N LEU A 125 -5.12 2.65 -17.78
CA LEU A 125 -4.39 3.37 -16.74
C LEU A 125 -3.30 2.47 -16.11
N GLU A 126 -3.53 1.15 -16.06
CA GLU A 126 -2.52 0.14 -15.69
C GLU A 126 -1.43 -0.10 -16.74
N ALA A 127 -1.76 -0.03 -18.04
CA ALA A 127 -0.74 -0.09 -19.09
C ALA A 127 0.25 1.10 -18.95
N LEU A 128 -0.24 2.27 -18.53
CA LEU A 128 0.60 3.37 -18.08
C LEU A 128 1.24 3.12 -16.70
N ALA A 129 0.56 2.52 -15.72
CA ALA A 129 1.12 2.23 -14.38
C ALA A 129 2.38 1.34 -14.44
N ALA A 130 2.39 0.32 -15.28
CA ALA A 130 3.55 -0.54 -15.53
C ALA A 130 4.77 0.24 -16.07
N LEU A 131 4.53 1.32 -16.81
CA LEU A 131 5.57 2.22 -17.34
C LEU A 131 5.92 3.34 -16.35
N LEU A 132 4.96 3.83 -15.56
CA LEU A 132 5.18 4.84 -14.51
C LEU A 132 6.04 4.28 -13.37
N GLN A 133 5.72 3.08 -12.84
CA GLN A 133 6.54 2.43 -11.82
C GLN A 133 7.98 2.15 -12.30
N VAL A 134 8.14 1.88 -13.60
CA VAL A 134 9.45 1.78 -14.26
C VAL A 134 10.12 3.15 -14.30
N ILE A 135 9.51 4.18 -14.88
CA ILE A 135 10.06 5.54 -14.99
C ILE A 135 10.39 6.18 -13.63
N ASN A 136 9.73 5.76 -12.55
CA ASN A 136 10.02 6.14 -11.16
C ASN A 136 11.47 5.79 -10.70
N GLY A 137 12.17 4.84 -11.34
CA GLY A 137 13.60 4.59 -11.09
C GLY A 137 14.32 3.52 -11.93
N ALA A 138 13.59 2.64 -12.63
CA ALA A 138 14.08 1.67 -13.63
C ALA A 138 15.36 0.89 -13.27
N GLN A 139 15.38 0.23 -12.10
CA GLN A 139 16.41 -0.73 -11.68
C GLN A 139 16.37 -2.05 -12.50
N ILE A 140 16.57 -1.95 -13.82
CA ILE A 140 16.66 -3.03 -14.82
C ILE A 140 15.36 -3.87 -15.01
N THR A 141 14.80 -4.47 -13.95
CA THR A 141 13.66 -5.43 -14.00
C THR A 141 12.73 -5.35 -12.76
N ASP A 142 12.74 -4.24 -12.02
CA ASP A 142 11.91 -4.02 -10.82
C ASP A 142 10.44 -3.68 -11.17
N VAL A 143 9.73 -4.65 -11.75
CA VAL A 143 8.32 -4.58 -12.18
C VAL A 143 7.67 -5.97 -12.16
N ASN A 144 7.39 -6.48 -10.95
CA ASN A 144 6.99 -7.87 -10.68
C ASN A 144 5.50 -8.17 -11.01
N VAL A 145 5.12 -7.92 -12.28
CA VAL A 145 3.76 -8.10 -12.85
C VAL A 145 3.44 -9.59 -13.07
N SER A 146 3.32 -10.33 -11.97
CA SER A 146 2.77 -11.69 -11.92
C SER A 146 1.23 -11.69 -12.04
N SER A 147 0.62 -12.89 -12.10
CA SER A 147 -0.85 -13.10 -12.13
C SER A 147 -1.58 -12.75 -10.80
N VAL A 148 -0.84 -12.24 -9.82
CA VAL A 148 -1.38 -11.66 -8.56
C VAL A 148 -2.45 -10.58 -8.83
N PRO A 149 -3.38 -10.31 -7.90
CA PRO A 149 -4.46 -9.32 -8.07
C PRO A 149 -3.96 -7.86 -7.93
N SER A 150 -2.80 -7.52 -8.51
CA SER A 150 -2.27 -6.16 -8.59
C SER A 150 -3.08 -5.28 -9.54
N VAL A 151 -4.33 -5.00 -9.14
CA VAL A 151 -5.32 -4.18 -9.85
C VAL A 151 -5.28 -4.38 -11.37
N ASN A 152 -5.25 -5.63 -11.83
CA ASN A 152 -5.22 -5.96 -13.27
C ASN A 152 -5.90 -7.31 -13.57
N ALA A 153 -5.54 -8.38 -12.85
CA ALA A 153 -6.18 -9.69 -12.97
C ALA A 153 -7.65 -9.62 -12.56
N ALA A 154 -7.97 -8.81 -11.54
CA ALA A 154 -9.33 -8.47 -11.18
C ALA A 154 -10.05 -7.63 -12.26
N LEU A 155 -9.40 -6.61 -12.87
CA LEU A 155 -10.06 -5.73 -13.86
C LEU A 155 -10.69 -6.51 -15.03
N VAL A 156 -10.05 -7.60 -15.47
CA VAL A 156 -10.56 -8.49 -16.52
C VAL A 156 -12.00 -8.93 -16.25
N SER A 157 -12.32 -9.33 -15.00
CA SER A 157 -13.67 -9.70 -14.57
C SER A 157 -14.47 -8.50 -14.08
N ALA A 158 -13.81 -7.47 -13.52
CA ALA A 158 -14.43 -6.27 -12.95
C ALA A 158 -15.25 -5.47 -13.98
N LEU A 159 -14.76 -5.38 -15.23
CA LEU A 159 -15.39 -4.64 -16.32
C LEU A 159 -16.52 -5.43 -17.02
N VAL A 160 -16.62 -6.74 -16.73
CA VAL A 160 -17.61 -7.68 -17.34
C VAL A 160 -18.42 -8.43 -16.24
N ALA A 161 -18.54 -7.80 -15.06
CA ALA A 161 -19.13 -8.30 -13.83
C ALA A 161 -20.61 -8.79 -14.02
#